data_5UN8
#
_entry.id   5UN8
#
_cell.length_a   89.909
_cell.length_b   95.393
_cell.length_c   149.320
_cell.angle_alpha   90.00
_cell.angle_beta   96.91
_cell.angle_gamma   90.00
#
_symmetry.space_group_name_H-M   'P 1 21 1'
#
loop_
_entity.id
_entity.type
_entity.pdbx_description
1 polymer 'Protein O-GlcNAcase'
2 polymer 'P53 peptide'
3 non-polymer 2-acetamido-2-deoxy-beta-D-glucopyranose
4 water water
#
loop_
_entity_poly.entity_id
_entity_poly.type
_entity_poly.pdbx_seq_one_letter_code
_entity_poly.pdbx_strand_id
1 'polypeptide(L)'
;HFLCGVVEGFYGRPWVMEQRKELFRRLQKWELNTYLYAPKDDYKHRMFWREMYSVEEAEQLMTLISAAREYEIEFIYAIS
PGLDITFSNPKEVSTLKRKLDQVSQFGCRSFALLFDNIDHNMCAADKEVFSSFAHAQVSITNEIYQYLGEPETFLFCPTE
YCGTFCYPNVSQSPYLRTVGEKLLPGIEVLWTGPKVVSKEIPVESIEEVSKIIKRAPVIWDNIHANDYDQKRLFLGPYKG
RSTELIPRLKGVLTNPNCEFEANYVAIHTLATWYKSNMNGVRKDVVMTDSEDSTVSIQIKLENEGSDEDIETDVLYSPQM
ALKLALTEWLQEFGVPHQYSSRGGGGSGGGGSVTLEDLQLLADLFYLPYEHGPKGAQMLREFQWLRANSSVVSVNCKGKD
SEKIEEWRSRAAKFEEMCGLVMGMFTRLSNCANRTILYDMYSYVWDIKSIMSMVKSFVQWLGCRSHSSAQFLIGDQEPWA
FRGGLAGEFQRLLPIDGANDLFFQ
;
A,B,C,D
2 'polypeptide(L)' QLWVDSTPPPG E,F,G,H
#
loop_
_chem_comp.id
_chem_comp.type
_chem_comp.name
_chem_comp.formula
NAG D-saccharide, beta linking 2-acetamido-2-deoxy-beta-D-glucopyranose 'C8 H15 N O6'
#
# COMPACT_ATOMS: atom_id res chain seq x y z
N HIS A 1 20.97 -27.33 18.19
CA HIS A 1 20.59 -25.89 17.86
C HIS A 1 21.27 -25.28 16.58
N PHE A 2 20.44 -24.82 15.65
CA PHE A 2 20.87 -24.15 14.43
C PHE A 2 21.72 -22.90 14.78
N LEU A 3 22.94 -22.87 14.24
CA LEU A 3 23.85 -21.72 14.46
C LEU A 3 23.63 -20.66 13.37
N CYS A 4 23.31 -19.44 13.73
CA CYS A 4 23.10 -18.41 12.75
C CYS A 4 23.76 -17.15 13.27
N GLY A 5 24.70 -16.56 12.48
CA GLY A 5 25.38 -15.36 12.97
C GLY A 5 26.55 -15.04 12.03
N VAL A 6 27.66 -14.61 12.62
CA VAL A 6 28.81 -14.06 11.86
C VAL A 6 30.05 -14.86 12.15
N VAL A 7 30.81 -15.18 11.10
CA VAL A 7 32.25 -15.58 11.34
C VAL A 7 33.10 -14.31 11.04
N GLU A 8 33.96 -13.91 11.99
CA GLU A 8 34.97 -12.96 11.65
C GLU A 8 36.11 -13.83 11.02
N GLY A 9 36.07 -13.98 9.69
CA GLY A 9 36.80 -15.06 9.04
C GLY A 9 37.71 -14.57 7.88
N PHE A 10 37.89 -13.26 7.75
CA PHE A 10 38.49 -12.68 6.52
C PHE A 10 39.97 -12.38 6.73
N TYR A 11 40.67 -11.99 5.64
CA TYR A 11 42.10 -11.56 5.68
C TYR A 11 42.15 -10.07 5.94
N GLY A 12 43.24 -9.61 6.55
CA GLY A 12 43.34 -8.17 6.83
C GLY A 12 43.25 -7.80 8.29
N ARG A 13 43.12 -6.50 8.52
CA ARG A 13 43.03 -6.00 9.87
C ARG A 13 41.77 -6.62 10.56
N PRO A 14 41.96 -7.35 11.66
CA PRO A 14 40.77 -7.89 12.35
C PRO A 14 39.98 -6.76 13.10
N TRP A 15 38.73 -7.06 13.49
CA TRP A 15 37.95 -6.17 14.32
C TRP A 15 38.61 -6.11 15.70
N VAL A 16 38.37 -5.02 16.39
CA VAL A 16 38.89 -4.79 17.71
C VAL A 16 37.73 -5.02 18.73
N MET A 17 38.05 -5.03 20.01
CA MET A 17 37.10 -5.36 21.10
C MET A 17 35.79 -4.59 21.00
N GLU A 18 35.88 -3.28 20.85
CA GLU A 18 34.68 -2.44 20.79
C GLU A 18 33.80 -2.78 19.61
N GLN A 19 34.42 -3.11 18.46
CA GLN A 19 33.61 -3.46 17.30
C GLN A 19 32.93 -4.78 17.59
N ARG A 20 33.64 -5.72 18.24
CA ARG A 20 33.07 -7.03 18.47
C ARG A 20 31.89 -7.02 19.47
N LYS A 21 31.96 -6.16 20.48
CA LYS A 21 30.89 -6.07 21.45
C LYS A 21 29.68 -5.44 20.82
N GLU A 22 29.87 -4.38 20.03
CA GLU A 22 28.81 -3.87 19.20
C GLU A 22 28.20 -4.93 18.26
N LEU A 23 29.05 -5.81 17.69
CA LEU A 23 28.53 -6.88 16.85
C LEU A 23 27.52 -7.75 17.65
N PHE A 24 27.95 -8.14 18.86
CA PHE A 24 27.15 -9.07 19.75
C PHE A 24 25.80 -8.40 20.07
N ARG A 25 25.77 -7.06 20.29
CA ARG A 25 24.50 -6.34 20.52
C ARG A 25 23.61 -6.40 19.32
N ARG A 26 24.16 -6.15 18.14
CA ARG A 26 23.37 -6.27 16.93
C ARG A 26 22.86 -7.69 16.73
N LEU A 27 23.73 -8.68 16.94
CA LEU A 27 23.28 -10.04 16.74
C LEU A 27 22.09 -10.32 17.71
N GLN A 28 22.22 -9.91 18.96
CA GLN A 28 21.13 -10.21 19.93
C GLN A 28 19.85 -9.43 19.56
N LYS A 29 20.00 -8.16 19.20
CA LYS A 29 18.91 -7.34 18.81
C LYS A 29 18.13 -7.99 17.64
N TRP A 30 18.84 -8.57 16.67
CA TRP A 30 18.18 -9.13 15.49
C TRP A 30 17.85 -10.60 15.60
N GLU A 31 18.11 -11.15 16.79
CA GLU A 31 17.83 -12.53 17.12
C GLU A 31 18.70 -13.52 16.42
N LEU A 32 19.95 -13.13 16.12
CA LEU A 32 20.93 -14.15 15.67
C LEU A 32 21.55 -14.75 16.94
N ASN A 33 22.40 -15.76 16.85
CA ASN A 33 22.84 -16.37 18.15
C ASN A 33 24.27 -16.80 18.24
N THR A 34 25.09 -16.62 17.16
CA THR A 34 26.46 -17.23 17.11
C THR A 34 27.53 -16.26 16.55
N TYR A 35 28.71 -16.29 17.17
CA TYR A 35 29.89 -15.62 16.64
C TYR A 35 31.05 -16.61 16.55
N LEU A 36 31.63 -16.76 15.34
CA LEU A 36 32.79 -17.57 15.20
C LEU A 36 34.04 -16.70 14.98
N TYR A 37 34.97 -16.79 15.92
CA TYR A 37 36.20 -16.02 15.92
C TYR A 37 37.22 -16.75 15.03
N ALA A 38 37.61 -16.17 13.89
CA ALA A 38 38.56 -16.84 12.98
C ALA A 38 39.32 -15.86 12.07
N PRO A 39 39.87 -14.78 12.60
CA PRO A 39 40.40 -13.78 11.68
C PRO A 39 41.79 -14.25 11.14
N LYS A 40 41.89 -14.40 9.82
CA LYS A 40 43.04 -14.94 9.17
C LYS A 40 44.34 -14.30 9.63
N ASP A 41 44.33 -12.99 9.90
CA ASP A 41 45.59 -12.28 10.27
C ASP A 41 45.68 -11.79 11.72
N ASP A 42 44.83 -12.33 12.57
CA ASP A 42 45.03 -12.18 14.02
C ASP A 42 46.09 -13.22 14.37
N TYR A 43 47.29 -12.74 14.66
CA TYR A 43 48.55 -13.49 14.82
C TYR A 43 48.44 -14.92 15.45
N LYS A 44 47.79 -14.98 16.60
CA LYS A 44 47.81 -16.23 17.40
C LYS A 44 46.64 -17.13 17.01
N HIS A 45 45.88 -16.72 15.98
CA HIS A 45 44.85 -17.60 15.41
C HIS A 45 45.41 -18.58 14.40
N ARG A 46 46.48 -18.18 13.70
CA ARG A 46 46.96 -18.90 12.50
C ARG A 46 48.49 -18.88 12.38
N MET A 47 49.08 -17.78 11.93
CA MET A 47 50.57 -17.75 11.75
C MET A 47 51.30 -18.20 13.03
N PHE A 48 50.81 -17.76 14.19
CA PHE A 48 51.48 -18.14 15.40
C PHE A 48 50.55 -18.87 16.37
N TRP A 49 49.90 -19.87 15.80
CA TRP A 49 48.86 -20.58 16.51
C TRP A 49 49.38 -21.27 17.82
N ARG A 50 50.68 -21.63 17.83
CA ARG A 50 51.31 -22.31 18.96
C ARG A 50 51.45 -21.43 20.17
N GLU A 51 51.48 -20.11 19.98
CA GLU A 51 51.85 -19.19 21.03
C GLU A 51 50.66 -18.86 21.92
N MET A 52 50.89 -18.84 23.22
CA MET A 52 49.85 -18.66 24.23
C MET A 52 49.59 -17.16 24.33
N TYR A 53 48.38 -16.79 24.77
CA TYR A 53 48.07 -15.39 24.99
C TYR A 53 48.87 -14.84 26.16
N SER A 54 49.32 -13.59 26.05
CA SER A 54 49.97 -12.89 27.13
C SER A 54 48.91 -12.53 28.19
N VAL A 55 49.35 -12.01 29.34
CA VAL A 55 48.46 -11.61 30.41
C VAL A 55 47.48 -10.55 29.93
N GLU A 56 47.99 -9.52 29.23
CA GLU A 56 47.17 -8.46 28.67
C GLU A 56 46.15 -9.00 27.63
N GLU A 57 46.58 -9.97 26.80
CA GLU A 57 45.68 -10.56 25.78
C GLU A 57 44.65 -11.43 26.40
N ALA A 58 45.03 -12.14 27.47
CA ALA A 58 44.11 -13.01 28.18
C ALA A 58 42.98 -12.20 28.79
N GLU A 59 43.35 -11.07 29.40
CA GLU A 59 42.38 -10.21 30.00
C GLU A 59 41.36 -9.78 28.91
N GLN A 60 41.84 -9.31 27.75
CA GLN A 60 40.97 -8.86 26.66
C GLN A 60 40.04 -9.96 26.10
N LEU A 61 40.59 -11.15 25.85
CA LEU A 61 39.80 -12.27 25.37
C LEU A 61 38.72 -12.69 26.35
N MET A 62 39.09 -12.68 27.62
CA MET A 62 38.14 -13.01 28.68
C MET A 62 37.02 -11.97 28.71
N THR A 63 37.37 -10.69 28.69
CA THR A 63 36.37 -9.64 28.64
C THR A 63 35.47 -9.80 27.39
N LEU A 64 36.08 -10.13 26.24
CA LEU A 64 35.28 -10.39 25.01
C LEU A 64 34.32 -11.52 25.19
N ILE A 65 34.82 -12.66 25.65
CA ILE A 65 33.96 -13.82 25.86
C ILE A 65 32.81 -13.58 26.90
N SER A 66 33.12 -12.88 28.00
CA SER A 66 32.06 -12.43 28.94
C SER A 66 31.02 -11.55 28.28
N ALA A 67 31.43 -10.68 27.36
CA ALA A 67 30.47 -9.86 26.64
C ALA A 67 29.56 -10.69 25.74
N ALA A 68 30.09 -11.69 25.06
CA ALA A 68 29.24 -12.61 24.30
C ALA A 68 28.13 -13.29 25.16
N ARG A 69 28.54 -13.95 26.24
CA ARG A 69 27.61 -14.52 27.24
C ARG A 69 26.57 -13.42 27.68
N GLU A 70 27.04 -12.23 28.02
CA GLU A 70 26.14 -11.19 28.44
C GLU A 70 25.12 -10.81 27.37
N TYR A 71 25.46 -11.02 26.09
CA TYR A 71 24.51 -10.70 25.06
C TYR A 71 23.92 -11.91 24.45
N GLU A 72 24.14 -13.09 25.04
CA GLU A 72 23.49 -14.34 24.63
C GLU A 72 23.89 -14.77 23.25
N ILE A 73 25.16 -14.56 22.94
CA ILE A 73 25.74 -15.00 21.68
C ILE A 73 26.68 -16.15 22.04
N GLU A 74 26.56 -17.28 21.37
CA GLU A 74 27.53 -18.31 21.57
C GLU A 74 28.91 -17.94 20.92
N PHE A 75 29.96 -17.96 21.70
CA PHE A 75 31.32 -17.63 21.21
C PHE A 75 32.02 -18.90 20.81
N ILE A 76 32.37 -19.02 19.53
CA ILE A 76 33.14 -20.18 19.10
C ILE A 76 34.59 -19.75 18.77
N TYR A 77 35.57 -20.31 19.48
CA TYR A 77 36.96 -19.95 19.27
C TYR A 77 37.57 -20.87 18.23
N ALA A 78 38.03 -20.32 17.12
CA ALA A 78 38.68 -21.19 16.11
C ALA A 78 40.16 -21.04 16.17
N ILE A 79 40.84 -22.04 15.62
CA ILE A 79 42.28 -22.01 15.45
C ILE A 79 42.65 -22.70 14.14
N SER A 80 43.69 -22.21 13.49
CA SER A 80 44.02 -22.67 12.12
C SER A 80 45.46 -23.18 12.12
N PRO A 81 45.65 -24.44 12.49
CA PRO A 81 47.02 -24.91 12.64
C PRO A 81 47.66 -25.61 11.40
N GLY A 82 46.89 -25.72 10.32
CA GLY A 82 47.20 -26.58 9.21
C GLY A 82 48.42 -26.23 8.39
N LEU A 83 48.94 -25.00 8.50
CA LEU A 83 50.04 -24.61 7.62
C LEU A 83 51.31 -25.46 7.86
N ASP A 84 51.70 -25.61 9.12
CA ASP A 84 53.01 -26.19 9.45
C ASP A 84 52.89 -27.22 10.62
N ILE A 85 51.71 -27.77 10.89
CA ILE A 85 51.59 -28.69 12.02
C ILE A 85 52.14 -30.05 11.54
N THR A 86 52.96 -30.71 12.35
CA THR A 86 53.25 -32.16 12.10
C THR A 86 52.22 -32.91 12.95
N PHE A 87 51.26 -33.53 12.29
CA PHE A 87 50.11 -34.13 12.98
C PHE A 87 50.47 -35.31 13.91
N SER A 88 51.61 -35.95 13.65
CA SER A 88 51.99 -37.16 14.40
C SER A 88 52.97 -36.80 15.50
N ASN A 89 53.37 -35.53 15.60
CA ASN A 89 54.29 -35.17 16.66
C ASN A 89 53.48 -34.89 17.96
N PRO A 90 53.70 -35.70 19.03
CA PRO A 90 52.82 -35.51 20.17
C PRO A 90 53.04 -34.14 20.80
N LYS A 91 54.21 -33.53 20.63
CA LYS A 91 54.41 -32.16 21.11
C LYS A 91 53.45 -31.14 20.37
N GLU A 92 53.14 -31.40 19.10
CA GLU A 92 52.25 -30.53 18.32
C GLU A 92 50.86 -30.64 18.87
N VAL A 93 50.44 -31.86 19.13
CA VAL A 93 49.17 -32.15 19.75
C VAL A 93 49.02 -31.46 21.12
N SER A 94 50.03 -31.59 21.97
CA SER A 94 49.98 -30.98 23.28
C SER A 94 49.94 -29.48 23.26
N THR A 95 50.69 -28.88 22.35
CA THR A 95 50.67 -27.44 22.11
C THR A 95 49.22 -27.00 21.76
N LEU A 96 48.59 -27.71 20.81
CA LEU A 96 47.17 -27.44 20.44
C LEU A 96 46.23 -27.58 21.62
N LYS A 97 46.42 -28.65 22.40
CA LYS A 97 45.63 -28.82 23.66
C LYS A 97 45.81 -27.69 24.64
N ARG A 98 47.03 -27.24 24.83
CA ARG A 98 47.31 -26.26 25.82
C ARG A 98 46.80 -24.86 25.39
N LYS A 99 46.88 -24.58 24.09
CA LYS A 99 46.36 -23.30 23.54
C LYS A 99 44.81 -23.31 23.77
N LEU A 100 44.15 -24.39 23.46
CA LEU A 100 42.70 -24.44 23.62
C LEU A 100 42.27 -24.42 25.07
N ASP A 101 43.05 -25.14 25.91
CA ASP A 101 42.81 -25.14 27.37
C ASP A 101 42.93 -23.75 27.88
N GLN A 102 43.89 -22.99 27.36
CA GLN A 102 44.03 -21.63 27.84
C GLN A 102 42.76 -20.81 27.54
N VAL A 103 42.16 -21.06 26.38
CA VAL A 103 40.98 -20.29 25.95
C VAL A 103 39.75 -20.79 26.74
N SER A 104 39.69 -22.10 27.02
CA SER A 104 38.69 -22.64 27.99
C SER A 104 38.66 -21.93 29.32
N GLN A 105 39.84 -21.64 29.86
CA GLN A 105 39.97 -20.90 31.13
C GLN A 105 39.49 -19.48 31.01
N PHE A 106 39.36 -18.96 29.78
CA PHE A 106 38.81 -17.62 29.60
C PHE A 106 37.31 -17.62 29.64
N GLY A 107 36.72 -18.81 29.71
CA GLY A 107 35.26 -18.90 29.73
C GLY A 107 34.68 -19.54 28.47
N CYS A 108 35.54 -19.85 27.49
CA CYS A 108 35.04 -20.36 26.19
C CYS A 108 34.63 -21.80 26.27
N ARG A 109 33.52 -22.14 25.65
CA ARG A 109 33.05 -23.51 25.69
C ARG A 109 32.92 -24.15 24.34
N SER A 110 33.03 -23.37 23.25
CA SER A 110 32.84 -23.95 21.90
C SER A 110 34.06 -23.60 21.03
N PHE A 111 34.38 -24.49 20.12
CA PHE A 111 35.68 -24.40 19.47
C PHE A 111 35.57 -24.87 18.03
N ALA A 112 36.61 -24.59 17.26
CA ALA A 112 36.66 -25.00 15.87
C ALA A 112 38.11 -25.23 15.50
N LEU A 113 38.34 -26.25 14.67
CA LEU A 113 39.67 -26.37 14.05
C LEU A 113 39.48 -26.16 12.57
N LEU A 114 40.27 -25.26 11.97
CA LEU A 114 40.08 -24.91 10.56
C LEU A 114 41.23 -25.41 9.77
N PHE A 115 40.93 -26.11 8.68
CA PHE A 115 41.97 -26.57 7.79
C PHE A 115 41.78 -26.05 6.38
N ASP A 116 41.22 -24.85 6.23
CA ASP A 116 41.04 -24.28 4.87
C ASP A 116 42.34 -23.73 4.34
N ASN A 117 42.47 -23.70 3.00
CA ASN A 117 43.57 -22.93 2.36
C ASN A 117 44.95 -23.45 2.79
N ILE A 118 45.10 -24.77 2.75
CA ILE A 118 46.41 -25.39 3.00
C ILE A 118 46.65 -26.46 1.94
N ASP A 119 47.93 -26.77 1.73
CA ASP A 119 48.37 -27.82 0.79
C ASP A 119 47.88 -29.27 1.16
N HIS A 120 47.49 -30.10 0.18
CA HIS A 120 47.12 -31.53 0.39
C HIS A 120 48.28 -32.51 0.75
N ASN A 121 49.53 -32.04 0.70
CA ASN A 121 50.73 -32.87 0.87
C ASN A 121 51.31 -32.83 2.28
N MET A 122 51.30 -33.98 2.97
CA MET A 122 51.84 -34.14 4.34
C MET A 122 53.35 -34.36 4.33
N CYS A 123 54.01 -34.02 5.44
CA CYS A 123 55.44 -34.29 5.61
C CYS A 123 55.74 -35.82 5.73
N ALA A 124 57.01 -36.18 5.51
CA ALA A 124 57.47 -37.59 5.58
C ALA A 124 57.01 -38.28 6.85
N ALA A 125 57.25 -37.65 8.01
CA ALA A 125 56.91 -38.28 9.27
C ALA A 125 55.42 -38.53 9.40
N ASP A 126 54.56 -37.63 8.87
CA ASP A 126 53.09 -37.82 8.91
C ASP A 126 52.65 -38.92 7.94
N LYS A 127 53.29 -38.98 6.77
CA LYS A 127 53.01 -40.04 5.77
C LYS A 127 53.29 -41.46 6.32
N GLU A 128 54.31 -41.57 7.20
CA GLU A 128 54.53 -42.78 8.02
C GLU A 128 53.25 -43.13 8.77
N VAL A 129 52.80 -42.23 9.65
CA VAL A 129 51.77 -42.51 10.63
C VAL A 129 50.33 -42.55 10.07
N PHE A 130 50.07 -41.79 9.01
CA PHE A 130 48.68 -41.65 8.50
C PHE A 130 48.54 -42.11 7.04
N SER A 131 47.46 -42.80 6.71
CA SER A 131 47.24 -43.17 5.30
C SER A 131 46.78 -42.04 4.32
N SER A 132 46.21 -40.95 4.85
CA SER A 132 45.80 -39.78 4.03
C SER A 132 45.80 -38.50 4.84
N PHE A 133 45.85 -37.39 4.11
CA PHE A 133 45.68 -36.06 4.67
C PHE A 133 44.40 -35.98 5.57
N ALA A 134 43.27 -36.49 5.06
CA ALA A 134 42.03 -36.55 5.88
C ALA A 134 42.14 -37.41 7.14
N HIS A 135 42.83 -38.56 7.09
CA HIS A 135 43.02 -39.33 8.37
C HIS A 135 43.83 -38.49 9.35
N ALA A 136 44.89 -37.84 8.89
CA ALA A 136 45.67 -36.99 9.80
C ALA A 136 44.79 -35.91 10.50
N GLN A 137 43.97 -35.22 9.71
CA GLN A 137 43.15 -34.09 10.22
C GLN A 137 42.08 -34.63 11.15
N VAL A 138 41.45 -35.72 10.73
CA VAL A 138 40.36 -36.29 11.51
C VAL A 138 40.80 -36.84 12.85
N SER A 139 41.95 -37.51 12.88
CA SER A 139 42.37 -38.02 14.17
C SER A 139 42.86 -36.94 15.10
N ILE A 140 43.48 -35.86 14.60
CA ILE A 140 43.77 -34.80 15.56
C ILE A 140 42.45 -34.11 16.01
N THR A 141 41.48 -34.01 15.09
CA THR A 141 40.28 -33.25 15.44
C THR A 141 39.47 -34.06 16.47
N ASN A 142 39.25 -35.35 16.20
CA ASN A 142 38.63 -36.32 17.18
C ASN A 142 39.32 -36.29 18.55
N GLU A 143 40.67 -36.31 18.55
CA GLU A 143 41.45 -36.31 19.82
C GLU A 143 41.24 -35.03 20.59
N ILE A 144 41.28 -33.87 19.90
CA ILE A 144 41.03 -32.60 20.58
C ILE A 144 39.60 -32.53 21.13
N TYR A 145 38.64 -32.98 20.31
CA TYR A 145 37.25 -32.88 20.67
C TYR A 145 37.07 -33.73 21.96
N GLN A 146 37.60 -34.96 22.00
CA GLN A 146 37.44 -35.81 23.24
C GLN A 146 38.17 -35.26 24.41
N TYR A 147 39.38 -34.74 24.15
CA TYR A 147 40.16 -34.10 25.21
C TYR A 147 39.46 -32.94 25.88
N LEU A 148 38.67 -32.15 25.12
CA LEU A 148 37.95 -30.98 25.70
C LEU A 148 36.61 -31.37 26.35
N GLY A 149 36.24 -32.64 26.37
CA GLY A 149 35.03 -33.00 27.10
C GLY A 149 33.81 -33.07 26.17
N GLU A 150 34.07 -33.38 24.91
CA GLU A 150 33.05 -33.35 23.82
C GLU A 150 32.16 -32.10 23.90
N PRO A 151 32.74 -30.89 23.71
CA PRO A 151 32.00 -29.66 23.86
C PRO A 151 30.77 -29.71 22.98
N GLU A 152 29.67 -29.08 23.41
CA GLU A 152 28.38 -29.22 22.66
C GLU A 152 28.55 -28.64 21.23
N THR A 153 29.40 -27.60 21.09
CA THR A 153 29.70 -27.05 19.75
C THR A 153 31.17 -27.15 19.45
N PHE A 154 31.46 -27.93 18.42
CA PHE A 154 32.83 -28.07 17.98
C PHE A 154 32.73 -28.13 16.48
N LEU A 155 33.53 -27.30 15.78
CA LEU A 155 33.44 -27.21 14.30
C LEU A 155 34.75 -27.62 13.67
N PHE A 156 34.60 -28.15 12.47
CA PHE A 156 35.71 -28.58 11.66
C PHE A 156 35.62 -27.95 10.27
N CYS A 157 36.63 -27.19 9.85
CA CYS A 157 36.61 -26.73 8.45
C CYS A 157 37.51 -27.55 7.60
N PRO A 158 36.91 -28.29 6.61
CA PRO A 158 37.66 -29.12 5.70
C PRO A 158 38.55 -28.34 4.76
N THR A 159 39.62 -28.99 4.28
CA THR A 159 40.47 -28.41 3.21
C THR A 159 39.63 -28.39 1.92
N GLU A 160 38.78 -29.39 1.74
CA GLU A 160 37.86 -29.39 0.62
C GLU A 160 36.52 -28.84 1.10
N TYR A 161 36.39 -27.52 1.04
CA TYR A 161 35.33 -26.87 1.76
C TYR A 161 34.29 -26.21 0.86
N CYS A 162 34.42 -26.41 -0.45
CA CYS A 162 33.34 -26.06 -1.40
C CYS A 162 33.39 -27.00 -2.60
N GLY A 163 32.35 -26.97 -3.44
CA GLY A 163 32.26 -27.90 -4.58
C GLY A 163 33.49 -27.86 -5.49
N THR A 164 33.98 -26.68 -5.82
CA THR A 164 35.07 -26.61 -6.79
C THR A 164 36.41 -27.08 -6.16
N PHE A 165 36.50 -27.22 -4.84
CA PHE A 165 37.76 -27.71 -4.22
C PHE A 165 37.73 -29.21 -4.06
N CYS A 166 36.62 -29.87 -4.37
CA CYS A 166 36.48 -31.28 -4.07
C CYS A 166 37.12 -32.13 -5.18
N TYR A 167 38.07 -32.99 -4.80
CA TYR A 167 38.80 -33.78 -5.80
C TYR A 167 38.37 -35.28 -5.79
N PRO A 168 37.93 -35.82 -6.95
CA PRO A 168 37.68 -35.22 -8.29
C PRO A 168 36.34 -34.47 -8.46
N ASN A 169 35.46 -34.61 -7.47
CA ASN A 169 34.17 -33.92 -7.43
C ASN A 169 33.62 -34.16 -6.02
N VAL A 170 32.43 -33.67 -5.71
CA VAL A 170 31.91 -33.76 -4.34
C VAL A 170 31.48 -35.16 -3.94
N SER A 171 30.66 -35.79 -4.80
CA SER A 171 30.05 -37.08 -4.47
C SER A 171 31.06 -38.20 -4.39
N GLN A 172 32.23 -38.03 -5.00
CA GLN A 172 33.27 -39.08 -5.00
C GLN A 172 34.62 -38.73 -4.36
N SER A 173 34.63 -37.70 -3.52
CA SER A 173 35.90 -37.24 -2.93
C SER A 173 36.40 -38.26 -1.87
N PRO A 174 37.61 -38.82 -2.07
CA PRO A 174 38.16 -39.68 -1.00
C PRO A 174 38.40 -38.90 0.29
N TYR A 175 38.79 -37.62 0.17
CA TYR A 175 39.05 -36.77 1.33
C TYR A 175 37.76 -36.64 2.15
N LEU A 176 36.66 -36.28 1.48
CA LEU A 176 35.38 -36.11 2.14
C LEU A 176 34.76 -37.46 2.58
N ARG A 177 35.01 -38.53 1.84
CA ARG A 177 34.59 -39.88 2.34
C ARG A 177 35.16 -40.18 3.71
N THR A 178 36.47 -40.00 3.87
CA THR A 178 37.10 -40.25 5.16
C THR A 178 36.54 -39.32 6.23
N VAL A 179 36.40 -38.02 5.90
CA VAL A 179 35.81 -37.06 6.84
C VAL A 179 34.45 -37.61 7.24
N GLY A 180 33.62 -37.93 6.26
CA GLY A 180 32.26 -38.42 6.56
C GLY A 180 32.30 -39.67 7.48
N GLU A 181 33.25 -40.56 7.24
CA GLU A 181 33.31 -41.80 8.03
C GLU A 181 33.99 -41.72 9.40
N LYS A 182 35.04 -40.94 9.52
CA LYS A 182 35.87 -40.98 10.75
C LYS A 182 35.63 -39.86 11.72
N LEU A 183 35.02 -38.77 11.24
CA LEU A 183 34.94 -37.60 12.09
C LEU A 183 33.78 -37.87 13.03
N LEU A 184 34.01 -37.71 14.32
CA LEU A 184 32.99 -38.10 15.29
C LEU A 184 31.66 -37.40 15.05
N PRO A 185 30.53 -38.06 15.37
CA PRO A 185 29.22 -37.50 14.98
C PRO A 185 28.87 -36.22 15.70
N GLY A 186 29.50 -35.88 16.83
CA GLY A 186 29.14 -34.66 17.47
C GLY A 186 29.89 -33.43 16.93
N ILE A 187 30.71 -33.59 15.88
CA ILE A 187 31.55 -32.51 15.32
C ILE A 187 30.87 -32.04 14.03
N GLU A 188 30.59 -30.73 13.95
CA GLU A 188 29.99 -30.16 12.71
C GLU A 188 31.05 -29.83 11.64
N VAL A 189 30.66 -29.92 10.38
CA VAL A 189 31.52 -29.60 9.22
C VAL A 189 31.07 -28.26 8.58
N LEU A 190 32.05 -27.40 8.37
CA LEU A 190 31.81 -26.17 7.62
C LEU A 190 31.88 -26.31 6.11
N TRP A 191 31.10 -25.51 5.38
CA TRP A 191 31.01 -25.59 3.92
C TRP A 191 30.63 -24.24 3.34
N THR A 192 31.26 -23.80 2.24
CA THR A 192 30.93 -22.48 1.65
C THR A 192 29.94 -22.54 0.46
N GLY A 193 29.47 -23.72 0.09
CA GLY A 193 28.62 -23.88 -1.10
C GLY A 193 29.35 -24.46 -2.28
N PRO A 194 28.80 -24.24 -3.50
CA PRO A 194 29.46 -24.75 -4.71
C PRO A 194 30.85 -24.15 -5.02
N LYS A 195 31.12 -22.95 -4.46
CA LYS A 195 32.35 -22.16 -4.72
C LYS A 195 32.71 -21.47 -3.45
N VAL A 196 33.86 -20.77 -3.47
CA VAL A 196 34.27 -20.03 -2.30
C VAL A 196 33.25 -18.92 -2.07
N VAL A 197 32.92 -18.12 -3.11
CA VAL A 197 31.93 -17.08 -2.99
C VAL A 197 30.79 -17.60 -3.85
N SER A 198 29.79 -18.23 -3.21
CA SER A 198 28.72 -18.89 -3.94
C SER A 198 27.67 -17.85 -4.38
N LYS A 199 27.33 -17.89 -5.66
CA LYS A 199 26.25 -17.04 -6.18
C LYS A 199 24.92 -17.59 -5.65
N GLU A 200 24.79 -18.89 -5.76
CA GLU A 200 23.66 -19.65 -5.22
C GLU A 200 24.19 -20.86 -4.51
N ILE A 201 23.40 -21.36 -3.55
CA ILE A 201 23.71 -22.63 -2.87
C ILE A 201 22.43 -23.46 -3.04
N PRO A 202 22.32 -24.19 -4.17
CA PRO A 202 21.05 -24.91 -4.45
C PRO A 202 20.86 -26.11 -3.44
N VAL A 203 19.61 -26.34 -3.03
CA VAL A 203 19.21 -27.53 -2.23
C VAL A 203 19.86 -28.85 -2.64
N GLU A 204 19.84 -29.12 -3.96
CA GLU A 204 20.47 -30.31 -4.49
C GLU A 204 21.99 -30.38 -4.13
N SER A 205 22.71 -29.25 -4.14
CA SER A 205 24.15 -29.36 -3.89
C SER A 205 24.35 -29.64 -2.39
N ILE A 206 23.44 -29.15 -1.56
CA ILE A 206 23.53 -29.48 -0.12
C ILE A 206 23.18 -30.95 0.18
N GLU A 207 22.11 -31.45 -0.46
CA GLU A 207 21.82 -32.92 -0.46
C GLU A 207 23.01 -33.70 -0.90
N GLU A 208 23.66 -33.28 -1.97
CA GLU A 208 24.91 -33.98 -2.38
C GLU A 208 26.06 -34.04 -1.33
N VAL A 209 26.46 -32.87 -0.79
CA VAL A 209 27.57 -32.85 0.14
C VAL A 209 27.16 -33.58 1.43
N SER A 210 25.93 -33.40 1.89
CA SER A 210 25.50 -34.05 3.16
C SER A 210 25.63 -35.59 3.16
N LYS A 211 25.31 -36.22 2.02
CA LYS A 211 25.42 -37.64 1.80
C LYS A 211 26.85 -38.11 2.03
N ILE A 212 27.86 -37.37 1.53
CA ILE A 212 29.25 -37.80 1.70
C ILE A 212 29.86 -37.50 3.09
N ILE A 213 29.52 -36.37 3.69
CA ILE A 213 30.05 -36.07 5.02
C ILE A 213 29.16 -36.69 6.12
N LYS A 214 28.01 -37.28 5.68
CA LYS A 214 27.07 -38.02 6.56
C LYS A 214 26.55 -37.15 7.68
N ARG A 215 26.24 -35.89 7.34
CA ARG A 215 25.64 -34.89 8.25
C ARG A 215 25.33 -33.61 7.48
N ALA A 216 24.49 -32.79 8.08
CA ALA A 216 24.09 -31.54 7.49
C ALA A 216 25.21 -30.57 7.87
N PRO A 217 25.74 -29.85 6.89
CA PRO A 217 26.86 -28.93 7.19
C PRO A 217 26.43 -27.57 7.76
N VAL A 218 27.37 -26.83 8.37
CA VAL A 218 27.15 -25.44 8.74
C VAL A 218 27.74 -24.63 7.58
N ILE A 219 26.97 -23.69 7.02
CA ILE A 219 27.49 -22.84 5.91
C ILE A 219 28.38 -21.75 6.48
N TRP A 220 29.58 -21.66 5.91
CA TRP A 220 30.47 -20.49 6.09
C TRP A 220 30.13 -19.69 4.81
N ASP A 221 29.39 -18.61 4.95
CA ASP A 221 28.92 -17.92 3.72
C ASP A 221 29.82 -16.71 3.44
N ASN A 222 30.44 -16.70 2.29
CA ASN A 222 31.28 -15.55 1.81
C ASN A 222 30.55 -14.59 0.89
N ILE A 223 29.23 -14.67 0.82
CA ILE A 223 28.51 -13.75 -0.09
C ILE A 223 28.87 -12.25 0.10
N HIS A 224 29.07 -11.79 1.35
CA HIS A 224 29.39 -10.40 1.55
C HIS A 224 30.90 -10.14 1.83
N ALA A 225 31.73 -11.15 1.67
CA ALA A 225 33.15 -10.97 1.97
C ALA A 225 33.73 -10.00 0.96
N ASN A 226 34.61 -9.11 1.39
CA ASN A 226 35.23 -8.19 0.43
C ASN A 226 36.74 -8.05 0.61
N ASP A 227 37.37 -9.01 1.28
CA ASP A 227 38.81 -8.93 1.48
C ASP A 227 39.55 -9.22 0.20
N TYR A 228 38.89 -9.75 -0.82
CA TYR A 228 39.65 -10.19 -1.98
C TYR A 228 39.85 -9.10 -3.08
N ASP A 229 39.27 -7.90 -2.90
CA ASP A 229 39.33 -6.89 -3.95
C ASP A 229 39.19 -5.59 -3.22
N GLN A 230 40.27 -4.85 -3.15
CA GLN A 230 40.33 -3.54 -2.49
C GLN A 230 39.14 -2.60 -2.86
N LYS A 231 38.68 -2.64 -4.12
CA LYS A 231 37.69 -1.65 -4.58
C LYS A 231 36.23 -2.05 -4.29
N ARG A 232 36.03 -3.28 -3.80
CA ARG A 232 34.63 -3.79 -3.63
C ARG A 232 34.11 -3.74 -2.20
N LEU A 233 32.78 -3.56 -2.11
CA LEU A 233 32.06 -3.54 -0.87
C LEU A 233 30.67 -4.03 -1.22
N PHE A 234 30.04 -4.74 -0.27
CA PHE A 234 28.74 -5.37 -0.56
C PHE A 234 27.71 -4.97 0.50
N LEU A 235 26.81 -4.10 0.08
CA LEU A 235 25.69 -3.60 0.89
C LEU A 235 24.34 -4.07 0.43
N GLY A 236 24.28 -4.93 -0.60
CA GLY A 236 23.02 -5.54 -0.98
C GLY A 236 22.55 -6.69 -0.01
N PRO A 237 21.36 -7.28 -0.31
CA PRO A 237 20.71 -8.18 0.67
C PRO A 237 21.23 -9.58 0.52
N TYR A 238 21.20 -10.34 1.63
CA TYR A 238 21.41 -11.76 1.57
C TYR A 238 20.52 -12.38 0.47
N LYS A 239 21.10 -13.21 -0.37
CA LYS A 239 20.42 -13.61 -1.59
C LYS A 239 21.00 -14.83 -2.23
N GLY A 240 20.15 -15.60 -2.90
CA GLY A 240 20.63 -16.80 -3.60
C GLY A 240 20.58 -18.05 -2.68
N ARG A 241 20.10 -17.88 -1.45
CA ARG A 241 20.01 -19.08 -0.56
C ARG A 241 18.54 -19.23 -0.15
N SER A 242 17.95 -20.33 -0.59
CA SER A 242 16.53 -20.55 -0.32
C SER A 242 16.35 -20.83 1.17
N THR A 243 15.27 -20.32 1.75
CA THR A 243 14.85 -20.71 3.09
C THR A 243 14.56 -22.20 3.21
N GLU A 244 14.34 -22.88 2.11
CA GLU A 244 14.20 -24.33 2.20
C GLU A 244 15.54 -25.03 2.48
N LEU A 245 16.64 -24.28 2.54
CA LEU A 245 17.90 -24.82 3.05
C LEU A 245 17.93 -25.03 4.54
N ILE A 246 17.12 -24.27 5.26
CA ILE A 246 17.24 -24.23 6.71
C ILE A 246 17.08 -25.62 7.36
N PRO A 247 16.03 -26.41 6.96
CA PRO A 247 15.92 -27.78 7.57
C PRO A 247 17.01 -28.72 7.02
N ARG A 248 17.79 -28.27 6.05
CA ARG A 248 18.88 -29.06 5.52
C ARG A 248 20.32 -28.71 6.02
N LEU A 249 20.43 -27.75 6.93
CA LEU A 249 21.69 -27.18 7.38
C LEU A 249 21.73 -27.22 8.94
N LYS A 250 22.94 -27.19 9.51
CA LYS A 250 23.12 -27.03 10.96
C LYS A 250 23.39 -25.54 11.33
N GLY A 251 23.62 -24.70 10.32
CA GLY A 251 23.72 -23.26 10.53
C GLY A 251 24.24 -22.47 9.33
N VAL A 252 24.28 -21.14 9.47
CA VAL A 252 24.79 -20.23 8.44
C VAL A 252 25.49 -19.17 9.23
N LEU A 253 26.82 -19.09 9.03
CA LEU A 253 27.68 -18.04 9.58
C LEU A 253 28.23 -17.23 8.40
N THR A 254 27.89 -15.95 8.36
CA THR A 254 28.24 -15.08 7.26
C THR A 254 29.60 -14.39 7.58
N ASN A 255 30.52 -14.48 6.62
CA ASN A 255 31.88 -13.88 6.69
C ASN A 255 31.72 -12.61 5.83
N PRO A 256 31.51 -11.46 6.45
CA PRO A 256 31.01 -10.31 5.68
C PRO A 256 32.19 -9.29 5.38
N ASN A 257 31.86 -8.01 5.09
CA ASN A 257 32.86 -6.97 4.75
C ASN A 257 33.85 -6.75 5.86
N CYS A 258 35.10 -6.47 5.50
CA CYS A 258 36.14 -6.20 6.51
C CYS A 258 35.81 -4.96 7.31
N GLU A 259 35.11 -3.99 6.69
CA GLU A 259 34.82 -2.74 7.37
C GLU A 259 33.57 -2.96 8.18
N PHE A 260 33.77 -2.96 9.51
CA PHE A 260 32.72 -3.37 10.42
C PHE A 260 31.34 -2.70 10.19
N GLU A 261 31.30 -1.38 10.12
CA GLU A 261 29.99 -0.67 9.98
C GLU A 261 29.29 -0.91 8.63
N ALA A 262 30.05 -1.41 7.61
CA ALA A 262 29.45 -1.69 6.30
C ALA A 262 28.55 -2.93 6.34
N ASN A 263 28.57 -3.65 7.47
CA ASN A 263 27.87 -4.89 7.57
C ASN A 263 26.43 -4.84 8.17
N TYR A 264 25.87 -3.65 8.30
CA TYR A 264 24.48 -3.51 8.79
C TYR A 264 23.51 -4.31 7.91
N VAL A 265 23.52 -4.02 6.61
CA VAL A 265 22.67 -4.76 5.69
C VAL A 265 22.95 -6.23 5.61
N ALA A 266 24.23 -6.61 5.50
CA ALA A 266 24.54 -8.03 5.34
C ALA A 266 23.97 -8.87 6.49
N ILE A 267 24.03 -8.34 7.69
CA ILE A 267 23.68 -9.13 8.87
C ILE A 267 22.16 -9.01 9.19
N HIS A 268 21.58 -7.80 9.02
CA HIS A 268 20.14 -7.55 9.16
C HIS A 268 19.34 -8.42 8.15
N THR A 269 19.76 -8.46 6.89
CA THR A 269 19.01 -9.31 5.95
C THR A 269 19.25 -10.81 6.23
N LEU A 270 20.41 -11.22 6.75
CA LEU A 270 20.55 -12.65 7.11
C LEU A 270 19.52 -12.93 8.24
N ALA A 271 19.41 -12.05 9.22
CA ALA A 271 18.45 -12.20 10.33
C ALA A 271 17.02 -12.31 9.79
N THR A 272 16.66 -11.43 8.86
CA THR A 272 15.36 -11.51 8.19
C THR A 272 15.17 -12.86 7.51
N TRP A 273 16.20 -13.33 6.80
CA TRP A 273 16.10 -14.59 6.12
C TRP A 273 15.87 -15.73 7.14
N TYR A 274 16.60 -15.65 8.24
CA TYR A 274 16.57 -16.66 9.29
C TYR A 274 15.17 -16.77 9.94
N LYS A 275 14.55 -15.61 10.25
CA LYS A 275 13.22 -15.42 10.85
C LYS A 275 11.96 -15.55 9.90
N TYR A 316 10.63 -15.31 2.06
CA TYR A 316 11.79 -14.37 1.93
C TYR A 316 11.95 -13.67 0.57
N SER A 317 11.83 -12.34 0.60
CA SER A 317 12.10 -11.47 -0.57
C SER A 317 13.39 -10.59 -0.34
N PRO A 318 14.42 -10.75 -1.17
CA PRO A 318 15.67 -9.97 -0.93
C PRO A 318 15.41 -8.46 -1.02
N GLN A 319 14.56 -8.05 -1.99
CA GLN A 319 14.25 -6.61 -2.14
C GLN A 319 13.42 -6.14 -0.95
N MET A 320 12.52 -6.98 -0.44
CA MET A 320 11.82 -6.57 0.78
C MET A 320 12.77 -6.50 1.98
N ALA A 321 13.70 -7.45 2.10
CA ALA A 321 14.59 -7.43 3.27
C ALA A 321 15.57 -6.25 3.13
N LEU A 322 15.97 -5.97 1.88
CA LEU A 322 16.82 -4.77 1.63
C LEU A 322 16.10 -3.52 2.13
N LYS A 323 14.81 -3.43 1.81
CA LYS A 323 14.09 -2.22 2.20
C LYS A 323 13.95 -2.11 3.72
N LEU A 324 13.66 -3.22 4.40
CA LEU A 324 13.63 -3.17 5.83
C LEU A 324 15.01 -2.77 6.44
N ALA A 325 16.09 -3.31 5.89
CA ALA A 325 17.45 -3.09 6.48
C ALA A 325 17.84 -1.62 6.31
N LEU A 326 17.61 -1.10 5.09
CA LEU A 326 17.97 0.33 4.81
C LEU A 326 17.13 1.34 5.62
N THR A 327 15.80 1.08 5.73
CA THR A 327 14.92 1.85 6.61
C THR A 327 15.42 1.84 8.05
N GLU A 328 15.77 0.70 8.59
CA GLU A 328 16.31 0.76 9.94
C GLU A 328 17.74 1.35 9.98
N TRP A 329 18.58 1.02 8.99
CA TRP A 329 19.94 1.58 8.93
C TRP A 329 19.94 3.10 8.98
N LEU A 330 18.97 3.73 8.32
CA LEU A 330 18.88 5.21 8.26
C LEU A 330 18.93 5.88 9.61
N GLN A 331 18.35 5.23 10.59
CA GLN A 331 18.30 5.81 11.92
C GLN A 331 19.68 5.95 12.57
N GLU A 332 20.72 5.32 11.98
CA GLU A 332 22.09 5.44 12.50
C GLU A 332 22.80 6.68 11.98
N PHE A 333 22.19 7.38 11.04
CA PHE A 333 22.95 8.43 10.31
C PHE A 333 22.69 9.89 10.68
N GLY A 334 22.08 10.21 11.79
CA GLY A 334 21.81 11.61 12.05
C GLY A 334 23.02 12.53 12.19
N VAL A 335 22.84 13.81 11.90
CA VAL A 335 23.85 14.83 12.17
C VAL A 335 24.10 15.04 13.66
N PRO A 336 25.27 15.58 14.00
CA PRO A 336 25.51 15.63 15.43
C PRO A 336 24.75 16.76 16.12
N HIS A 337 24.50 16.57 17.43
CA HIS A 337 23.80 17.59 18.20
C HIS A 337 24.69 18.80 18.34
N GLN A 338 24.17 19.96 17.94
CA GLN A 338 24.93 21.18 17.90
C GLN A 338 24.40 22.23 18.92
N TYR A 339 25.32 22.96 19.53
CA TYR A 339 25.01 23.99 20.54
C TYR A 339 25.33 25.35 20.08
N SER A 340 25.86 25.45 18.88
CA SER A 340 26.03 26.72 18.25
C SER A 340 25.23 26.74 16.94
N VAL A 353 21.22 13.22 5.38
CA VAL A 353 21.38 11.78 4.80
C VAL A 353 20.03 11.08 4.60
N THR A 354 19.62 10.74 3.39
CA THR A 354 18.24 10.26 3.20
C THR A 354 18.18 8.80 2.84
N LEU A 355 16.97 8.23 2.89
CA LEU A 355 16.74 6.86 2.46
C LEU A 355 17.15 6.65 1.01
N GLU A 356 16.80 7.60 0.15
CA GLU A 356 17.19 7.53 -1.28
C GLU A 356 18.76 7.58 -1.44
N ASP A 357 19.46 8.36 -0.63
CA ASP A 357 20.95 8.28 -0.58
C ASP A 357 21.45 6.83 -0.34
N LEU A 358 20.87 6.16 0.66
CA LEU A 358 21.26 4.79 1.07
C LEU A 358 20.90 3.80 -0.03
N GLN A 359 19.76 4.01 -0.67
CA GLN A 359 19.37 3.09 -1.77
C GLN A 359 20.36 3.22 -2.88
N LEU A 360 20.71 4.46 -3.26
CA LEU A 360 21.74 4.60 -4.28
C LEU A 360 23.13 3.98 -3.82
N LEU A 361 23.56 4.27 -2.58
CA LEU A 361 24.84 3.77 -2.07
C LEU A 361 24.81 2.20 -2.17
N ALA A 362 23.70 1.54 -1.77
CA ALA A 362 23.65 0.07 -1.80
C ALA A 362 23.65 -0.43 -3.21
N ASP A 363 22.97 0.29 -4.10
CA ASP A 363 23.01 -0.13 -5.49
C ASP A 363 24.36 0.04 -6.15
N LEU A 364 25.15 1.01 -5.71
CA LEU A 364 26.52 1.19 -6.26
C LEU A 364 27.47 0.10 -5.71
N PHE A 365 27.15 -0.46 -4.56
CA PHE A 365 28.05 -1.48 -3.90
C PHE A 365 27.19 -2.61 -3.45
N TYR A 366 26.71 -3.42 -4.38
CA TYR A 366 25.59 -4.29 -4.12
C TYR A 366 26.02 -5.72 -3.74
N LEU A 367 26.27 -6.59 -4.71
CA LEU A 367 26.54 -8.04 -4.49
C LEU A 367 27.62 -8.47 -5.42
N PRO A 368 28.35 -9.56 -5.05
CA PRO A 368 29.47 -9.96 -5.88
C PRO A 368 29.07 -10.31 -7.33
N TYR A 369 27.83 -10.70 -7.55
CA TYR A 369 27.40 -11.13 -8.91
C TYR A 369 26.26 -10.28 -9.49
N GLU A 370 25.92 -9.16 -8.86
CA GLU A 370 24.94 -8.27 -9.51
C GLU A 370 25.09 -6.90 -8.94
N HIS A 371 24.84 -5.89 -9.79
CA HIS A 371 24.72 -4.49 -9.36
C HIS A 371 23.27 -4.23 -9.00
N GLY A 372 23.04 -3.23 -8.14
CA GLY A 372 21.69 -2.81 -7.76
C GLY A 372 21.08 -2.02 -8.94
N PRO A 373 19.74 -1.94 -9.01
CA PRO A 373 19.05 -1.31 -10.19
C PRO A 373 19.61 0.05 -10.58
N LYS A 374 19.76 0.98 -9.64
CA LYS A 374 20.23 2.33 -9.97
C LYS A 374 21.65 2.35 -10.52
N GLY A 375 22.49 1.45 -10.01
CA GLY A 375 23.88 1.34 -10.52
C GLY A 375 23.93 0.83 -11.97
N ALA A 376 23.17 -0.24 -12.24
CA ALA A 376 23.01 -0.77 -13.62
C ALA A 376 22.39 0.26 -14.60
N GLN A 377 21.40 1.01 -14.15
CA GLN A 377 20.79 2.09 -14.94
C GLN A 377 21.86 3.16 -15.30
N MET A 378 22.64 3.63 -14.32
CA MET A 378 23.59 4.69 -14.62
C MET A 378 24.61 4.24 -15.63
N LEU A 379 25.08 3.01 -15.47
CA LEU A 379 26.08 2.42 -16.33
C LEU A 379 25.58 2.22 -17.80
N ARG A 380 24.34 1.79 -17.94
CA ARG A 380 23.68 1.72 -19.26
C ARG A 380 23.44 3.09 -19.91
N GLU A 381 23.03 4.08 -19.11
CA GLU A 381 22.93 5.46 -19.57
C GLU A 381 24.28 6.05 -20.04
N PHE A 382 25.33 5.85 -19.26
CA PHE A 382 26.68 6.29 -19.64
C PHE A 382 27.13 5.62 -20.95
N GLN A 383 26.93 4.29 -21.05
CA GLN A 383 27.29 3.51 -22.25
C GLN A 383 26.65 4.14 -23.48
N TRP A 384 25.34 4.34 -23.40
CA TRP A 384 24.59 4.90 -24.48
C TRP A 384 25.11 6.31 -24.87
N LEU A 385 25.27 7.21 -23.88
CA LEU A 385 25.70 8.58 -24.13
C LEU A 385 27.01 8.58 -24.93
N ARG A 386 27.88 7.67 -24.55
CA ARG A 386 29.18 7.51 -25.12
C ARG A 386 29.06 6.93 -26.55
N ALA A 387 28.29 5.85 -26.71
CA ALA A 387 28.05 5.21 -28.00
C ALA A 387 27.38 6.15 -29.06
N ASN A 388 26.56 7.10 -28.60
CA ASN A 388 25.82 8.03 -29.47
C ASN A 388 26.33 9.48 -29.51
N SER A 389 27.57 9.68 -29.05
CA SER A 389 28.08 11.03 -28.87
C SER A 389 28.42 11.74 -30.19
N SER A 390 28.76 10.98 -31.24
CA SER A 390 29.14 11.57 -32.54
C SER A 390 28.00 12.50 -33.01
N VAL A 391 26.78 12.24 -32.53
CA VAL A 391 25.59 13.06 -32.77
C VAL A 391 25.70 14.52 -32.34
N VAL A 392 26.69 14.89 -31.52
CA VAL A 392 26.78 16.28 -30.99
C VAL A 392 28.18 16.98 -31.09
N ILE A 404 20.56 14.90 -31.44
CA ILE A 404 19.15 15.22 -31.33
C ILE A 404 18.95 15.94 -29.97
N GLU A 405 17.74 16.45 -29.73
CA GLU A 405 17.26 16.82 -28.40
C GLU A 405 17.32 15.61 -27.43
N GLU A 406 17.38 14.39 -27.98
CA GLU A 406 17.39 13.17 -27.20
C GLU A 406 18.72 13.02 -26.40
N TRP A 407 19.87 13.07 -27.09
CA TRP A 407 21.14 12.98 -26.42
C TRP A 407 21.33 14.10 -25.37
N ARG A 408 20.97 15.33 -25.70
CA ARG A 408 21.01 16.47 -24.75
C ARG A 408 20.09 16.32 -23.56
N SER A 409 18.89 15.82 -23.80
CA SER A 409 17.97 15.52 -22.73
C SER A 409 18.47 14.44 -21.75
N ARG A 410 19.00 13.37 -22.33
CA ARG A 410 19.52 12.26 -21.59
C ARG A 410 20.90 12.54 -20.91
N ALA A 411 21.73 13.39 -21.50
CA ALA A 411 22.98 13.81 -20.89
C ALA A 411 22.71 14.64 -19.65
N ALA A 412 21.65 15.48 -19.72
CA ALA A 412 21.25 16.36 -18.59
C ALA A 412 20.69 15.56 -17.41
N LYS A 413 19.94 14.53 -17.75
CA LYS A 413 19.33 13.64 -16.76
C LYS A 413 20.45 12.79 -16.11
N PHE A 414 21.40 12.31 -16.91
CA PHE A 414 22.56 11.60 -16.41
C PHE A 414 23.46 12.43 -15.49
N GLU A 415 23.68 13.71 -15.83
CA GLU A 415 24.45 14.66 -15.00
C GLU A 415 23.84 14.88 -13.61
N GLU A 416 22.52 15.02 -13.57
CA GLU A 416 21.73 15.03 -12.35
C GLU A 416 21.85 13.70 -11.52
N MET A 417 21.90 12.56 -12.19
CA MET A 417 22.24 11.27 -11.51
C MET A 417 23.65 11.31 -10.85
N CYS A 418 24.65 11.84 -11.59
CA CYS A 418 25.99 11.95 -11.06
C CYS A 418 25.96 12.89 -9.83
N GLY A 419 25.19 13.96 -9.92
CA GLY A 419 25.01 14.90 -8.82
C GLY A 419 24.46 14.23 -7.56
N LEU A 420 23.54 13.26 -7.70
CA LEU A 420 22.99 12.55 -6.52
C LEU A 420 24.07 11.72 -5.82
N VAL A 421 24.98 11.13 -6.57
CA VAL A 421 26.19 10.47 -6.02
C VAL A 421 27.04 11.42 -5.17
N MET A 422 27.35 12.58 -5.72
CA MET A 422 28.16 13.59 -5.01
C MET A 422 27.40 14.15 -3.76
N GLY A 423 26.09 14.34 -3.88
CA GLY A 423 25.25 14.77 -2.72
C GLY A 423 25.23 13.73 -1.60
N MET A 424 25.17 12.47 -1.99
CA MET A 424 25.19 11.37 -0.98
C MET A 424 26.51 11.40 -0.15
N PHE A 425 27.65 11.65 -0.84
CA PHE A 425 28.93 11.75 -0.20
C PHE A 425 28.93 12.91 0.76
N THR A 426 28.44 14.05 0.32
CA THR A 426 28.42 15.29 1.15
C THR A 426 27.55 15.08 2.40
N ARG A 427 26.40 14.44 2.23
CA ARG A 427 25.57 14.31 3.40
C ARG A 427 26.13 13.23 4.36
N LEU A 428 26.68 12.14 3.82
CA LEU A 428 27.31 11.14 4.68
C LEU A 428 28.45 11.76 5.50
N SER A 429 29.16 12.76 4.95
CA SER A 429 30.24 13.41 5.64
C SER A 429 29.71 14.26 6.80
N ASN A 430 28.41 14.54 6.85
CA ASN A 430 27.79 15.25 7.99
C ASN A 430 27.32 14.38 9.11
N CYS A 431 27.40 13.08 8.92
CA CYS A 431 26.92 12.08 9.86
C CYS A 431 27.59 12.17 11.29
N ALA A 432 26.83 11.96 12.36
CA ALA A 432 27.41 12.05 13.71
C ALA A 432 28.11 10.76 14.03
N ASN A 433 27.68 9.63 13.48
CA ASN A 433 28.43 8.39 13.85
C ASN A 433 29.66 8.32 12.88
N ARG A 434 30.80 8.77 13.40
CA ARG A 434 31.94 9.03 12.56
C ARG A 434 32.55 7.71 12.14
N THR A 435 32.38 6.64 12.95
CA THR A 435 32.91 5.33 12.58
C THR A 435 32.22 4.77 11.35
N ILE A 436 30.95 5.16 11.15
CA ILE A 436 30.23 4.70 9.96
C ILE A 436 30.83 5.41 8.76
N LEU A 437 30.96 6.75 8.83
CA LEU A 437 31.64 7.48 7.72
C LEU A 437 33.06 6.91 7.44
N TYR A 438 33.86 6.69 8.50
CA TYR A 438 35.27 6.24 8.29
C TYR A 438 35.34 4.83 7.69
N ASP A 439 34.43 3.95 8.08
CA ASP A 439 34.48 2.60 7.58
C ASP A 439 34.16 2.57 6.11
N MET A 440 33.34 3.49 5.64
CA MET A 440 32.96 3.46 4.23
C MET A 440 33.69 4.44 3.35
N TYR A 441 34.57 5.24 3.97
CA TYR A 441 35.00 6.48 3.42
C TYR A 441 35.62 6.24 2.08
N SER A 442 36.49 5.24 2.01
CA SER A 442 37.32 5.15 0.82
C SER A 442 36.52 4.65 -0.40
N TYR A 443 35.46 3.87 -0.15
CA TYR A 443 34.52 3.45 -1.20
C TYR A 443 33.66 4.61 -1.69
N VAL A 444 33.16 5.43 -0.79
CA VAL A 444 32.30 6.52 -1.14
C VAL A 444 33.10 7.65 -1.84
N TRP A 445 34.31 7.96 -1.32
CA TRP A 445 35.16 8.92 -2.00
C TRP A 445 35.44 8.42 -3.44
N ASP A 446 35.78 7.13 -3.55
CA ASP A 446 36.11 6.54 -4.89
C ASP A 446 34.93 6.70 -5.88
N ILE A 447 33.72 6.29 -5.50
CA ILE A 447 32.62 6.35 -6.45
C ILE A 447 32.24 7.83 -6.76
N LYS A 448 32.30 8.73 -5.75
CA LYS A 448 32.04 10.15 -5.97
C LYS A 448 33.14 10.75 -6.91
N SER A 449 34.44 10.37 -6.75
CA SER A 449 35.49 10.86 -7.70
C SER A 449 35.28 10.38 -9.16
N ILE A 450 34.92 9.11 -9.32
CA ILE A 450 34.72 8.55 -10.62
C ILE A 450 33.52 9.25 -11.24
N MET A 451 32.42 9.41 -10.48
CA MET A 451 31.22 9.97 -11.08
C MET A 451 31.39 11.43 -11.50
N SER A 452 32.20 12.14 -10.73
CA SER A 452 32.53 13.49 -10.99
C SER A 452 33.34 13.59 -12.32
N MET A 453 34.24 12.65 -12.52
CA MET A 453 35.03 12.56 -13.75
C MET A 453 34.10 12.18 -14.91
N VAL A 454 33.20 11.24 -14.67
CA VAL A 454 32.28 10.75 -15.69
C VAL A 454 31.32 11.90 -16.11
N LYS A 455 30.79 12.65 -15.14
CA LYS A 455 29.92 13.81 -15.44
C LYS A 455 30.66 14.89 -16.30
N SER A 456 31.95 15.15 -15.98
CA SER A 456 32.80 16.05 -16.76
C SER A 456 33.04 15.56 -18.18
N PHE A 457 33.33 14.28 -18.32
CA PHE A 457 33.42 13.67 -19.62
C PHE A 457 32.13 13.77 -20.46
N VAL A 458 30.97 13.59 -19.87
CA VAL A 458 29.72 13.79 -20.58
C VAL A 458 29.52 15.28 -20.99
N GLN A 459 29.99 16.21 -20.14
CA GLN A 459 29.99 17.64 -20.47
C GLN A 459 30.91 17.93 -21.66
N TRP A 460 32.13 17.44 -21.62
CA TRP A 460 33.10 17.51 -22.70
C TRP A 460 32.51 17.04 -24.05
N LEU A 461 32.00 15.80 -24.12
CA LEU A 461 31.28 15.28 -25.31
C LEU A 461 30.17 16.20 -25.84
N GLY A 462 29.62 17.03 -25.00
CA GLY A 462 28.68 18.03 -25.42
C GLY A 462 29.14 19.49 -25.67
N CYS A 463 30.44 19.91 -25.38
CA CYS A 463 31.01 21.37 -25.35
C CYS A 463 31.21 21.45 -26.92
N ARG A 464 30.51 22.38 -27.59
CA ARG A 464 31.01 22.94 -28.92
C ARG A 464 32.53 22.92 -29.08
N SER A 465 33.27 23.41 -28.07
CA SER A 465 34.73 23.56 -28.10
C SER A 465 35.48 22.27 -27.78
N TRP A 479 45.36 11.53 -13.07
CA TRP A 479 44.57 10.38 -13.55
C TRP A 479 45.25 9.40 -14.56
N ALA A 480 46.41 9.82 -15.09
CA ALA A 480 47.21 8.98 -16.00
C ALA A 480 47.83 7.80 -15.24
N PHE A 481 47.98 7.97 -13.91
CA PHE A 481 48.55 6.99 -13.00
C PHE A 481 47.46 6.38 -12.09
N ARG A 482 46.16 6.56 -12.46
CA ARG A 482 45.01 6.11 -11.63
C ARG A 482 45.17 4.66 -11.20
N GLY A 483 45.17 4.42 -9.91
CA GLY A 483 45.33 3.05 -9.41
C GLY A 483 46.79 2.63 -9.33
N GLY A 484 47.73 3.53 -9.71
CA GLY A 484 49.14 3.23 -9.47
C GLY A 484 49.58 2.01 -10.33
N LEU A 485 50.63 1.33 -9.87
CA LEU A 485 51.28 0.27 -10.58
C LEU A 485 50.37 -0.89 -10.82
N ALA A 486 49.64 -1.28 -9.79
CA ALA A 486 48.63 -2.30 -9.86
C ALA A 486 47.65 -1.98 -10.97
N GLY A 487 47.21 -0.73 -11.05
CA GLY A 487 46.18 -0.32 -12.04
C GLY A 487 46.77 -0.49 -13.45
N GLU A 488 48.07 -0.16 -13.59
CA GLU A 488 48.74 -0.24 -14.89
C GLU A 488 48.83 -1.69 -15.40
N PHE A 489 49.38 -2.58 -14.57
CA PHE A 489 49.38 -3.98 -14.85
C PHE A 489 47.99 -4.47 -15.17
N GLN A 490 47.01 -4.08 -14.37
CA GLN A 490 45.68 -4.60 -14.62
C GLN A 490 45.12 -4.18 -16.01
N ARG A 491 45.33 -2.92 -16.40
CA ARG A 491 44.86 -2.44 -17.68
C ARG A 491 45.59 -3.16 -18.83
N LEU A 492 46.80 -3.71 -18.58
CA LEU A 492 47.57 -4.49 -19.59
C LEU A 492 47.08 -5.94 -19.78
N LEU A 493 46.20 -6.44 -18.92
CA LEU A 493 45.63 -7.76 -19.10
C LEU A 493 44.53 -7.65 -20.17
N PRO A 494 44.71 -8.28 -21.38
CA PRO A 494 43.79 -8.01 -22.55
C PRO A 494 42.34 -8.44 -22.31
N ILE A 495 42.22 -9.29 -21.28
CA ILE A 495 41.01 -9.75 -20.60
C ILE A 495 40.34 -8.72 -19.67
N ASP A 496 41.03 -7.60 -19.34
CA ASP A 496 40.47 -6.59 -18.40
C ASP A 496 39.07 -6.13 -18.82
N GLY A 497 38.12 -6.07 -17.87
CA GLY A 497 36.73 -5.75 -18.19
C GLY A 497 35.91 -6.84 -18.90
N ALA A 498 36.44 -8.07 -19.06
CA ALA A 498 35.71 -9.22 -19.68
C ALA A 498 34.32 -9.41 -19.09
N ASN A 499 34.17 -9.20 -17.78
CA ASN A 499 32.89 -9.40 -17.14
C ASN A 499 31.96 -8.17 -17.09
N ASP A 500 32.34 -7.04 -17.74
CA ASP A 500 31.60 -5.77 -17.59
C ASP A 500 30.16 -5.79 -18.16
N HIS B 1 -61.43 -28.31 12.94
CA HIS B 1 -62.10 -27.03 12.51
C HIS B 1 -61.49 -26.53 11.18
N PHE B 2 -62.33 -25.95 10.31
CA PHE B 2 -61.85 -25.31 9.11
C PHE B 2 -60.92 -24.11 9.48
N LEU B 3 -59.70 -24.14 8.93
CA LEU B 3 -58.69 -23.06 9.12
C LEU B 3 -58.93 -21.97 8.05
N CYS B 4 -59.28 -20.77 8.45
CA CYS B 4 -59.51 -19.68 7.47
C CYS B 4 -58.81 -18.42 7.99
N GLY B 5 -57.90 -17.84 7.21
CA GLY B 5 -57.10 -16.69 7.73
C GLY B 5 -55.94 -16.39 6.75
N VAL B 6 -54.79 -16.04 7.32
CA VAL B 6 -53.68 -15.47 6.55
C VAL B 6 -52.42 -16.27 6.83
N VAL B 7 -51.67 -16.60 5.79
CA VAL B 7 -50.23 -17.02 5.97
C VAL B 7 -49.37 -15.81 5.62
N GLU B 8 -48.48 -15.44 6.53
CA GLU B 8 -47.46 -14.47 6.22
C GLU B 8 -46.34 -15.39 5.63
N GLY B 9 -46.40 -15.57 4.31
CA GLY B 9 -45.66 -16.61 3.69
C GLY B 9 -44.78 -16.13 2.55
N PHE B 10 -44.56 -14.81 2.44
CA PHE B 10 -43.97 -14.25 1.23
C PHE B 10 -42.46 -14.02 1.43
N TYR B 11 -41.79 -13.64 0.32
CA TYR B 11 -40.38 -13.24 0.33
C TYR B 11 -40.31 -11.74 0.66
N GLY B 12 -39.23 -11.30 1.29
CA GLY B 12 -39.05 -9.89 1.50
C GLY B 12 -39.12 -9.49 2.95
N ARG B 13 -39.26 -8.18 3.17
CA ARG B 13 -39.27 -7.70 4.55
C ARG B 13 -40.49 -8.32 5.27
N PRO B 14 -40.31 -9.01 6.41
CA PRO B 14 -41.53 -9.55 7.07
C PRO B 14 -42.30 -8.42 7.81
N TRP B 15 -43.54 -8.71 8.23
CA TRP B 15 -44.32 -7.75 9.04
C TRP B 15 -43.66 -7.71 10.44
N VAL B 16 -43.83 -6.60 11.12
CA VAL B 16 -43.32 -6.42 12.47
C VAL B 16 -44.50 -6.58 13.42
N MET B 17 -44.21 -6.51 14.71
CA MET B 17 -45.16 -6.84 15.80
C MET B 17 -46.51 -6.10 15.71
N GLU B 18 -46.43 -4.79 15.53
CA GLU B 18 -47.61 -3.94 15.56
C GLU B 18 -48.47 -4.29 14.36
N GLN B 19 -47.82 -4.61 13.21
CA GLN B 19 -48.59 -5.00 12.03
C GLN B 19 -49.31 -6.31 12.31
N ARG B 20 -48.59 -7.27 12.90
CA ARG B 20 -49.18 -8.54 13.16
C ARG B 20 -50.38 -8.48 14.17
N LYS B 21 -50.23 -7.67 15.21
CA LYS B 21 -51.33 -7.51 16.17
C LYS B 21 -52.51 -6.88 15.49
N GLU B 22 -52.26 -5.82 14.69
CA GLU B 22 -53.35 -5.28 13.92
C GLU B 22 -54.01 -6.34 12.97
N LEU B 23 -53.19 -7.21 12.37
CA LEU B 23 -53.75 -8.31 11.58
C LEU B 23 -54.76 -9.16 12.39
N PHE B 24 -54.35 -9.56 13.61
CA PHE B 24 -55.17 -10.44 14.47
C PHE B 24 -56.54 -9.76 14.78
N ARG B 25 -56.55 -8.45 14.97
CA ARG B 25 -57.76 -7.66 15.21
C ARG B 25 -58.67 -7.72 14.02
N ARG B 26 -58.12 -7.54 12.84
CA ARG B 26 -58.94 -7.60 11.67
C ARG B 26 -59.46 -9.01 11.44
N LEU B 27 -58.59 -10.01 11.60
CA LEU B 27 -59.03 -11.40 11.44
C LEU B 27 -60.24 -11.67 12.41
N GLN B 28 -60.12 -11.23 13.64
CA GLN B 28 -61.16 -11.53 14.62
C GLN B 28 -62.44 -10.74 14.30
N LYS B 29 -62.27 -9.46 14.02
CA LYS B 29 -63.38 -8.62 13.59
C LYS B 29 -64.16 -9.27 12.45
N TRP B 30 -63.48 -9.87 11.47
CA TRP B 30 -64.19 -10.42 10.31
C TRP B 30 -64.45 -11.88 10.47
N GLU B 31 -64.16 -12.41 11.65
CA GLU B 31 -64.51 -13.85 11.93
C GLU B 31 -63.67 -14.85 11.16
N LEU B 32 -62.45 -14.49 10.87
CA LEU B 32 -61.50 -15.50 10.41
C LEU B 32 -60.88 -16.05 11.70
N ASN B 33 -59.99 -17.04 11.63
CA ASN B 33 -59.56 -17.64 12.91
C ASN B 33 -58.13 -18.13 12.96
N THR B 34 -57.32 -17.92 11.91
CA THR B 34 -55.97 -18.54 11.79
C THR B 34 -54.92 -17.62 11.20
N TYR B 35 -53.74 -17.69 11.81
CA TYR B 35 -52.54 -17.02 11.31
C TYR B 35 -51.38 -18.06 11.20
N LEU B 36 -50.79 -18.20 10.00
CA LEU B 36 -49.67 -19.07 9.82
C LEU B 36 -48.39 -18.21 9.64
N TYR B 37 -47.47 -18.34 10.58
CA TYR B 37 -46.23 -17.62 10.59
C TYR B 37 -45.21 -18.34 9.69
N ALA B 38 -44.90 -17.78 8.52
CA ALA B 38 -43.97 -18.44 7.60
C ALA B 38 -43.20 -17.47 6.70
N PRO B 39 -42.59 -16.41 7.24
CA PRO B 39 -42.02 -15.40 6.31
C PRO B 39 -40.65 -15.92 5.77
N LYS B 40 -40.55 -16.04 4.44
CA LYS B 40 -39.37 -16.67 3.81
C LYS B 40 -38.05 -16.06 4.30
N ASP B 41 -38.05 -14.75 4.57
CA ASP B 41 -36.81 -14.05 4.89
C ASP B 41 -36.68 -13.57 6.33
N ASP B 42 -37.55 -14.12 7.19
CA ASP B 42 -37.36 -13.94 8.64
C ASP B 42 -36.31 -14.97 8.98
N TYR B 43 -35.11 -14.48 9.27
CA TYR B 43 -33.86 -15.26 9.46
C TYR B 43 -34.01 -16.71 10.05
N LYS B 44 -34.63 -16.75 11.23
CA LYS B 44 -34.65 -17.98 12.01
C LYS B 44 -35.85 -18.85 11.60
N HIS B 45 -36.59 -18.42 10.56
CA HIS B 45 -37.62 -19.34 9.99
C HIS B 45 -37.10 -20.34 8.94
N ARG B 46 -36.10 -19.89 8.15
CA ARG B 46 -35.65 -20.67 7.03
C ARG B 46 -34.10 -20.71 6.92
N MET B 47 -33.50 -19.60 6.54
CA MET B 47 -32.05 -19.53 6.34
C MET B 47 -31.34 -20.09 7.58
N PHE B 48 -31.72 -19.61 8.75
CA PHE B 48 -31.06 -20.06 9.94
C PHE B 48 -32.01 -20.78 10.87
N TRP B 49 -32.72 -21.73 10.31
CA TRP B 49 -33.72 -22.48 11.07
C TRP B 49 -33.21 -23.22 12.34
N ARG B 50 -31.96 -23.66 12.30
CA ARG B 50 -31.27 -24.32 13.45
C ARG B 50 -31.11 -23.43 14.70
N GLU B 51 -31.10 -22.09 14.54
CA GLU B 51 -30.71 -21.16 15.58
C GLU B 51 -31.87 -20.88 16.51
N MET B 52 -31.65 -20.99 17.84
CA MET B 52 -32.65 -20.64 18.87
C MET B 52 -32.85 -19.17 18.85
N TYR B 53 -34.01 -18.69 19.31
CA TYR B 53 -34.28 -17.28 19.50
C TYR B 53 -33.52 -16.77 20.70
N SER B 54 -33.12 -15.51 20.68
CA SER B 54 -32.42 -14.90 21.77
C SER B 54 -33.44 -14.59 22.85
N VAL B 55 -32.96 -14.03 23.96
CA VAL B 55 -33.84 -13.57 25.04
C VAL B 55 -34.79 -12.48 24.55
N GLU B 56 -34.28 -11.49 23.82
CA GLU B 56 -35.09 -10.42 23.27
C GLU B 56 -36.11 -10.95 22.20
N GLU B 57 -35.69 -11.89 21.35
CA GLU B 57 -36.61 -12.47 20.35
C GLU B 57 -37.70 -13.32 21.01
N ALA B 58 -37.31 -14.07 22.05
CA ALA B 58 -38.21 -14.92 22.81
C ALA B 58 -39.33 -14.09 23.35
N GLU B 59 -38.97 -12.92 23.84
CA GLU B 59 -39.91 -12.11 24.52
C GLU B 59 -40.93 -11.59 23.50
N GLN B 60 -40.47 -11.03 22.39
CA GLN B 60 -41.36 -10.55 21.30
C GLN B 60 -42.30 -11.65 20.73
N LEU B 61 -41.76 -12.84 20.48
CA LEU B 61 -42.56 -13.96 20.03
C LEU B 61 -43.61 -14.36 21.05
N MET B 62 -43.21 -14.36 22.33
CA MET B 62 -44.15 -14.65 23.40
C MET B 62 -45.27 -13.63 23.43
N THR B 63 -44.92 -12.36 23.35
CA THR B 63 -45.91 -11.30 23.28
C THR B 63 -46.83 -11.49 22.03
N LEU B 64 -46.24 -11.93 20.90
CA LEU B 64 -47.03 -12.11 19.67
C LEU B 64 -48.05 -13.20 19.87
N ILE B 65 -47.56 -14.36 20.32
CA ILE B 65 -48.43 -15.53 20.52
C ILE B 65 -49.58 -15.21 21.54
N SER B 66 -49.26 -14.45 22.61
CA SER B 66 -50.28 -13.97 23.58
C SER B 66 -51.31 -13.06 22.92
N ALA B 67 -50.86 -12.14 22.05
CA ALA B 67 -51.81 -11.31 21.32
C ALA B 67 -52.76 -12.15 20.41
N ALA B 68 -52.26 -13.19 19.78
CA ALA B 68 -53.12 -14.11 19.04
C ALA B 68 -54.18 -14.77 19.91
N ARG B 69 -53.78 -15.38 21.03
CA ARG B 69 -54.72 -15.91 22.07
C ARG B 69 -55.76 -14.79 22.48
N GLU B 70 -55.31 -13.61 22.82
CA GLU B 70 -56.21 -12.53 23.20
C GLU B 70 -57.27 -12.23 22.14
N TYR B 71 -56.93 -12.41 20.85
CA TYR B 71 -57.84 -12.05 19.80
C TYR B 71 -58.46 -13.23 19.19
N GLU B 72 -58.22 -14.40 19.79
CA GLU B 72 -58.85 -15.67 19.42
C GLU B 72 -58.46 -16.07 18.02
N ILE B 73 -57.19 -15.90 17.71
CA ILE B 73 -56.63 -16.38 16.45
C ILE B 73 -55.74 -17.55 16.78
N GLU B 74 -55.88 -18.67 16.08
CA GLU B 74 -54.92 -19.73 16.27
C GLU B 74 -53.57 -19.34 15.61
N PHE B 75 -52.52 -19.34 16.40
CA PHE B 75 -51.16 -19.07 15.91
C PHE B 75 -50.52 -20.40 15.52
N ILE B 76 -50.09 -20.50 14.25
CA ILE B 76 -49.40 -21.69 13.78
C ILE B 76 -47.93 -21.31 13.44
N TYR B 77 -46.96 -21.93 14.11
CA TYR B 77 -45.55 -21.54 13.87
C TYR B 77 -44.98 -22.49 12.86
N ALA B 78 -44.50 -22.00 11.71
CA ALA B 78 -43.89 -22.89 10.67
C ALA B 78 -42.40 -22.74 10.69
N ILE B 79 -41.72 -23.74 10.14
CA ILE B 79 -40.28 -23.68 10.01
C ILE B 79 -39.95 -24.38 8.73
N SER B 80 -38.90 -23.89 8.06
CA SER B 80 -38.58 -24.34 6.67
C SER B 80 -37.15 -24.91 6.66
N PRO B 81 -36.96 -26.17 7.08
CA PRO B 81 -35.58 -26.63 7.22
C PRO B 81 -35.01 -27.39 5.98
N GLY B 82 -35.78 -27.46 4.90
CA GLY B 82 -35.51 -28.27 3.72
C GLY B 82 -34.30 -27.92 2.87
N LEU B 83 -33.77 -26.70 2.98
CA LEU B 83 -32.64 -26.30 2.11
C LEU B 83 -31.42 -27.24 2.33
N ASP B 84 -30.98 -27.37 3.58
CA ASP B 84 -29.69 -27.98 3.93
C ASP B 84 -29.81 -29.08 5.05
N ILE B 85 -30.99 -29.66 5.29
CA ILE B 85 -31.15 -30.61 6.42
C ILE B 85 -30.69 -31.98 5.97
N THR B 86 -30.06 -32.72 6.85
CA THR B 86 -29.82 -34.15 6.56
C THR B 86 -30.79 -34.88 7.38
N PHE B 87 -31.79 -35.42 6.70
CA PHE B 87 -32.94 -36.02 7.34
C PHE B 87 -32.62 -37.19 8.29
N SER B 88 -31.43 -37.77 8.10
CA SER B 88 -31.08 -39.05 8.74
C SER B 88 -30.11 -38.83 9.86
N ASN B 89 -29.66 -37.58 10.04
CA ASN B 89 -28.73 -37.30 11.10
C ASN B 89 -29.45 -36.95 12.45
N PRO B 90 -29.26 -37.79 13.50
CA PRO B 90 -29.77 -37.54 14.86
C PRO B 90 -29.66 -36.10 15.35
N LYS B 91 -28.51 -35.48 15.16
CA LYS B 91 -28.30 -34.10 15.53
C LYS B 91 -29.32 -33.09 14.85
N GLU B 92 -29.75 -33.41 13.62
CA GLU B 92 -30.65 -32.55 12.82
C GLU B 92 -32.05 -32.68 13.40
N VAL B 93 -32.50 -33.92 13.57
CA VAL B 93 -33.82 -34.16 14.13
C VAL B 93 -33.96 -33.51 15.51
N SER B 94 -32.90 -33.60 16.32
CA SER B 94 -32.90 -32.99 17.67
C SER B 94 -32.85 -31.50 17.69
N THR B 95 -32.07 -30.89 16.80
CA THR B 95 -32.02 -29.41 16.66
C THR B 95 -33.44 -28.86 16.31
N LEU B 96 -34.16 -29.58 15.44
CA LEU B 96 -35.51 -29.18 15.07
C LEU B 96 -36.48 -29.31 16.26
N LYS B 97 -36.40 -30.46 16.95
CA LYS B 97 -37.14 -30.69 18.22
C LYS B 97 -36.91 -29.59 19.18
N ARG B 98 -35.64 -29.20 19.32
CA ARG B 98 -35.30 -28.19 20.30
C ARG B 98 -35.80 -26.79 19.89
N LYS B 99 -35.81 -26.51 18.59
CA LYS B 99 -36.26 -25.21 18.12
C LYS B 99 -37.78 -25.15 18.36
N LEU B 100 -38.49 -26.23 18.06
CA LEU B 100 -39.94 -26.29 18.25
C LEU B 100 -40.35 -26.32 19.72
N ASP B 101 -39.47 -26.91 20.56
CA ASP B 101 -39.68 -26.90 22.01
C ASP B 101 -39.66 -25.50 22.54
N GLN B 102 -38.67 -24.72 22.12
CA GLN B 102 -38.52 -23.37 22.64
C GLN B 102 -39.77 -22.55 22.27
N VAL B 103 -40.24 -22.68 21.04
CA VAL B 103 -41.48 -21.99 20.53
C VAL B 103 -42.71 -22.43 21.30
N SER B 104 -42.80 -23.73 21.51
CA SER B 104 -43.81 -24.29 22.41
C SER B 104 -43.84 -23.65 23.84
N GLN B 105 -42.65 -23.33 24.39
CA GLN B 105 -42.56 -22.67 25.70
C GLN B 105 -42.99 -21.22 25.64
N PHE B 106 -43.05 -20.66 24.42
CA PHE B 106 -43.59 -19.30 24.23
C PHE B 106 -45.12 -19.27 24.31
N GLY B 107 -45.76 -20.44 24.38
CA GLY B 107 -47.22 -20.56 24.39
C GLY B 107 -47.80 -21.15 23.12
N CYS B 108 -46.96 -21.48 22.12
CA CYS B 108 -47.47 -21.98 20.83
C CYS B 108 -47.94 -23.40 20.92
N ARG B 109 -49.06 -23.70 20.29
CA ARG B 109 -49.60 -25.07 20.33
C ARG B 109 -49.74 -25.72 18.96
N SER B 110 -49.58 -24.95 17.88
CA SER B 110 -49.77 -25.51 16.53
C SER B 110 -48.54 -25.18 15.69
N PHE B 111 -48.22 -26.06 14.75
CA PHE B 111 -46.90 -25.98 14.11
C PHE B 111 -47.04 -26.47 12.66
N ALA B 112 -45.99 -26.23 11.89
CA ALA B 112 -46.04 -26.62 10.46
C ALA B 112 -44.60 -26.84 10.05
N LEU B 113 -44.37 -27.86 9.22
CA LEU B 113 -43.07 -28.03 8.58
C LEU B 113 -43.29 -27.78 7.10
N LEU B 114 -42.53 -26.86 6.53
CA LEU B 114 -42.66 -26.51 5.10
C LEU B 114 -41.47 -27.01 4.32
N PHE B 115 -41.77 -27.75 3.24
CA PHE B 115 -40.71 -28.28 2.36
C PHE B 115 -40.91 -27.75 0.94
N ASP B 116 -41.46 -26.53 0.80
CA ASP B 116 -41.65 -25.93 -0.54
C ASP B 116 -40.34 -25.41 -1.05
N ASN B 117 -40.22 -25.37 -2.37
CA ASN B 117 -39.15 -24.66 -3.02
C ASN B 117 -37.75 -25.18 -2.62
N ILE B 118 -37.60 -26.50 -2.70
CA ILE B 118 -36.33 -27.16 -2.48
C ILE B 118 -36.16 -28.21 -3.58
N ASP B 119 -34.91 -28.57 -3.87
CA ASP B 119 -34.50 -29.66 -4.80
C ASP B 119 -35.01 -31.09 -4.40
N HIS B 120 -35.55 -31.85 -5.35
CA HIS B 120 -35.87 -33.29 -5.17
C HIS B 120 -34.69 -34.24 -4.72
N ASN B 121 -33.43 -33.81 -4.82
CA ASN B 121 -32.31 -34.72 -4.60
C ASN B 121 -31.81 -34.71 -3.20
N MET B 122 -31.74 -35.89 -2.59
CA MET B 122 -31.15 -36.03 -1.25
C MET B 122 -29.63 -36.23 -1.27
N CYS B 123 -28.98 -35.91 -0.16
CA CYS B 123 -27.58 -36.20 0.03
C CYS B 123 -27.33 -37.73 0.16
N ALA B 124 -26.06 -38.13 0.03
CA ALA B 124 -25.64 -39.55 -0.02
C ALA B 124 -26.04 -40.32 1.23
N ALA B 125 -25.74 -39.76 2.42
CA ALA B 125 -26.22 -40.26 3.74
C ALA B 125 -27.72 -40.57 3.79
N ASP B 126 -28.56 -39.68 3.23
CA ASP B 126 -30.01 -39.92 3.21
C ASP B 126 -30.46 -40.93 2.18
N LYS B 127 -29.85 -40.89 0.99
CA LYS B 127 -30.11 -41.93 -0.01
C LYS B 127 -29.84 -43.32 0.60
N GLU B 128 -28.78 -43.44 1.41
CA GLU B 128 -28.55 -44.63 2.25
C GLU B 128 -29.81 -44.96 3.05
N VAL B 129 -30.17 -44.06 3.98
CA VAL B 129 -31.17 -44.33 4.98
C VAL B 129 -32.60 -44.42 4.47
N PHE B 130 -32.99 -43.55 3.54
CA PHE B 130 -34.39 -43.50 3.05
C PHE B 130 -34.52 -43.93 1.59
N SER B 131 -35.70 -44.44 1.22
CA SER B 131 -36.02 -44.88 -0.17
C SER B 131 -36.17 -43.72 -1.15
N SER B 132 -36.86 -42.67 -0.70
CA SER B 132 -37.09 -41.49 -1.52
C SER B 132 -37.23 -40.28 -0.62
N PHE B 133 -37.09 -39.12 -1.27
CA PHE B 133 -37.35 -37.80 -0.73
C PHE B 133 -38.63 -37.71 0.12
N ALA B 134 -39.74 -38.18 -0.42
CA ALA B 134 -40.99 -38.22 0.37
C ALA B 134 -40.82 -39.05 1.67
N HIS B 135 -40.16 -40.23 1.57
CA HIS B 135 -39.97 -41.07 2.76
C HIS B 135 -39.16 -40.33 3.79
N ALA B 136 -38.12 -39.61 3.35
CA ALA B 136 -37.34 -38.81 4.30
C ALA B 136 -38.20 -37.68 4.94
N GLN B 137 -39.06 -37.04 4.15
CA GLN B 137 -39.82 -35.87 4.67
C GLN B 137 -40.87 -36.35 5.67
N VAL B 138 -41.61 -37.41 5.29
CA VAL B 138 -42.70 -37.84 6.15
C VAL B 138 -42.16 -38.48 7.41
N SER B 139 -40.98 -39.09 7.32
CA SER B 139 -40.45 -39.73 8.50
C SER B 139 -40.11 -38.67 9.54
N ILE B 140 -39.37 -37.63 9.12
CA ILE B 140 -39.10 -36.57 10.07
C ILE B 140 -40.41 -35.87 10.53
N THR B 141 -41.36 -35.74 9.64
CA THR B 141 -42.55 -34.97 9.98
C THR B 141 -43.40 -35.74 10.96
N ASN B 142 -43.61 -37.03 10.66
CA ASN B 142 -44.24 -37.96 11.64
C ASN B 142 -43.59 -37.95 13.01
N GLU B 143 -42.27 -38.04 13.05
CA GLU B 143 -41.52 -38.01 14.33
C GLU B 143 -41.72 -36.72 15.14
N ILE B 144 -41.67 -35.57 14.46
CA ILE B 144 -41.80 -34.29 15.16
C ILE B 144 -43.25 -34.15 15.68
N TYR B 145 -44.23 -34.57 14.86
CA TYR B 145 -45.62 -34.49 15.25
C TYR B 145 -45.85 -35.28 16.57
N GLN B 146 -45.34 -36.52 16.63
CA GLN B 146 -45.48 -37.36 17.85
C GLN B 146 -44.68 -36.81 18.98
N TYR B 147 -43.44 -36.42 18.70
CA TYR B 147 -42.63 -35.82 19.76
C TYR B 147 -43.34 -34.63 20.42
N LEU B 148 -44.05 -33.83 19.63
CA LEU B 148 -44.72 -32.65 20.20
C LEU B 148 -46.08 -32.99 20.88
N GLY B 149 -46.42 -34.27 20.98
CA GLY B 149 -47.65 -34.67 21.70
C GLY B 149 -48.88 -34.74 20.79
N GLU B 150 -48.64 -34.88 19.48
CA GLU B 150 -49.68 -34.87 18.45
C GLU B 150 -50.59 -33.64 18.51
N PRO B 151 -50.01 -32.40 18.39
CA PRO B 151 -50.83 -31.18 18.55
C PRO B 151 -52.07 -31.17 17.62
N GLU B 152 -53.14 -30.55 18.08
CA GLU B 152 -54.44 -30.46 17.34
C GLU B 152 -54.23 -29.99 15.91
N THR B 153 -53.35 -29.00 15.68
CA THR B 153 -53.08 -28.52 14.32
C THR B 153 -51.62 -28.68 13.98
N PHE B 154 -51.36 -29.43 12.92
CA PHE B 154 -50.00 -29.62 12.49
C PHE B 154 -50.08 -29.76 11.01
N LEU B 155 -49.26 -28.96 10.32
CA LEU B 155 -49.34 -28.83 8.87
C LEU B 155 -48.02 -29.25 8.19
N PHE B 156 -48.18 -29.77 6.98
CA PHE B 156 -47.09 -30.23 6.18
C PHE B 156 -47.12 -29.50 4.80
N CYS B 157 -46.06 -28.78 4.40
CA CYS B 157 -46.11 -28.26 3.03
C CYS B 157 -45.25 -29.14 2.14
N PRO B 158 -45.88 -29.82 1.15
CA PRO B 158 -45.12 -30.72 0.29
C PRO B 158 -44.25 -29.98 -0.66
N THR B 159 -43.21 -30.67 -1.12
CA THR B 159 -42.36 -30.11 -2.17
C THR B 159 -43.15 -30.02 -3.45
N GLU B 160 -44.03 -31.00 -3.68
CA GLU B 160 -44.97 -30.93 -4.85
C GLU B 160 -46.31 -30.39 -4.34
N TYR B 161 -46.37 -29.05 -4.29
CA TYR B 161 -47.45 -28.35 -3.58
C TYR B 161 -48.48 -27.68 -4.50
N CYS B 162 -48.35 -27.90 -5.82
CA CYS B 162 -49.41 -27.51 -6.78
C CYS B 162 -49.37 -28.43 -7.96
N GLY B 163 -50.41 -28.36 -8.80
CA GLY B 163 -50.53 -29.26 -9.92
C GLY B 163 -49.28 -29.31 -10.80
N THR B 164 -48.75 -28.14 -11.18
CA THR B 164 -47.66 -28.05 -12.14
C THR B 164 -46.33 -28.53 -11.55
N PHE B 165 -46.21 -28.63 -10.23
CA PHE B 165 -45.01 -29.19 -9.63
C PHE B 165 -45.11 -30.72 -9.49
N CYS B 166 -46.26 -31.31 -9.81
CA CYS B 166 -46.44 -32.75 -9.53
C CYS B 166 -45.80 -33.60 -10.65
N TYR B 167 -44.83 -34.45 -10.28
CA TYR B 167 -44.14 -35.31 -11.24
C TYR B 167 -44.59 -36.80 -11.19
N PRO B 168 -45.11 -37.36 -12.33
CA PRO B 168 -45.29 -36.75 -13.69
C PRO B 168 -46.60 -35.93 -13.85
N ASN B 169 -47.51 -36.11 -12.91
CA ASN B 169 -48.77 -35.37 -12.83
C ASN B 169 -49.28 -35.61 -11.41
N VAL B 170 -50.48 -35.11 -11.07
CA VAL B 170 -50.97 -35.18 -9.71
C VAL B 170 -51.42 -36.57 -9.38
N SER B 171 -52.21 -37.22 -10.28
CA SER B 171 -52.86 -38.51 -9.91
C SER B 171 -51.90 -39.70 -9.84
N GLN B 172 -50.71 -39.59 -10.44
CA GLN B 172 -49.67 -40.65 -10.46
C GLN B 172 -48.36 -40.23 -9.81
N SER B 173 -48.35 -39.14 -9.06
CA SER B 173 -47.12 -38.74 -8.40
C SER B 173 -46.62 -39.74 -7.32
N PRO B 174 -45.42 -40.36 -7.55
CA PRO B 174 -44.97 -41.28 -6.51
C PRO B 174 -44.65 -40.54 -5.24
N TYR B 175 -44.20 -39.27 -5.37
CA TYR B 175 -43.94 -38.39 -4.21
C TYR B 175 -45.28 -38.21 -3.40
N LEU B 176 -46.35 -37.74 -4.05
CA LEU B 176 -47.59 -37.56 -3.29
C LEU B 176 -48.17 -38.90 -2.84
N ARG B 177 -47.98 -39.97 -3.65
CA ARG B 177 -48.46 -41.30 -3.20
C ARG B 177 -47.88 -41.65 -1.85
N THR B 178 -46.57 -41.49 -1.69
CA THR B 178 -45.97 -41.77 -0.38
C THR B 178 -46.55 -40.87 0.73
N VAL B 179 -46.73 -39.58 0.42
CA VAL B 179 -47.23 -38.62 1.40
C VAL B 179 -48.59 -39.10 1.80
N GLY B 180 -49.44 -39.36 0.82
CA GLY B 180 -50.79 -39.89 1.12
C GLY B 180 -50.79 -41.14 2.03
N GLU B 181 -49.93 -42.11 1.70
CA GLU B 181 -49.90 -43.40 2.41
C GLU B 181 -49.22 -43.34 3.77
N LYS B 182 -48.12 -42.58 3.90
CA LYS B 182 -47.27 -42.66 5.10
C LYS B 182 -47.36 -41.51 6.12
N LEU B 183 -47.94 -40.36 5.70
CA LEU B 183 -48.00 -39.25 6.63
C LEU B 183 -49.17 -39.46 7.56
N LEU B 184 -48.92 -39.29 8.87
CA LEU B 184 -49.91 -39.61 9.88
C LEU B 184 -51.21 -38.84 9.59
N PRO B 185 -52.38 -39.49 9.79
CA PRO B 185 -53.62 -38.84 9.32
C PRO B 185 -53.98 -37.62 10.19
N GLY B 186 -53.33 -37.43 11.31
CA GLY B 186 -53.54 -36.20 12.06
C GLY B 186 -52.82 -34.97 11.49
N ILE B 187 -52.00 -35.15 10.48
CA ILE B 187 -51.22 -34.05 9.90
C ILE B 187 -51.93 -33.54 8.63
N GLU B 188 -52.15 -32.22 8.52
CA GLU B 188 -52.77 -31.62 7.30
C GLU B 188 -51.74 -31.32 6.24
N VAL B 189 -52.17 -31.29 4.98
CA VAL B 189 -51.28 -31.03 3.83
C VAL B 189 -51.69 -29.71 3.20
N LEU B 190 -50.72 -28.86 2.98
CA LEU B 190 -50.94 -27.59 2.25
C LEU B 190 -50.88 -27.72 0.75
N TRP B 191 -51.61 -26.86 0.03
CA TRP B 191 -51.68 -26.94 -1.42
C TRP B 191 -52.05 -25.60 -2.02
N THR B 192 -51.41 -25.21 -3.15
CA THR B 192 -51.68 -23.89 -3.70
C THR B 192 -52.66 -23.92 -4.88
N GLY B 193 -53.13 -25.10 -5.25
CA GLY B 193 -54.07 -25.24 -6.41
C GLY B 193 -53.35 -25.79 -7.62
N PRO B 194 -53.89 -25.54 -8.82
CA PRO B 194 -53.25 -26.14 -10.01
C PRO B 194 -51.87 -25.56 -10.36
N LYS B 195 -51.59 -24.37 -9.81
CA LYS B 195 -50.40 -23.52 -10.09
C LYS B 195 -49.98 -22.90 -8.78
N VAL B 196 -48.80 -22.25 -8.81
CA VAL B 196 -48.37 -21.49 -7.65
C VAL B 196 -49.34 -20.34 -7.39
N VAL B 197 -49.65 -19.56 -8.45
CA VAL B 197 -50.63 -18.51 -8.33
C VAL B 197 -51.79 -18.98 -9.21
N SER B 198 -52.81 -19.57 -8.60
CA SER B 198 -53.91 -20.21 -9.34
C SER B 198 -54.93 -19.14 -9.72
N LYS B 199 -55.22 -19.10 -10.99
CA LYS B 199 -56.33 -18.27 -11.50
C LYS B 199 -57.66 -18.85 -10.97
N GLU B 200 -57.79 -20.17 -11.09
CA GLU B 200 -58.95 -20.88 -10.55
C GLU B 200 -58.52 -22.08 -9.77
N ILE B 201 -59.33 -22.52 -8.80
CA ILE B 201 -59.07 -23.80 -8.14
C ILE B 201 -60.35 -24.61 -8.31
N PRO B 202 -60.44 -25.40 -9.40
CA PRO B 202 -61.71 -26.06 -9.71
C PRO B 202 -61.94 -27.25 -8.75
N VAL B 203 -63.20 -27.51 -8.40
CA VAL B 203 -63.57 -28.65 -7.52
C VAL B 203 -62.94 -29.99 -7.95
N GLU B 204 -62.93 -30.24 -9.27
CA GLU B 204 -62.33 -31.46 -9.84
C GLU B 204 -60.87 -31.59 -9.51
N SER B 205 -60.11 -30.49 -9.51
CA SER B 205 -58.66 -30.57 -9.21
C SER B 205 -58.46 -30.89 -7.73
N ILE B 206 -59.40 -30.43 -6.91
CA ILE B 206 -59.31 -30.75 -5.50
C ILE B 206 -59.65 -32.23 -5.21
N GLU B 207 -60.71 -32.73 -5.83
CA GLU B 207 -61.01 -34.21 -5.80
C GLU B 207 -59.81 -35.02 -6.21
N GLU B 208 -59.18 -34.62 -7.32
CA GLU B 208 -58.00 -35.30 -7.79
C GLU B 208 -56.85 -35.33 -6.73
N VAL B 209 -56.44 -34.17 -6.17
CA VAL B 209 -55.32 -34.20 -5.25
C VAL B 209 -55.73 -34.92 -3.99
N SER B 210 -56.98 -34.77 -3.56
CA SER B 210 -57.43 -35.35 -2.26
C SER B 210 -57.31 -36.90 -2.27
N LYS B 211 -57.63 -37.48 -3.43
CA LYS B 211 -57.53 -38.91 -3.69
C LYS B 211 -56.13 -39.43 -3.40
N ILE B 212 -55.14 -38.77 -3.98
CA ILE B 212 -53.74 -39.20 -3.82
C ILE B 212 -53.16 -38.88 -2.42
N ILE B 213 -53.55 -37.78 -1.81
CA ILE B 213 -52.99 -37.48 -0.48
C ILE B 213 -53.87 -38.09 0.64
N LYS B 214 -55.02 -38.68 0.28
CA LYS B 214 -55.87 -39.45 1.27
C LYS B 214 -56.39 -38.52 2.34
N ARG B 215 -56.60 -37.24 1.97
CA ARG B 215 -57.18 -36.20 2.85
C ARG B 215 -57.56 -34.93 2.07
N ALA B 216 -58.44 -34.11 2.65
CA ALA B 216 -58.82 -32.84 2.07
C ALA B 216 -57.64 -31.86 2.41
N PRO B 217 -57.10 -31.10 1.43
CA PRO B 217 -55.98 -30.21 1.78
C PRO B 217 -56.40 -28.89 2.45
N VAL B 218 -55.44 -28.17 3.03
CA VAL B 218 -55.60 -26.75 3.39
C VAL B 218 -54.95 -25.95 2.27
N ILE B 219 -55.73 -25.08 1.62
CA ILE B 219 -55.18 -24.18 0.54
C ILE B 219 -54.23 -23.12 1.16
N TRP B 220 -53.03 -23.09 0.62
CA TRP B 220 -52.13 -21.92 0.78
C TRP B 220 -52.38 -21.10 -0.49
N ASP B 221 -53.12 -20.01 -0.37
CA ASP B 221 -53.58 -19.27 -1.57
C ASP B 221 -52.70 -18.05 -1.85
N ASN B 222 -52.12 -18.04 -3.03
CA ASN B 222 -51.25 -16.92 -3.49
C ASN B 222 -51.94 -15.99 -4.44
N ILE B 223 -53.27 -16.05 -4.56
CA ILE B 223 -54.01 -15.13 -5.42
C ILE B 223 -53.64 -13.62 -5.25
N HIS B 224 -53.43 -13.13 -4.02
CA HIS B 224 -53.05 -11.74 -3.82
C HIS B 224 -51.55 -11.53 -3.53
N ALA B 225 -50.71 -12.56 -3.62
CA ALA B 225 -49.25 -12.42 -3.36
C ALA B 225 -48.64 -11.48 -4.38
N ASN B 226 -47.74 -10.61 -3.95
CA ASN B 226 -47.14 -9.71 -4.92
C ASN B 226 -45.64 -9.61 -4.73
N ASP B 227 -45.02 -10.55 -4.02
CA ASP B 227 -43.55 -10.54 -3.84
C ASP B 227 -42.85 -10.82 -5.14
N TYR B 228 -43.55 -11.33 -6.12
CA TYR B 228 -42.84 -11.78 -7.34
C TYR B 228 -42.59 -10.68 -8.40
N ASP B 229 -43.16 -9.48 -8.25
CA ASP B 229 -43.00 -8.44 -9.31
C ASP B 229 -43.16 -7.14 -8.60
N GLN B 230 -42.07 -6.42 -8.47
CA GLN B 230 -42.00 -5.11 -7.80
C GLN B 230 -43.15 -4.12 -8.15
N LYS B 231 -43.65 -4.15 -9.38
CA LYS B 231 -44.56 -3.14 -9.86
C LYS B 231 -46.02 -3.55 -9.54
N ARG B 232 -46.26 -4.77 -9.02
CA ARG B 232 -47.65 -5.19 -8.89
C ARG B 232 -48.20 -5.18 -7.47
N LEU B 233 -49.55 -5.06 -7.39
CA LEU B 233 -50.26 -4.99 -6.15
C LEU B 233 -51.68 -5.42 -6.46
N PHE B 234 -52.33 -6.12 -5.50
CA PHE B 234 -53.61 -6.75 -5.81
C PHE B 234 -54.61 -6.33 -4.77
N LEU B 235 -55.51 -5.47 -5.20
CA LEU B 235 -56.58 -4.91 -4.34
C LEU B 235 -57.99 -5.39 -4.78
N GLY B 236 -58.03 -6.32 -5.74
CA GLY B 236 -59.31 -6.84 -6.20
C GLY B 236 -59.82 -7.91 -5.22
N PRO B 237 -61.04 -8.43 -5.50
CA PRO B 237 -61.67 -9.39 -4.59
C PRO B 237 -61.16 -10.78 -4.80
N TYR B 238 -61.16 -11.55 -3.69
CA TYR B 238 -60.95 -12.97 -3.69
C TYR B 238 -61.87 -13.57 -4.74
N LYS B 239 -61.33 -14.43 -5.60
CA LYS B 239 -62.07 -14.75 -6.84
C LYS B 239 -61.52 -16.01 -7.50
N GLY B 240 -62.42 -16.79 -8.08
CA GLY B 240 -61.92 -17.97 -8.82
C GLY B 240 -61.99 -19.25 -7.97
N ARG B 241 -62.46 -19.11 -6.75
CA ARG B 241 -62.55 -20.30 -5.86
C ARG B 241 -64.05 -20.40 -5.48
N SER B 242 -64.70 -21.46 -5.94
CA SER B 242 -66.12 -21.66 -5.66
C SER B 242 -66.29 -21.91 -4.16
N THR B 243 -67.32 -21.38 -3.55
CA THR B 243 -67.70 -21.81 -2.20
C THR B 243 -68.03 -23.31 -2.05
N GLU B 244 -68.35 -24.01 -3.13
CA GLU B 244 -68.38 -25.46 -3.10
C GLU B 244 -67.09 -26.16 -2.76
N LEU B 245 -65.98 -25.40 -2.78
CA LEU B 245 -64.70 -25.96 -2.28
C LEU B 245 -64.69 -26.22 -0.80
N ILE B 246 -65.49 -25.44 -0.06
CA ILE B 246 -65.41 -25.40 1.41
C ILE B 246 -65.58 -26.78 2.03
N PRO B 247 -66.71 -27.53 1.67
CA PRO B 247 -66.78 -28.92 2.23
C PRO B 247 -65.77 -29.87 1.65
N ARG B 248 -64.94 -29.44 0.70
CA ARG B 248 -63.81 -30.30 0.26
C ARG B 248 -62.44 -29.92 0.80
N LEU B 249 -62.38 -29.00 1.75
CA LEU B 249 -61.09 -28.46 2.13
C LEU B 249 -61.03 -28.48 3.65
N LYS B 250 -59.84 -28.50 4.22
CA LYS B 250 -59.69 -28.32 5.64
C LYS B 250 -59.31 -26.86 5.97
N GLY B 251 -59.13 -26.03 4.93
CA GLY B 251 -58.95 -24.61 5.16
C GLY B 251 -58.47 -23.83 3.97
N VAL B 252 -58.38 -22.51 4.16
CA VAL B 252 -57.85 -21.56 3.13
C VAL B 252 -57.11 -20.48 3.88
N LEU B 253 -55.80 -20.40 3.64
CA LEU B 253 -54.91 -19.38 4.24
C LEU B 253 -54.34 -18.58 3.11
N THR B 254 -54.61 -17.27 3.13
CA THR B 254 -54.28 -16.48 1.98
C THR B 254 -52.89 -15.80 2.24
N ASN B 255 -51.99 -15.89 1.26
CA ASN B 255 -50.60 -15.33 1.36
C ASN B 255 -50.72 -14.03 0.55
N PRO B 256 -50.86 -12.89 1.20
CA PRO B 256 -51.29 -11.72 0.47
C PRO B 256 -50.11 -10.73 0.12
N ASN B 257 -50.41 -9.47 -0.22
CA ASN B 257 -49.40 -8.43 -0.58
C ASN B 257 -48.41 -8.23 0.54
N CYS B 258 -47.15 -7.93 0.20
CA CYS B 258 -46.09 -7.73 1.20
C CYS B 258 -46.38 -6.49 2.05
N GLU B 259 -47.05 -5.51 1.43
CA GLU B 259 -47.36 -4.28 2.10
C GLU B 259 -48.62 -4.45 2.92
N PHE B 260 -48.45 -4.45 4.22
CA PHE B 260 -49.52 -4.85 5.13
C PHE B 260 -50.88 -4.13 4.88
N GLU B 261 -50.87 -2.81 4.76
CA GLU B 261 -52.16 -2.09 4.76
C GLU B 261 -52.86 -2.32 3.42
N ALA B 262 -52.13 -2.84 2.40
CA ALA B 262 -52.78 -3.06 1.12
C ALA B 262 -53.68 -4.31 1.17
N ASN B 263 -53.67 -5.02 2.30
CA ASN B 263 -54.37 -6.27 2.34
C ASN B 263 -55.83 -6.20 2.89
N TYR B 264 -56.34 -5.00 3.05
CA TYR B 264 -57.71 -4.83 3.54
C TYR B 264 -58.72 -5.63 2.68
N VAL B 265 -58.67 -5.42 1.39
CA VAL B 265 -59.57 -6.10 0.48
C VAL B 265 -59.34 -7.59 0.34
N ALA B 266 -58.05 -7.99 0.19
CA ALA B 266 -57.72 -9.41 0.06
C ALA B 266 -58.36 -10.19 1.22
N ILE B 267 -58.29 -9.63 2.43
CA ILE B 267 -58.65 -10.41 3.66
C ILE B 267 -60.19 -10.31 3.94
N HIS B 268 -60.73 -9.10 3.77
CA HIS B 268 -62.16 -8.81 3.95
C HIS B 268 -62.98 -9.64 2.93
N THR B 269 -62.60 -9.65 1.66
CA THR B 269 -63.32 -10.50 0.69
C THR B 269 -63.16 -12.03 0.94
N LEU B 270 -62.00 -12.48 1.38
CA LEU B 270 -61.82 -13.88 1.79
C LEU B 270 -62.88 -14.21 2.92
N ALA B 271 -63.04 -13.30 3.89
CA ALA B 271 -63.96 -13.46 5.04
C ALA B 271 -65.43 -13.52 4.51
N THR B 272 -65.75 -12.63 3.58
CA THR B 272 -67.06 -12.63 2.94
C THR B 272 -67.27 -13.96 2.23
N TRP B 273 -66.28 -14.46 1.49
CA TRP B 273 -66.41 -15.76 0.85
C TRP B 273 -66.64 -16.89 1.88
N TYR B 274 -65.91 -16.82 2.99
CA TYR B 274 -65.99 -17.84 3.99
C TYR B 274 -67.38 -17.86 4.68
N LYS B 275 -67.93 -16.69 5.02
CA LYS B 275 -69.23 -16.49 5.68
C LYS B 275 -70.55 -16.60 4.82
N TYR B 316 -71.87 -16.24 -3.09
CA TYR B 316 -70.69 -15.32 -3.22
C TYR B 316 -70.52 -14.66 -4.60
N SER B 317 -70.55 -13.35 -4.60
CA SER B 317 -70.30 -12.57 -5.79
C SER B 317 -69.01 -11.71 -5.59
N PRO B 318 -67.99 -11.89 -6.41
CA PRO B 318 -66.75 -11.10 -6.17
C PRO B 318 -67.00 -9.57 -6.28
N GLN B 319 -67.81 -9.18 -7.26
CA GLN B 319 -68.22 -7.76 -7.39
C GLN B 319 -68.88 -7.23 -6.12
N MET B 320 -69.82 -7.98 -5.55
CA MET B 320 -70.49 -7.47 -4.30
C MET B 320 -69.53 -7.47 -3.13
N ALA B 321 -68.68 -8.49 -3.03
CA ALA B 321 -67.69 -8.55 -1.93
C ALA B 321 -66.77 -7.34 -2.08
N LEU B 322 -66.46 -6.97 -3.31
CA LEU B 322 -65.53 -5.84 -3.53
C LEU B 322 -66.18 -4.56 -3.07
N LYS B 323 -67.47 -4.47 -3.38
CA LYS B 323 -68.22 -3.27 -2.95
C LYS B 323 -68.26 -3.17 -1.45
N LEU B 324 -68.48 -4.30 -0.79
CA LEU B 324 -68.55 -4.33 0.67
C LEU B 324 -67.19 -3.90 1.29
N ALA B 325 -66.11 -4.49 0.79
CA ALA B 325 -64.79 -4.23 1.34
C ALA B 325 -64.37 -2.77 1.13
N LEU B 326 -64.55 -2.23 -0.10
CA LEU B 326 -64.14 -0.82 -0.37
C LEU B 326 -64.95 0.17 0.43
N THR B 327 -66.27 -0.10 0.55
CA THR B 327 -67.15 0.70 1.42
C THR B 327 -66.66 0.75 2.83
N GLU B 328 -66.34 -0.40 3.41
CA GLU B 328 -65.83 -0.36 4.77
C GLU B 328 -64.39 0.20 4.78
N TRP B 329 -63.59 -0.16 3.76
CA TRP B 329 -62.18 0.31 3.75
C TRP B 329 -62.17 1.87 3.81
N LEU B 330 -63.16 2.49 3.13
CA LEU B 330 -63.22 3.96 3.05
C LEU B 330 -63.15 4.69 4.39
N GLN B 331 -63.73 4.07 5.40
CA GLN B 331 -63.74 4.62 6.73
C GLN B 331 -62.36 4.77 7.39
N GLU B 332 -61.33 4.15 6.80
CA GLU B 332 -59.97 4.24 7.31
C GLU B 332 -59.17 5.45 6.77
N PHE B 333 -59.65 6.12 5.73
CA PHE B 333 -58.89 7.18 5.03
C PHE B 333 -59.24 8.63 5.39
N GLY B 334 -59.83 8.92 6.54
CA GLY B 334 -60.14 10.32 6.85
C GLY B 334 -58.90 11.24 6.97
N VAL B 335 -59.10 12.52 6.76
CA VAL B 335 -58.08 13.58 6.96
C VAL B 335 -57.70 13.76 8.44
N PRO B 336 -56.49 14.28 8.77
CA PRO B 336 -56.22 14.46 10.20
C PRO B 336 -57.09 15.55 10.86
N HIS B 337 -57.35 15.37 12.17
CA HIS B 337 -58.00 16.40 13.04
C HIS B 337 -57.10 17.61 13.10
N GLN B 338 -57.65 18.74 12.71
CA GLN B 338 -56.89 19.96 12.63
C GLN B 338 -57.39 21.04 13.64
N TYR B 339 -56.47 21.77 14.24
CA TYR B 339 -56.74 22.79 15.27
C TYR B 339 -56.39 24.17 14.80
N SER B 340 -55.80 24.32 13.63
CA SER B 340 -55.48 25.64 13.09
C SER B 340 -56.16 25.82 11.74
N SER B 352 -59.47 14.73 0.81
CA SER B 352 -59.92 13.39 1.36
C SER B 352 -60.51 12.26 0.42
N VAL B 353 -60.09 11.02 0.60
CA VAL B 353 -60.40 9.99 -0.42
C VAL B 353 -61.92 9.72 -0.52
N THR B 354 -62.45 9.55 -1.74
CA THR B 354 -63.84 9.08 -1.90
C THR B 354 -63.91 7.61 -2.27
N LEU B 355 -65.16 7.10 -2.30
CA LEU B 355 -65.38 5.72 -2.72
C LEU B 355 -64.93 5.50 -4.15
N GLU B 356 -65.18 6.48 -5.01
CA GLU B 356 -64.87 6.37 -6.44
C GLU B 356 -63.34 6.36 -6.63
N ASP B 357 -62.63 7.09 -5.77
CA ASP B 357 -61.16 7.03 -5.72
C ASP B 357 -60.65 5.61 -5.44
N LEU B 358 -61.25 4.95 -4.42
CA LEU B 358 -60.94 3.56 -4.04
C LEU B 358 -61.28 2.58 -5.16
N GLN B 359 -62.44 2.76 -5.80
CA GLN B 359 -62.84 1.92 -6.90
C GLN B 359 -61.86 2.04 -8.03
N LEU B 360 -61.44 3.27 -8.32
CA LEU B 360 -60.46 3.44 -9.40
C LEU B 360 -59.12 2.77 -8.99
N LEU B 361 -58.65 3.02 -7.75
CA LEU B 361 -57.40 2.43 -7.27
C LEU B 361 -57.36 0.90 -7.41
N ALA B 362 -58.43 0.24 -6.89
CA ALA B 362 -58.54 -1.22 -6.97
C ALA B 362 -58.58 -1.68 -8.44
N ASP B 363 -59.20 -0.93 -9.34
CA ASP B 363 -59.23 -1.36 -10.73
C ASP B 363 -57.89 -1.26 -11.41
N LEU B 364 -57.03 -0.38 -10.92
CA LEU B 364 -55.72 -0.17 -11.52
C LEU B 364 -54.78 -1.26 -10.98
N PHE B 365 -55.07 -1.77 -9.77
CA PHE B 365 -54.20 -2.79 -9.13
C PHE B 365 -55.10 -3.93 -8.68
N TYR B 366 -55.56 -4.76 -9.63
CA TYR B 366 -56.75 -5.60 -9.37
C TYR B 366 -56.37 -7.03 -8.99
N LEU B 367 -56.18 -7.89 -9.97
CA LEU B 367 -55.88 -9.35 -9.78
C LEU B 367 -54.79 -9.79 -10.72
N PRO B 368 -54.12 -10.90 -10.40
CA PRO B 368 -52.96 -11.27 -11.17
C PRO B 368 -53.36 -11.63 -12.61
N TYR B 369 -54.59 -12.06 -12.82
CA TYR B 369 -54.96 -12.42 -14.20
C TYR B 369 -56.03 -11.53 -14.76
N GLU B 370 -56.32 -10.42 -14.11
CA GLU B 370 -57.31 -9.51 -14.70
C GLU B 370 -57.20 -8.11 -14.10
N HIS B 371 -57.50 -7.11 -14.94
CA HIS B 371 -57.57 -5.69 -14.53
C HIS B 371 -58.98 -5.42 -14.18
N GLY B 372 -59.23 -4.46 -13.30
CA GLY B 372 -60.57 -4.05 -12.98
C GLY B 372 -61.17 -3.24 -14.14
N PRO B 373 -62.52 -3.07 -14.17
CA PRO B 373 -63.24 -2.44 -15.31
C PRO B 373 -62.70 -1.07 -15.74
N LYS B 374 -62.48 -0.16 -14.81
CA LYS B 374 -61.96 1.18 -15.12
C LYS B 374 -60.55 1.19 -15.67
N GLY B 375 -59.73 0.21 -15.28
CA GLY B 375 -58.40 0.01 -15.83
C GLY B 375 -58.36 -0.52 -17.24
N ALA B 376 -59.12 -1.59 -17.54
CA ALA B 376 -59.24 -2.16 -18.89
C ALA B 376 -59.82 -1.09 -19.86
N GLN B 377 -60.75 -0.31 -19.35
CA GLN B 377 -61.38 0.75 -20.11
C GLN B 377 -60.39 1.88 -20.49
N MET B 378 -59.60 2.37 -19.55
CA MET B 378 -58.60 3.38 -19.86
C MET B 378 -57.62 2.85 -20.87
N LEU B 379 -57.20 1.62 -20.67
CA LEU B 379 -56.24 0.98 -21.55
C LEU B 379 -56.74 0.83 -22.98
N ARG B 380 -57.99 0.46 -23.17
CA ARG B 380 -58.58 0.35 -24.51
C ARG B 380 -58.78 1.75 -25.16
N GLU B 381 -59.20 2.73 -24.37
CA GLU B 381 -59.30 4.09 -24.89
C GLU B 381 -57.94 4.63 -25.36
N PHE B 382 -56.91 4.42 -24.55
CA PHE B 382 -55.58 4.86 -24.94
C PHE B 382 -55.13 4.17 -26.24
N GLN B 383 -55.30 2.86 -26.30
CA GLN B 383 -54.99 2.07 -27.48
C GLN B 383 -55.66 2.70 -28.70
N TRP B 384 -56.98 2.89 -28.61
CA TRP B 384 -57.77 3.50 -29.67
C TRP B 384 -57.20 4.88 -30.11
N LEU B 385 -57.01 5.81 -29.16
CA LEU B 385 -56.45 7.14 -29.42
C LEU B 385 -55.11 7.13 -30.20
N ARG B 386 -54.20 6.29 -29.76
CA ARG B 386 -52.91 6.11 -30.36
C ARG B 386 -53.00 5.52 -31.77
N ALA B 387 -53.95 4.59 -32.00
CA ALA B 387 -54.06 3.87 -33.27
C ALA B 387 -54.79 4.74 -34.32
N ASN B 388 -55.63 5.67 -33.84
CA ASN B 388 -56.38 6.55 -34.68
C ASN B 388 -55.81 7.97 -34.76
N SER B 389 -54.55 8.15 -34.36
CA SER B 389 -54.02 9.52 -34.23
C SER B 389 -53.68 10.30 -35.55
N SER B 390 -53.47 9.59 -36.66
CA SER B 390 -53.23 10.22 -38.00
C SER B 390 -54.39 11.17 -38.35
N VAL B 391 -55.55 10.93 -37.78
CA VAL B 391 -56.72 11.75 -37.98
C VAL B 391 -56.56 13.21 -37.50
N VAL B 392 -55.44 13.55 -36.85
CA VAL B 392 -55.23 14.91 -36.26
C VAL B 392 -53.78 15.46 -36.36
N LYS B 403 -64.99 12.34 -37.49
CA LYS B 403 -63.72 11.64 -37.66
C LYS B 403 -62.63 12.34 -36.80
N ILE B 404 -62.34 13.61 -37.10
CA ILE B 404 -61.57 14.48 -36.17
C ILE B 404 -62.37 14.72 -34.88
N GLU B 405 -63.61 15.17 -35.01
CA GLU B 405 -64.48 15.44 -33.85
C GLU B 405 -64.63 14.25 -32.88
N GLU B 406 -64.64 13.03 -33.40
CA GLU B 406 -64.76 11.83 -32.57
C GLU B 406 -63.46 11.68 -31.72
N TRP B 407 -62.29 11.78 -32.37
CA TRP B 407 -60.98 11.74 -31.72
C TRP B 407 -60.84 12.80 -30.60
N ARG B 408 -61.24 14.04 -30.84
CA ARG B 408 -61.17 15.12 -29.84
C ARG B 408 -62.09 14.91 -28.65
N SER B 409 -63.32 14.49 -28.92
CA SER B 409 -64.27 14.20 -27.88
C SER B 409 -63.72 13.07 -26.96
N ARG B 410 -63.19 12.04 -27.59
CA ARG B 410 -62.62 10.94 -26.89
C ARG B 410 -61.24 11.25 -26.18
N ALA B 411 -60.39 12.09 -26.80
CA ALA B 411 -59.14 12.56 -26.17
C ALA B 411 -59.43 13.32 -24.91
N ALA B 412 -60.47 14.18 -24.95
CA ALA B 412 -60.85 15.04 -23.82
C ALA B 412 -61.40 14.25 -22.63
N LYS B 413 -62.21 13.22 -22.93
CA LYS B 413 -62.72 12.44 -21.84
C LYS B 413 -61.61 11.54 -21.28
N PHE B 414 -60.69 11.11 -22.14
CA PHE B 414 -59.58 10.30 -21.68
C PHE B 414 -58.66 11.12 -20.77
N GLU B 415 -58.41 12.36 -21.16
CA GLU B 415 -57.62 13.27 -20.33
C GLU B 415 -58.23 13.50 -18.94
N GLU B 416 -59.57 13.55 -18.90
CA GLU B 416 -60.33 13.59 -17.67
C GLU B 416 -60.21 12.31 -16.82
N MET B 417 -60.24 11.12 -17.44
CA MET B 417 -59.91 9.86 -16.69
C MET B 417 -58.49 9.95 -16.06
N CYS B 418 -57.52 10.47 -16.79
CA CYS B 418 -56.15 10.62 -16.28
C CYS B 418 -56.12 11.54 -15.06
N GLY B 419 -56.85 12.66 -15.13
CA GLY B 419 -56.97 13.56 -13.99
C GLY B 419 -57.57 12.89 -12.74
N LEU B 420 -58.55 11.99 -12.91
CA LEU B 420 -59.09 11.26 -11.73
C LEU B 420 -57.98 10.43 -11.00
N VAL B 421 -57.06 9.87 -11.78
CA VAL B 421 -55.92 9.12 -11.26
C VAL B 421 -55.06 10.01 -10.42
N MET B 422 -54.70 11.17 -10.97
CA MET B 422 -53.89 12.16 -10.30
C MET B 422 -54.64 12.76 -9.07
N GLY B 423 -55.96 12.99 -9.18
CA GLY B 423 -56.73 13.48 -8.00
C GLY B 423 -56.85 12.42 -6.87
N MET B 424 -56.93 11.15 -7.24
CA MET B 424 -56.90 10.05 -6.26
C MET B 424 -55.56 10.08 -5.45
N PHE B 425 -54.44 10.30 -6.13
CA PHE B 425 -53.17 10.36 -5.45
C PHE B 425 -53.10 11.55 -4.49
N THR B 426 -53.51 12.70 -4.97
CA THR B 426 -53.56 13.92 -4.15
C THR B 426 -54.39 13.71 -2.89
N ARG B 427 -55.58 13.15 -3.03
CA ARG B 427 -56.40 12.95 -1.83
C ARG B 427 -55.85 11.87 -0.88
N LEU B 428 -55.34 10.78 -1.44
CA LEU B 428 -54.68 9.73 -0.64
C LEU B 428 -53.53 10.34 0.18
N SER B 429 -52.83 11.32 -0.37
CA SER B 429 -51.75 12.05 0.38
C SER B 429 -52.22 12.88 1.55
N ASN B 430 -53.53 13.17 1.65
CA ASN B 430 -54.10 13.85 2.83
C ASN B 430 -54.61 12.95 3.91
N CYS B 431 -54.46 11.66 3.73
CA CYS B 431 -54.97 10.66 4.64
C CYS B 431 -54.32 10.76 6.05
N ALA B 432 -55.11 10.57 7.12
CA ALA B 432 -54.55 10.68 8.48
C ALA B 432 -53.79 9.42 8.85
N ASN B 433 -54.18 8.28 8.29
CA ASN B 433 -53.51 7.03 8.64
C ASN B 433 -52.31 6.96 7.66
N ARG B 434 -51.18 7.44 8.16
CA ARG B 434 -50.01 7.67 7.30
C ARG B 434 -49.46 6.32 6.82
N THR B 435 -49.64 5.28 7.64
CA THR B 435 -49.24 3.91 7.37
C THR B 435 -49.90 3.36 6.08
N ILE B 436 -51.18 3.71 5.87
CA ILE B 436 -51.88 3.26 4.71
C ILE B 436 -51.25 3.96 3.55
N LEU B 437 -51.09 5.29 3.64
CA LEU B 437 -50.42 6.02 2.55
C LEU B 437 -48.96 5.44 2.24
N TYR B 438 -48.17 5.23 3.28
CA TYR B 438 -46.80 4.75 3.08
C TYR B 438 -46.74 3.36 2.47
N ASP B 439 -47.63 2.48 2.87
CA ASP B 439 -47.60 1.13 2.31
C ASP B 439 -47.90 1.09 0.83
N MET B 440 -48.76 2.00 0.38
CA MET B 440 -49.14 1.98 -1.03
C MET B 440 -48.40 2.97 -1.90
N TYR B 441 -47.59 3.82 -1.27
CA TYR B 441 -47.10 5.04 -1.88
C TYR B 441 -46.48 4.78 -3.22
N SER B 442 -45.66 3.76 -3.29
CA SER B 442 -44.84 3.70 -4.51
C SER B 442 -45.64 3.16 -5.69
N TYR B 443 -46.67 2.40 -5.41
CA TYR B 443 -47.61 1.92 -6.42
C TYR B 443 -48.48 3.08 -6.92
N VAL B 444 -49.02 3.88 -6.03
CA VAL B 444 -49.86 5.01 -6.41
C VAL B 444 -49.04 6.11 -7.12
N TRP B 445 -47.83 6.41 -6.63
CA TRP B 445 -46.95 7.38 -7.30
C TRP B 445 -46.64 6.91 -8.74
N ASP B 446 -46.34 5.62 -8.85
CA ASP B 446 -46.01 5.04 -10.18
C ASP B 446 -47.15 5.20 -11.18
N ILE B 447 -48.37 4.82 -10.80
CA ILE B 447 -49.54 4.93 -11.73
C ILE B 447 -49.90 6.40 -12.05
N LYS B 448 -49.85 7.30 -11.06
CA LYS B 448 -50.12 8.73 -11.28
C LYS B 448 -49.06 9.26 -12.24
N SER B 449 -47.83 8.84 -12.04
CA SER B 449 -46.74 9.34 -12.89
C SER B 449 -46.82 8.83 -14.37
N ILE B 450 -47.13 7.56 -14.56
CA ILE B 450 -47.36 7.04 -15.87
C ILE B 450 -48.58 7.71 -16.45
N MET B 451 -49.67 7.90 -15.69
CA MET B 451 -50.90 8.46 -16.30
C MET B 451 -50.71 9.92 -16.74
N SER B 452 -49.87 10.64 -15.98
CA SER B 452 -49.52 12.00 -16.28
C SER B 452 -48.72 12.05 -17.59
N MET B 453 -47.84 11.08 -17.79
CA MET B 453 -47.06 10.99 -19.01
C MET B 453 -47.98 10.60 -20.18
N VAL B 454 -48.92 9.70 -19.91
CA VAL B 454 -49.87 9.26 -20.97
C VAL B 454 -50.78 10.41 -21.41
N LYS B 455 -51.21 11.22 -20.44
CA LYS B 455 -52.10 12.36 -20.70
C LYS B 455 -51.34 13.41 -21.56
N SER B 456 -50.05 13.63 -21.24
CA SER B 456 -49.20 14.50 -22.06
C SER B 456 -49.00 14.00 -23.49
N PHE B 457 -48.69 12.71 -23.64
CA PHE B 457 -48.59 12.06 -24.92
C PHE B 457 -49.87 12.22 -25.75
N VAL B 458 -51.02 12.11 -25.13
CA VAL B 458 -52.29 12.29 -25.86
C VAL B 458 -52.47 13.76 -26.29
N GLN B 459 -52.08 14.72 -25.42
CA GLN B 459 -52.08 16.15 -25.79
C GLN B 459 -51.16 16.44 -26.99
N TRP B 460 -49.93 15.93 -26.94
CA TRP B 460 -48.98 15.99 -28.03
C TRP B 460 -49.61 15.54 -29.36
N LEU B 461 -50.20 14.33 -29.41
CA LEU B 461 -50.82 13.76 -30.60
C LEU B 461 -51.93 14.61 -31.24
N GLY B 462 -52.63 15.38 -30.43
CA GLY B 462 -53.70 16.24 -30.86
C GLY B 462 -53.27 17.71 -31.01
N CYS B 463 -51.97 17.99 -30.98
CA CYS B 463 -51.45 19.37 -30.94
C CYS B 463 -51.01 19.75 -32.36
N ARG B 464 -51.60 20.84 -32.92
CA ARG B 464 -51.17 21.47 -34.24
C ARG B 464 -49.63 21.41 -34.40
N SER B 465 -48.92 22.07 -33.50
CA SER B 465 -47.51 21.93 -33.33
C SER B 465 -47.26 20.58 -32.60
N TRP B 479 -36.68 9.53 -18.18
CA TRP B 479 -37.55 8.52 -18.84
C TRP B 479 -36.87 7.61 -19.89
N ALA B 480 -35.72 8.05 -20.41
CA ALA B 480 -34.88 7.22 -21.29
C ALA B 480 -34.26 6.09 -20.47
N PHE B 481 -34.13 6.30 -19.15
CA PHE B 481 -33.60 5.28 -18.23
C PHE B 481 -34.67 4.70 -17.30
N ARG B 482 -35.95 4.96 -17.61
CA ARG B 482 -37.11 4.45 -16.88
C ARG B 482 -37.04 2.94 -16.51
N GLY B 483 -37.05 2.67 -15.22
CA GLY B 483 -36.87 1.31 -14.72
C GLY B 483 -35.39 0.92 -14.61
N GLY B 484 -34.46 1.79 -14.97
CA GLY B 484 -33.04 1.49 -14.77
C GLY B 484 -32.59 0.31 -15.63
N LEU B 485 -31.53 -0.36 -15.20
CA LEU B 485 -30.93 -1.41 -15.96
C LEU B 485 -31.93 -2.54 -16.15
N ALA B 486 -32.65 -2.93 -15.08
CA ALA B 486 -33.69 -3.93 -15.14
C ALA B 486 -34.65 -3.62 -16.27
N GLY B 487 -35.10 -2.36 -16.39
CA GLY B 487 -36.11 -1.96 -17.37
C GLY B 487 -35.54 -2.10 -18.80
N GLU B 488 -34.26 -1.76 -18.98
CA GLU B 488 -33.61 -1.91 -20.26
C GLU B 488 -33.50 -3.34 -20.76
N PHE B 489 -33.06 -4.24 -19.89
CA PHE B 489 -33.03 -5.62 -20.20
C PHE B 489 -34.45 -6.12 -20.51
N GLN B 490 -35.42 -5.72 -19.70
CA GLN B 490 -36.74 -6.18 -19.96
C GLN B 490 -37.25 -5.76 -21.35
N ARG B 491 -36.95 -4.50 -21.77
CA ARG B 491 -37.45 -3.98 -23.04
C ARG B 491 -36.78 -4.66 -24.24
N LEU B 492 -35.58 -5.20 -24.03
CA LEU B 492 -34.92 -6.02 -25.07
C LEU B 492 -35.44 -7.43 -25.22
N LEU B 493 -36.27 -7.94 -24.29
CA LEU B 493 -36.85 -9.28 -24.49
C LEU B 493 -37.95 -9.20 -25.54
N PRO B 494 -37.73 -9.80 -26.76
CA PRO B 494 -38.66 -9.60 -27.89
C PRO B 494 -40.06 -10.10 -27.56
N ILE B 495 -40.19 -10.72 -26.38
CA ILE B 495 -41.47 -11.23 -25.88
C ILE B 495 -42.17 -10.23 -24.98
N ASP B 496 -41.45 -9.19 -24.55
CA ASP B 496 -41.99 -8.14 -23.63
C ASP B 496 -43.39 -7.66 -24.07
N GLY B 497 -44.32 -7.58 -23.11
CA GLY B 497 -45.71 -7.23 -23.43
C GLY B 497 -46.52 -8.29 -24.17
N ALA B 498 -45.98 -9.51 -24.35
CA ALA B 498 -46.69 -10.66 -25.00
C ALA B 498 -48.10 -10.91 -24.42
N ASN B 499 -48.25 -10.75 -23.09
CA ASN B 499 -49.58 -10.91 -22.46
C ASN B 499 -50.46 -9.66 -22.34
N ASP B 500 -50.15 -8.56 -23.07
CA ASP B 500 -50.88 -7.26 -22.89
C ASP B 500 -52.25 -7.21 -23.58
N HIS C 1 62.52 31.58 12.15
CA HIS C 1 62.46 30.10 12.41
C HIS C 1 61.73 29.25 11.29
N PHE C 2 62.49 28.38 10.62
CA PHE C 2 61.96 27.53 9.52
C PHE C 2 60.99 26.43 10.04
N LEU C 3 59.74 26.40 9.56
CA LEU C 3 58.75 25.36 10.03
C LEU C 3 58.92 24.08 9.20
N CYS C 4 59.34 22.98 9.80
CA CYS C 4 59.49 21.76 9.02
C CYS C 4 58.88 20.57 9.79
N GLY C 5 58.00 19.84 9.12
CA GLY C 5 57.30 18.71 9.75
C GLY C 5 56.13 18.19 8.95
N VAL C 6 55.05 17.85 9.66
CA VAL C 6 53.89 17.17 9.05
C VAL C 6 52.64 17.96 9.30
N VAL C 7 51.83 18.00 8.26
CA VAL C 7 50.43 18.42 8.42
C VAL C 7 49.58 17.17 8.28
N GLU C 8 48.74 16.92 9.27
CA GLU C 8 47.65 15.96 9.17
C GLU C 8 46.48 16.71 8.50
N GLY C 9 46.48 16.76 7.16
CA GLY C 9 45.54 17.62 6.48
C GLY C 9 44.72 16.86 5.41
N PHE C 10 44.65 15.53 5.49
CA PHE C 10 44.03 14.71 4.45
C PHE C 10 42.56 14.47 4.75
N TYR C 11 41.84 13.98 3.71
CA TYR C 11 40.43 13.58 3.82
C TYR C 11 40.40 12.12 4.29
N GLY C 12 39.41 11.80 5.09
CA GLY C 12 39.19 10.42 5.56
C GLY C 12 39.43 10.29 7.08
N ARG C 13 39.70 9.07 7.51
CA ARG C 13 39.84 8.68 8.87
C ARG C 13 41.04 9.41 9.44
N PRO C 14 40.85 10.25 10.46
CA PRO C 14 42.00 10.92 11.07
C PRO C 14 42.88 9.96 11.88
N TRP C 15 44.13 10.35 12.15
CA TRP C 15 44.96 9.61 13.12
C TRP C 15 44.36 9.75 14.50
N VAL C 16 44.64 8.77 15.38
CA VAL C 16 44.13 8.83 16.73
C VAL C 16 45.28 9.34 17.64
N MET C 17 44.98 9.51 18.94
CA MET C 17 45.87 10.26 19.82
C MET C 17 47.26 9.62 20.03
N GLU C 18 47.30 8.30 20.16
CA GLU C 18 48.54 7.61 20.34
C GLU C 18 49.37 7.59 19.04
N GLN C 19 48.73 7.64 17.86
CA GLN C 19 49.47 7.71 16.62
C GLN C 19 50.09 9.07 16.58
N ARG C 20 49.32 10.08 16.92
CA ARG C 20 49.84 11.44 16.95
C ARG C 20 51.05 11.64 17.91
N LYS C 21 51.00 11.00 19.09
CA LYS C 21 52.10 11.06 20.08
C LYS C 21 53.34 10.44 19.52
N GLU C 22 53.19 9.31 18.87
CA GLU C 22 54.25 8.61 18.23
C GLU C 22 54.84 9.47 17.10
N LEU C 23 53.98 10.25 16.44
CA LEU C 23 54.44 11.06 15.33
C LEU C 23 55.41 12.12 15.93
N PHE C 24 55.02 12.74 17.05
CA PHE C 24 55.86 13.75 17.67
C PHE C 24 57.23 13.19 18.04
N ARG C 25 57.25 11.97 18.55
CA ARG C 25 58.45 11.26 18.90
C ARG C 25 59.33 11.10 17.68
N ARG C 26 58.73 10.72 16.54
CA ARG C 26 59.48 10.59 15.29
C ARG C 26 59.98 11.92 14.81
N LEU C 27 59.14 12.96 14.89
CA LEU C 27 59.53 14.27 14.36
C LEU C 27 60.80 14.77 15.15
N GLN C 28 60.76 14.61 16.49
CA GLN C 28 61.80 15.05 17.39
C GLN C 28 63.06 14.30 17.07
N LYS C 29 62.94 12.99 17.07
CA LYS C 29 64.08 12.12 16.83
C LYS C 29 64.82 12.50 15.55
N TRP C 30 64.07 12.87 14.49
CA TRP C 30 64.70 13.24 13.19
C TRP C 30 64.89 14.74 12.99
N GLU C 31 64.72 15.51 14.07
CA GLU C 31 65.02 16.96 14.09
C GLU C 31 64.03 17.77 13.25
N LEU C 32 62.78 17.31 13.15
CA LEU C 32 61.75 18.16 12.57
C LEU C 32 61.12 18.92 13.72
N ASN C 33 60.26 19.90 13.46
CA ASN C 33 59.91 20.79 14.59
C ASN C 33 58.46 21.18 14.68
N THR C 34 57.64 20.76 13.71
CA THR C 34 56.27 21.31 13.54
C THR C 34 55.22 20.25 13.17
N TYR C 35 54.04 20.42 13.76
CA TYR C 35 52.84 19.65 13.48
C TYR C 35 51.65 20.58 13.26
N LEU C 36 51.07 20.51 12.08
CA LEU C 36 49.85 21.27 11.82
C LEU C 36 48.66 20.31 11.90
N TYR C 37 47.72 20.65 12.75
CA TYR C 37 46.55 19.82 12.98
C TYR C 37 45.43 20.28 12.07
N ALA C 38 45.10 19.49 11.02
CA ALA C 38 44.07 19.93 10.05
C ALA C 38 43.27 18.77 9.33
N PRO C 39 42.82 17.73 10.06
CA PRO C 39 42.23 16.62 9.32
C PRO C 39 40.85 17.03 8.82
N LYS C 40 40.67 16.93 7.51
CA LYS C 40 39.45 17.41 6.83
C LYS C 40 38.14 16.85 7.42
N ASP C 41 38.19 15.60 7.90
CA ASP C 41 37.02 14.92 8.42
C ASP C 41 37.05 14.67 9.94
N ASP C 42 37.90 15.38 10.68
CA ASP C 42 37.66 15.53 12.17
C ASP C 42 36.55 16.60 12.24
N TYR C 43 35.36 16.18 12.68
CA TYR C 43 34.15 17.01 12.41
C TYR C 43 34.19 18.43 13.04
N LYS C 44 34.91 18.61 14.15
CA LYS C 44 34.95 19.98 14.79
C LYS C 44 36.04 20.84 14.19
N HIS C 45 36.85 20.27 13.29
CA HIS C 45 37.86 21.08 12.59
C HIS C 45 37.23 21.83 11.38
N ARG C 46 36.15 21.27 10.79
CA ARG C 46 35.63 21.79 9.47
C ARG C 46 34.10 21.69 9.34
N MET C 47 33.57 20.49 9.22
CA MET C 47 32.14 20.31 9.02
C MET C 47 31.28 21.03 10.08
N PHE C 48 31.69 20.95 11.36
CA PHE C 48 30.97 21.58 12.44
C PHE C 48 31.96 22.40 13.27
N TRP C 49 32.63 23.33 12.58
CA TRP C 49 33.72 24.11 13.15
C TRP C 49 33.21 25.08 14.25
N ARG C 50 31.92 25.37 14.26
CA ARG C 50 31.38 26.23 15.31
C ARG C 50 31.40 25.51 16.66
N GLU C 51 31.33 24.17 16.66
CA GLU C 51 31.19 23.41 17.89
C GLU C 51 32.41 23.35 18.84
N MET C 52 32.14 23.55 20.12
CA MET C 52 33.18 23.54 21.19
C MET C 52 33.55 22.11 21.41
N TYR C 53 34.82 21.86 21.78
CA TYR C 53 35.13 20.50 22.23
C TYR C 53 34.36 20.18 23.49
N SER C 54 33.85 18.97 23.58
CA SER C 54 33.25 18.45 24.82
C SER C 54 34.34 18.27 25.89
N VAL C 55 33.90 18.05 27.14
CA VAL C 55 34.80 17.83 28.29
C VAL C 55 35.82 16.72 27.98
N GLU C 56 35.34 15.59 27.45
CA GLU C 56 36.18 14.44 27.13
C GLU C 56 37.16 14.76 25.94
N GLU C 57 36.64 15.39 24.88
CA GLU C 57 37.50 15.86 23.80
C GLU C 57 38.53 16.84 24.29
N ALA C 58 38.15 17.77 25.18
CA ALA C 58 39.07 18.80 25.66
C ALA C 58 40.27 18.21 26.44
N GLU C 59 40.01 17.23 27.32
CA GLU C 59 41.05 16.46 27.98
C GLU C 59 42.01 15.78 26.94
N GLN C 60 41.47 15.02 25.97
CA GLN C 60 42.27 14.41 24.94
C GLN C 60 43.19 15.45 24.21
N LEU C 61 42.65 16.60 23.83
CA LEU C 61 43.41 17.58 23.09
C LEU C 61 44.46 18.24 23.95
N MET C 62 44.11 18.48 25.22
CA MET C 62 45.04 19.09 26.14
C MET C 62 46.20 18.13 26.36
N THR C 63 45.89 16.87 26.53
CA THR C 63 46.92 15.85 26.63
C THR C 63 47.83 15.81 25.39
N LEU C 64 47.23 16.01 24.21
CA LEU C 64 47.99 15.91 22.97
C LEU C 64 48.91 17.10 22.87
N ILE C 65 48.38 18.28 23.18
CA ILE C 65 49.15 19.54 23.12
C ILE C 65 50.35 19.48 24.10
N SER C 66 50.15 18.86 25.27
CA SER C 66 51.23 18.62 26.27
C SER C 66 52.29 17.70 25.75
N ALA C 67 51.87 16.60 25.12
CA ALA C 67 52.81 15.70 24.44
C ALA C 67 53.61 16.46 23.42
N ALA C 68 52.98 17.32 22.59
CA ALA C 68 53.84 18.06 21.61
C ALA C 68 54.92 18.89 22.29
N ARG C 69 54.54 19.59 23.36
CA ARG C 69 55.47 20.46 24.09
C ARG C 69 56.57 19.61 24.74
N GLU C 70 56.20 18.43 25.26
CA GLU C 70 57.14 17.47 25.82
C GLU C 70 58.20 16.94 24.82
N TYR C 71 57.83 16.81 23.53
CA TYR C 71 58.76 16.41 22.45
C TYR C 71 59.29 17.56 21.62
N GLU C 72 59.07 18.79 22.11
CA GLU C 72 59.59 20.01 21.45
C GLU C 72 59.06 20.16 20.04
N ILE C 73 57.79 19.83 19.82
CA ILE C 73 57.17 20.07 18.52
C ILE C 73 56.16 21.20 18.65
N GLU C 74 56.24 22.18 17.76
CA GLU C 74 55.26 23.23 17.79
C GLU C 74 53.91 22.71 17.21
N PHE C 75 52.85 22.86 18.00
CA PHE C 75 51.56 22.39 17.63
C PHE C 75 50.79 23.55 17.06
N ILE C 76 50.51 23.53 15.75
CA ILE C 76 49.62 24.53 15.14
C ILE C 76 48.17 23.96 14.98
N TYR C 77 47.19 24.59 15.61
CA TYR C 77 45.83 24.19 15.53
C TYR C 77 45.12 24.87 14.39
N ALA C 78 44.59 24.12 13.42
CA ALA C 78 43.95 24.78 12.27
C ALA C 78 42.49 24.69 12.45
N ILE C 79 41.75 25.60 11.82
CA ILE C 79 40.31 25.47 11.73
C ILE C 79 39.91 25.87 10.27
N SER C 80 38.82 25.28 9.72
CA SER C 80 38.36 25.45 8.34
C SER C 80 36.88 25.85 8.30
N PRO C 81 36.60 27.14 8.35
CA PRO C 81 35.21 27.59 8.54
C PRO C 81 34.49 27.97 7.24
N GLY C 82 35.21 27.93 6.14
CA GLY C 82 34.76 28.48 4.86
C GLY C 82 33.58 27.80 4.18
N LEU C 83 33.16 26.63 4.59
CA LEU C 83 32.03 26.04 3.88
C LEU C 83 30.72 26.80 4.07
N ASP C 84 30.55 27.47 5.23
CA ASP C 84 29.23 28.01 5.59
C ASP C 84 29.30 29.24 6.49
N ILE C 85 30.49 29.78 6.77
CA ILE C 85 30.58 30.99 7.58
C ILE C 85 29.94 32.17 6.80
N THR C 86 29.28 33.07 7.53
CA THR C 86 28.92 34.41 7.00
C THR C 86 29.95 35.36 7.58
N PHE C 87 30.85 35.80 6.72
CA PHE C 87 32.03 36.55 7.14
C PHE C 87 31.72 37.88 7.84
N SER C 88 30.61 38.51 7.43
CA SER C 88 30.19 39.80 7.98
C SER C 88 29.31 39.68 9.23
N ASN C 89 28.74 38.51 9.51
CA ASN C 89 27.79 38.36 10.62
C ASN C 89 28.54 38.43 11.95
N PRO C 90 28.08 39.33 12.88
CA PRO C 90 28.78 39.52 14.17
C PRO C 90 28.99 38.24 14.98
N LYS C 91 27.92 37.45 15.04
CA LYS C 91 27.78 36.19 15.76
C LYS C 91 28.76 35.08 15.23
N GLU C 92 29.07 35.13 13.93
CA GLU C 92 29.99 34.17 13.29
C GLU C 92 31.40 34.45 13.77
N VAL C 93 31.81 35.72 13.65
CA VAL C 93 33.16 36.17 14.10
C VAL C 93 33.43 35.84 15.58
N SER C 94 32.41 35.99 16.41
CA SER C 94 32.60 35.69 17.80
C SER C 94 32.56 34.18 18.06
N THR C 95 31.72 33.43 17.34
CA THR C 95 31.77 31.96 17.44
C THR C 95 33.19 31.45 17.13
N LEU C 96 33.83 32.05 16.15
CA LEU C 96 35.18 31.65 15.77
C LEU C 96 36.22 32.00 16.83
N LYS C 97 36.16 33.25 17.31
CA LYS C 97 36.93 33.68 18.52
C LYS C 97 36.69 32.76 19.70
N ARG C 98 35.44 32.43 19.98
CA ARG C 98 35.13 31.56 21.09
C ARG C 98 35.82 30.14 20.87
N LYS C 99 35.70 29.58 19.65
CA LYS C 99 36.30 28.27 19.35
C LYS C 99 37.79 28.33 19.57
N LEU C 100 38.44 29.32 19.01
CA LEU C 100 39.88 29.42 19.10
C LEU C 100 40.40 29.70 20.54
N ASP C 101 39.61 30.43 21.36
CA ASP C 101 39.98 30.73 22.74
C ASP C 101 40.00 29.43 23.53
N GLN C 102 38.97 28.59 23.33
CA GLN C 102 38.92 27.26 23.98
C GLN C 102 40.21 26.48 23.75
N VAL C 103 40.74 26.53 22.52
CA VAL C 103 41.89 25.72 22.16
C VAL C 103 43.14 26.34 22.77
N SER C 104 43.21 27.66 22.74
CA SER C 104 44.27 28.41 23.48
C SER C 104 44.33 28.05 24.98
N GLN C 105 43.18 27.86 25.62
CA GLN C 105 43.07 27.35 26.99
C GLN C 105 43.54 25.94 27.19
N PHE C 106 43.69 25.18 26.09
CA PHE C 106 44.32 23.85 26.18
C PHE C 106 45.85 23.94 26.17
N GLY C 107 46.41 25.11 25.93
CA GLY C 107 47.88 25.21 25.84
C GLY C 107 48.40 25.58 24.46
N CYS C 108 47.51 25.70 23.46
CA CYS C 108 47.96 25.92 22.09
C CYS C 108 48.32 27.38 21.92
N ARG C 109 49.42 27.64 21.26
CA ARG C 109 49.92 29.00 21.06
C ARG C 109 50.04 29.39 19.56
N SER C 110 49.83 28.44 18.64
CA SER C 110 49.94 28.70 17.21
C SER C 110 48.68 28.18 16.49
N PHE C 111 48.24 28.91 15.47
CA PHE C 111 46.91 28.68 14.93
C PHE C 111 46.95 28.82 13.42
N ALA C 112 45.91 28.35 12.73
CA ALA C 112 45.75 28.53 11.29
C ALA C 112 44.27 28.64 10.91
N LEU C 113 43.97 29.51 9.93
CA LEU C 113 42.69 29.55 9.25
C LEU C 113 42.92 29.02 7.81
N LEU C 114 42.16 28.01 7.44
CA LEU C 114 42.32 27.37 6.12
C LEU C 114 41.07 27.66 5.29
N PHE C 115 41.28 28.14 4.07
CA PHE C 115 40.14 28.42 3.17
C PHE C 115 40.26 27.64 1.83
N ASP C 116 40.95 26.49 1.84
CA ASP C 116 41.10 25.68 0.68
C ASP C 116 39.82 24.88 0.43
N ASN C 117 39.57 24.52 -0.84
CA ASN C 117 38.48 23.59 -1.21
C ASN C 117 37.08 23.98 -0.73
N ILE C 118 36.73 25.24 -0.98
CA ILE C 118 35.35 25.74 -0.71
C ILE C 118 34.88 26.45 -1.99
N ASP C 119 33.55 26.60 -2.14
CA ASP C 119 32.95 27.45 -3.22
C ASP C 119 33.48 28.88 -3.15
N HIS C 120 33.98 29.34 -4.29
CA HIS C 120 34.50 30.71 -4.46
C HIS C 120 33.43 31.86 -4.44
N ASN C 121 32.16 31.59 -4.10
CA ASN C 121 31.20 32.71 -3.99
C ASN C 121 30.69 33.03 -2.58
N MET C 122 30.19 34.26 -2.42
CA MET C 122 29.68 34.74 -1.15
C MET C 122 28.16 34.85 -1.17
N CYS C 123 27.55 34.69 0.02
CA CYS C 123 26.11 34.94 0.24
C CYS C 123 25.79 36.45 0.08
N ALA C 124 24.50 36.78 -0.03
CA ALA C 124 24.12 38.15 -0.31
C ALA C 124 24.66 39.08 0.76
N ALA C 125 24.58 38.65 2.02
CA ALA C 125 25.01 39.47 3.17
C ALA C 125 26.48 39.90 3.07
N ASP C 126 27.39 38.98 2.73
CA ASP C 126 28.82 39.34 2.65
C ASP C 126 29.09 40.18 1.43
N LYS C 127 28.23 40.02 0.43
CA LYS C 127 28.38 40.80 -0.80
C LYS C 127 28.09 42.30 -0.61
N GLU C 128 27.17 42.63 0.32
CA GLU C 128 26.93 44.03 0.71
C GLU C 128 28.18 44.59 1.37
N VAL C 129 28.80 43.78 2.24
CA VAL C 129 29.92 44.24 3.08
C VAL C 129 31.30 44.26 2.41
N PHE C 130 31.64 43.21 1.68
CA PHE C 130 33.03 43.07 1.17
C PHE C 130 33.00 43.19 -0.32
N SER C 131 34.06 43.76 -0.89
CA SER C 131 34.10 43.94 -2.35
C SER C 131 34.43 42.63 -3.12
N SER C 132 35.11 41.69 -2.43
CA SER C 132 35.46 40.37 -2.96
C SER C 132 35.58 39.31 -1.87
N PHE C 133 35.66 38.05 -2.31
CA PHE C 133 35.91 36.90 -1.45
C PHE C 133 37.19 37.08 -0.60
N ALA C 134 38.28 37.42 -1.27
CA ALA C 134 39.56 37.63 -0.64
C ALA C 134 39.48 38.66 0.47
N HIS C 135 38.66 39.70 0.27
CA HIS C 135 38.52 40.78 1.26
C HIS C 135 37.83 40.23 2.46
N ALA C 136 36.75 39.45 2.26
CA ALA C 136 36.04 38.80 3.37
C ALA C 136 37.01 37.90 4.18
N GLN C 137 37.80 37.07 3.49
CA GLN C 137 38.69 36.12 4.13
C GLN C 137 39.82 36.82 4.91
N VAL C 138 40.44 37.82 4.28
CA VAL C 138 41.58 38.53 4.90
C VAL C 138 41.14 39.39 6.11
N SER C 139 39.96 40.01 5.99
CA SER C 139 39.41 40.77 7.09
C SER C 139 39.15 39.87 8.32
N ILE C 140 38.38 38.77 8.16
CA ILE C 140 38.23 37.85 9.31
C ILE C 140 39.58 37.32 9.86
N THR C 141 40.57 37.07 8.99
CA THR C 141 41.87 36.50 9.40
C THR C 141 42.74 37.48 10.19
N ASN C 142 42.83 38.70 9.68
CA ASN C 142 43.54 39.80 10.39
C ASN C 142 42.95 40.05 11.75
N GLU C 143 41.61 40.11 11.81
CA GLU C 143 40.90 40.31 13.08
C GLU C 143 41.12 39.18 14.11
N ILE C 144 41.14 37.93 13.64
CA ILE C 144 41.44 36.82 14.52
C ILE C 144 42.89 36.86 15.01
N TYR C 145 43.80 37.09 14.09
CA TYR C 145 45.23 37.22 14.36
C TYR C 145 45.45 38.27 15.47
N GLN C 146 44.79 39.43 15.34
CA GLN C 146 44.90 40.51 16.35
C GLN C 146 44.26 40.14 17.67
N TYR C 147 43.04 39.62 17.60
CA TYR C 147 42.33 39.12 18.75
C TYR C 147 43.11 38.16 19.64
N LEU C 148 44.06 37.40 19.07
CA LEU C 148 44.80 36.35 19.78
C LEU C 148 46.16 36.85 20.22
N GLY C 149 46.40 38.16 20.09
CA GLY C 149 47.64 38.77 20.56
C GLY C 149 48.83 38.58 19.62
N GLU C 150 48.52 38.51 18.32
CA GLU C 150 49.49 38.27 17.24
C GLU C 150 50.44 37.13 17.58
N PRO C 151 49.94 35.86 17.65
CA PRO C 151 50.81 34.71 17.96
C PRO C 151 52.01 34.59 17.01
N GLU C 152 53.12 34.12 17.57
CA GLU C 152 54.36 33.98 16.83
C GLU C 152 54.13 33.22 15.49
N THR C 153 53.28 32.17 15.52
CA THR C 153 52.92 31.42 14.30
C THR C 153 51.44 31.46 14.01
N PHE C 154 51.09 32.06 12.89
CA PHE C 154 49.72 32.04 12.44
C PHE C 154 49.70 31.78 10.92
N LEU C 155 48.92 30.77 10.49
CA LEU C 155 48.91 30.40 9.06
C LEU C 155 47.59 30.70 8.38
N PHE C 156 47.65 30.99 7.10
CA PHE C 156 46.44 31.26 6.30
C PHE C 156 46.59 30.31 5.08
N CYS C 157 45.58 29.50 4.81
CA CYS C 157 45.61 28.73 3.54
C CYS C 157 44.63 29.41 2.61
N PRO C 158 45.14 29.96 1.52
CA PRO C 158 44.25 30.61 0.53
C PRO C 158 43.32 29.62 -0.20
N THR C 159 42.18 30.12 -0.70
CA THR C 159 41.36 29.41 -1.62
C THR C 159 42.11 29.09 -2.93
N GLU C 160 43.01 29.98 -3.33
CA GLU C 160 43.85 29.76 -4.50
C GLU C 160 45.17 29.31 -3.97
N TYR C 161 45.20 28.00 -3.66
CA TYR C 161 46.37 27.46 -2.92
C TYR C 161 47.47 26.76 -3.74
N CYS C 162 47.28 26.68 -5.06
CA CYS C 162 48.29 26.17 -6.03
C CYS C 162 48.03 26.83 -7.40
N GLY C 163 48.96 26.70 -8.34
CA GLY C 163 48.81 27.19 -9.73
C GLY C 163 47.44 26.90 -10.30
N THR C 164 47.08 25.64 -10.30
CA THR C 164 45.83 25.23 -10.94
C THR C 164 44.57 25.95 -10.40
N PHE C 165 44.60 26.34 -9.11
CA PHE C 165 43.42 26.94 -8.49
C PHE C 165 43.46 28.50 -8.58
N CYS C 166 44.54 29.05 -9.14
CA CYS C 166 44.53 30.48 -9.39
C CYS C 166 43.63 30.90 -10.59
N TYR C 167 42.81 31.93 -10.38
CA TYR C 167 41.98 32.51 -11.45
C TYR C 167 42.43 33.98 -11.76
N PRO C 168 42.85 34.27 -13.01
CA PRO C 168 42.93 33.34 -14.14
C PRO C 168 44.24 32.63 -14.18
N ASN C 169 45.21 33.12 -13.42
CA ASN C 169 46.53 32.49 -13.32
C ASN C 169 47.14 33.08 -12.07
N VAL C 170 48.38 32.72 -11.74
CA VAL C 170 49.04 33.06 -10.49
C VAL C 170 49.42 34.56 -10.42
N SER C 171 50.12 35.06 -11.43
CA SER C 171 50.71 36.43 -11.38
C SER C 171 49.66 37.55 -11.53
N GLN C 172 48.48 37.23 -12.05
CA GLN C 172 47.47 38.24 -12.30
C GLN C 172 46.19 37.98 -11.53
N SER C 173 46.20 37.02 -10.61
CA SER C 173 44.94 36.81 -9.90
C SER C 173 44.55 37.93 -8.91
N PRO C 174 43.32 38.47 -9.05
CA PRO C 174 42.83 39.50 -8.09
C PRO C 174 42.66 38.96 -6.65
N TYR C 175 42.46 37.64 -6.53
CA TYR C 175 42.30 37.04 -5.21
C TYR C 175 43.64 37.11 -4.50
N LEU C 176 44.72 36.64 -5.14
CA LEU C 176 45.99 36.56 -4.45
C LEU C 176 46.59 37.95 -4.22
N ARG C 177 46.29 38.87 -5.17
CA ARG C 177 46.68 40.28 -5.11
C ARG C 177 46.15 40.87 -3.79
N THR C 178 44.83 40.79 -3.59
CA THR C 178 44.22 41.19 -2.34
C THR C 178 44.89 40.53 -1.09
N VAL C 179 45.12 39.21 -1.14
CA VAL C 179 45.82 38.52 -0.06
C VAL C 179 47.21 39.16 0.24
N GLY C 180 48.02 39.33 -0.79
CA GLY C 180 49.39 39.88 -0.68
C GLY C 180 49.45 41.30 -0.08
N GLU C 181 48.51 42.14 -0.50
CA GLU C 181 48.44 43.55 -0.07
C GLU C 181 47.87 43.71 1.33
N LYS C 182 46.80 42.97 1.66
CA LYS C 182 46.03 43.24 2.88
C LYS C 182 46.23 42.25 4.04
N LEU C 183 46.86 41.11 3.78
CA LEU C 183 47.02 40.14 4.84
C LEU C 183 48.18 40.64 5.69
N LEU C 184 48.00 40.76 7.01
CA LEU C 184 49.08 41.29 7.88
C LEU C 184 50.41 40.54 7.75
N PRO C 185 51.53 41.27 7.76
CA PRO C 185 52.85 40.72 7.47
C PRO C 185 53.32 39.59 8.40
N GLY C 186 52.82 39.51 9.62
CA GLY C 186 53.20 38.44 10.52
C GLY C 186 52.44 37.12 10.24
N ILE C 187 51.43 37.13 9.36
CA ILE C 187 50.67 35.93 8.96
C ILE C 187 51.33 35.22 7.78
N GLU C 188 51.62 33.94 7.97
CA GLU C 188 52.18 33.13 6.88
C GLU C 188 51.07 32.63 5.93
N VAL C 189 51.49 32.30 4.72
CA VAL C 189 50.60 31.80 3.66
C VAL C 189 51.04 30.36 3.22
N LEU C 190 50.05 29.44 3.23
CA LEU C 190 50.30 28.04 2.76
C LEU C 190 50.18 27.94 1.24
N TRP C 191 51.00 27.08 0.64
CA TRP C 191 51.07 26.93 -0.83
C TRP C 191 51.48 25.48 -1.17
N THR C 192 50.79 24.83 -2.13
CA THR C 192 51.12 23.42 -2.48
C THR C 192 51.96 23.34 -3.75
N GLY C 193 52.33 24.51 -4.31
CA GLY C 193 53.16 24.50 -5.51
C GLY C 193 52.34 24.72 -6.79
N PRO C 194 52.88 24.33 -7.94
CA PRO C 194 52.08 24.55 -9.21
C PRO C 194 50.74 23.76 -9.31
N LYS C 195 50.69 22.59 -8.67
CA LYS C 195 49.46 21.78 -8.72
C LYS C 195 49.11 21.36 -7.29
N VAL C 196 47.93 20.78 -7.13
CA VAL C 196 47.55 20.18 -5.86
C VAL C 196 48.64 19.18 -5.45
N VAL C 197 48.90 18.18 -6.31
CA VAL C 197 50.02 17.27 -6.03
C VAL C 197 51.15 17.64 -6.98
N SER C 198 52.19 18.31 -6.48
CA SER C 198 53.22 18.86 -7.37
C SER C 198 54.29 17.84 -7.66
N LYS C 199 54.49 17.52 -8.94
CA LYS C 199 55.59 16.62 -9.33
C LYS C 199 56.94 17.29 -9.00
N GLU C 200 57.03 18.57 -9.34
CA GLU C 200 58.18 19.44 -8.96
C GLU C 200 57.67 20.74 -8.42
N ILE C 201 58.46 21.38 -7.56
CA ILE C 201 58.16 22.75 -7.12
C ILE C 201 59.40 23.61 -7.45
N PRO C 202 59.47 24.13 -8.70
CA PRO C 202 60.66 24.89 -9.23
C PRO C 202 60.80 26.21 -8.49
N VAL C 203 62.04 26.56 -8.17
CA VAL C 203 62.36 27.87 -7.52
C VAL C 203 61.64 29.09 -8.16
N GLU C 204 61.53 29.12 -9.49
CA GLU C 204 60.94 30.26 -10.23
C GLU C 204 59.44 30.27 -10.05
N SER C 205 58.85 29.10 -9.77
CA SER C 205 57.43 29.09 -9.47
C SER C 205 57.22 29.80 -8.11
N ILE C 206 58.19 29.64 -7.20
CA ILE C 206 58.09 30.15 -5.79
C ILE C 206 58.44 31.63 -5.65
N GLU C 207 59.49 32.07 -6.34
CA GLU C 207 59.69 33.51 -6.62
C GLU C 207 58.45 34.19 -7.18
N GLU C 208 57.84 33.57 -8.19
CA GLU C 208 56.70 34.18 -8.85
C GLU C 208 55.59 34.35 -7.85
N VAL C 209 55.32 33.31 -7.00
CA VAL C 209 54.18 33.37 -6.08
C VAL C 209 54.57 34.30 -4.94
N SER C 210 55.85 34.29 -4.57
CA SER C 210 56.33 35.18 -3.51
C SER C 210 56.05 36.68 -3.77
N LYS C 211 56.27 37.12 -5.01
CA LYS C 211 56.12 38.55 -5.37
C LYS C 211 54.67 38.99 -5.20
N ILE C 212 53.72 38.14 -5.56
CA ILE C 212 52.28 38.43 -5.44
C ILE C 212 51.71 38.35 -3.97
N ILE C 213 52.19 37.40 -3.14
CA ILE C 213 51.74 37.26 -1.72
C ILE C 213 52.57 38.11 -0.79
N LYS C 214 53.75 38.54 -1.29
CA LYS C 214 54.60 39.56 -0.63
C LYS C 214 55.29 38.98 0.57
N ARG C 215 55.68 37.70 0.45
CA ARG C 215 56.30 36.89 1.53
C ARG C 215 56.61 35.53 0.94
N ALA C 216 57.61 34.92 1.55
CA ALA C 216 58.00 33.54 1.34
C ALA C 216 56.84 32.63 1.88
N PRO C 217 56.35 31.67 1.05
CA PRO C 217 55.26 30.78 1.55
C PRO C 217 55.76 29.65 2.43
N VAL C 218 54.85 29.10 3.21
CA VAL C 218 55.03 27.78 3.79
C VAL C 218 54.46 26.74 2.83
N ILE C 219 55.27 25.74 2.48
CA ILE C 219 54.78 24.73 1.53
C ILE C 219 53.88 23.71 2.26
N TRP C 220 52.65 23.53 1.78
CA TRP C 220 51.82 22.37 2.21
C TRP C 220 52.08 21.37 1.12
N ASP C 221 52.92 20.38 1.41
CA ASP C 221 53.36 19.43 0.37
C ASP C 221 52.45 18.18 0.33
N ASN C 222 51.82 17.95 -0.85
CA ASN C 222 50.96 16.78 -1.12
C ASN C 222 51.66 15.64 -1.86
N ILE C 223 53.00 15.69 -1.96
CA ILE C 223 53.78 14.64 -2.64
C ILE C 223 53.42 13.18 -2.19
N HIS C 224 53.28 12.94 -0.88
CA HIS C 224 53.01 11.60 -0.37
C HIS C 224 51.53 11.41 0.05
N ALA C 225 50.66 12.35 -0.27
CA ALA C 225 49.27 12.18 0.13
C ALA C 225 48.67 11.09 -0.74
N ASN C 226 47.78 10.30 -0.16
CA ASN C 226 47.13 9.25 -0.92
C ASN C 226 45.62 9.17 -0.67
N ASP C 227 44.99 10.23 -0.17
CA ASP C 227 43.53 10.18 0.06
C ASP C 227 42.69 10.24 -1.27
N TYR C 228 43.29 10.61 -2.37
CA TYR C 228 42.52 10.91 -3.58
C TYR C 228 42.43 9.68 -4.49
N ASP C 229 43.16 8.62 -4.17
CA ASP C 229 43.10 7.38 -4.96
C ASP C 229 43.22 6.16 -4.02
N GLN C 230 42.13 5.44 -3.94
CA GLN C 230 42.03 4.27 -3.05
C GLN C 230 43.18 3.26 -3.16
N LYS C 231 43.61 3.01 -4.38
CA LYS C 231 44.59 1.97 -4.60
C LYS C 231 46.06 2.42 -4.38
N ARG C 232 46.32 3.72 -4.21
CA ARG C 232 47.71 4.19 -4.26
C ARG C 232 48.29 4.47 -2.88
N LEU C 233 49.62 4.33 -2.79
CA LEU C 233 50.33 4.44 -1.50
C LEU C 233 51.71 4.95 -1.90
N PHE C 234 52.31 5.89 -1.11
CA PHE C 234 53.60 6.46 -1.52
C PHE C 234 54.71 6.26 -0.52
N LEU C 235 55.59 5.33 -0.86
CA LEU C 235 56.75 5.02 -0.02
C LEU C 235 58.08 5.47 -0.60
N GLY C 236 58.03 6.22 -1.69
CA GLY C 236 59.32 6.71 -2.30
C GLY C 236 59.85 7.95 -1.55
N PRO C 237 61.09 8.39 -1.87
CA PRO C 237 61.72 9.54 -1.16
C PRO C 237 61.12 10.86 -1.54
N TYR C 238 61.25 11.84 -0.64
CA TYR C 238 60.91 13.21 -0.91
C TYR C 238 61.73 13.61 -2.14
N LYS C 239 61.12 14.24 -3.16
CA LYS C 239 61.84 14.41 -4.42
C LYS C 239 61.15 15.47 -5.26
N GLY C 240 61.94 16.24 -6.06
CA GLY C 240 61.38 17.26 -6.98
C GLY C 240 61.33 18.63 -6.34
N ARG C 241 62.00 18.74 -5.19
CA ARG C 241 62.09 20.01 -4.45
C ARG C 241 63.60 20.26 -4.20
N SER C 242 64.17 21.19 -4.97
CA SER C 242 65.60 21.49 -4.77
C SER C 242 65.82 21.95 -3.36
N THR C 243 66.95 21.59 -2.75
CA THR C 243 67.35 22.17 -1.45
C THR C 243 67.56 23.68 -1.44
N GLU C 244 67.73 24.26 -2.63
CA GLU C 244 67.76 25.72 -2.77
C GLU C 244 66.45 26.42 -2.48
N LEU C 245 65.37 25.65 -2.24
CA LEU C 245 64.12 26.30 -1.85
C LEU C 245 64.14 26.69 -0.43
N ILE C 246 65.01 26.06 0.34
CA ILE C 246 65.00 26.28 1.77
C ILE C 246 65.16 27.76 2.17
N PRO C 247 66.26 28.45 1.68
CA PRO C 247 66.36 29.95 1.81
C PRO C 247 65.16 30.75 1.28
N ARG C 248 64.35 30.18 0.38
CA ARG C 248 63.20 30.92 -0.19
C ARG C 248 61.81 30.60 0.40
N LEU C 249 61.79 29.84 1.49
CA LEU C 249 60.53 29.37 2.07
C LEU C 249 60.57 29.62 3.54
N LYS C 250 59.41 29.84 4.13
CA LYS C 250 59.25 29.89 5.58
C LYS C 250 59.14 28.47 6.22
N GLY C 251 58.85 27.44 5.41
CA GLY C 251 58.71 26.06 5.90
C GLY C 251 58.18 25.13 4.83
N VAL C 252 58.27 23.84 5.12
CA VAL C 252 57.63 22.79 4.33
C VAL C 252 56.94 21.86 5.31
N LEU C 253 55.60 21.73 5.16
CA LEU C 253 54.81 20.77 5.96
C LEU C 253 54.23 19.71 5.06
N THR C 254 54.66 18.47 5.27
CA THR C 254 54.24 17.36 4.43
C THR C 254 52.88 16.70 4.88
N ASN C 255 51.93 16.56 3.94
CA ASN C 255 50.58 15.97 4.12
C ASN C 255 50.71 14.56 3.57
N PRO C 256 50.97 13.59 4.43
CA PRO C 256 51.49 12.34 3.89
C PRO C 256 50.34 11.26 3.75
N ASN C 257 50.69 9.99 3.68
CA ASN C 257 49.63 8.92 3.46
C ASN C 257 48.66 8.89 4.66
N CYS C 258 47.39 8.55 4.42
CA CYS C 258 46.36 8.32 5.49
C CYS C 258 46.80 7.25 6.50
N GLU C 259 47.46 6.21 6.00
CA GLU C 259 47.84 5.05 6.81
C GLU C 259 49.11 5.46 7.58
N PHE C 260 48.94 5.62 8.90
CA PHE C 260 50.02 6.20 9.73
C PHE C 260 51.40 5.53 9.51
N GLU C 261 51.46 4.21 9.55
CA GLU C 261 52.79 3.56 9.60
C GLU C 261 53.49 3.63 8.23
N ALA C 262 52.71 3.85 7.17
CA ALA C 262 53.25 3.97 5.82
C ALA C 262 54.10 5.25 5.63
N ASN C 263 54.19 6.11 6.63
CA ASN C 263 54.85 7.41 6.45
C ASN C 263 56.29 7.48 7.02
N TYR C 264 56.84 6.33 7.36
CA TYR C 264 58.26 6.29 7.76
C TYR C 264 59.17 6.94 6.67
N VAL C 265 59.09 6.47 5.43
CA VAL C 265 59.93 6.99 4.38
C VAL C 265 59.59 8.47 4.09
N ALA C 266 58.28 8.79 4.02
CA ALA C 266 57.85 10.15 3.65
C ALA C 266 58.51 11.21 4.58
N ILE C 267 58.50 10.93 5.87
CA ILE C 267 58.89 11.93 6.91
C ILE C 267 60.44 11.88 7.13
N HIS C 268 61.01 10.70 7.13
CA HIS C 268 62.43 10.48 7.33
C HIS C 268 63.23 11.15 6.18
N THR C 269 62.84 10.90 4.92
CA THR C 269 63.47 11.55 3.81
C THR C 269 63.20 13.04 3.80
N LEU C 270 62.01 13.51 4.18
CA LEU C 270 61.85 14.96 4.30
C LEU C 270 62.86 15.53 5.32
N ALA C 271 63.06 14.81 6.43
CA ALA C 271 64.01 15.27 7.47
C ALA C 271 65.47 15.36 6.88
N THR C 272 65.88 14.32 6.12
CA THR C 272 67.19 14.25 5.46
C THR C 272 67.32 15.47 4.56
N TRP C 273 66.29 15.76 3.74
CA TRP C 273 66.36 16.88 2.85
C TRP C 273 66.52 18.19 3.60
N TYR C 274 65.80 18.32 4.72
CA TYR C 274 65.81 19.53 5.49
C TYR C 274 67.20 19.79 6.13
N LYS C 275 67.73 18.78 6.80
CA LYS C 275 69.00 18.80 7.48
C LYS C 275 70.19 18.97 6.52
N SER C 276 69.98 18.67 5.24
CA SER C 276 71.03 18.80 4.28
C SER C 276 71.30 20.28 4.02
N ASN C 277 70.38 21.16 4.37
CA ASN C 277 70.54 22.57 4.02
C ASN C 277 69.85 23.56 4.91
N MET C 278 69.66 23.23 6.20
CA MET C 278 69.07 24.14 7.20
C MET C 278 69.48 25.63 7.08
N LEU C 315 74.68 17.95 -2.03
CA LEU C 315 73.35 18.48 -1.72
C LEU C 315 72.39 17.37 -1.09
N TYR C 316 71.35 16.97 -1.82
CA TYR C 316 70.43 15.92 -1.36
C TYR C 316 70.22 14.93 -2.47
N SER C 317 70.46 13.66 -2.16
CA SER C 317 70.16 12.62 -3.13
C SER C 317 68.85 11.84 -2.77
N PRO C 318 67.82 11.86 -3.65
CA PRO C 318 66.60 11.08 -3.32
C PRO C 318 66.91 9.60 -3.09
N GLN C 319 67.67 8.97 -3.99
CA GLN C 319 68.05 7.49 -3.87
C GLN C 319 68.87 7.13 -2.63
N MET C 320 69.76 8.04 -2.21
CA MET C 320 70.49 7.81 -0.94
C MET C 320 69.61 8.14 0.27
N ALA C 321 68.79 9.18 0.20
CA ALA C 321 67.84 9.39 1.33
C ALA C 321 66.89 8.17 1.50
N LEU C 322 66.45 7.59 0.38
CA LEU C 322 65.58 6.41 0.38
C LEU C 322 66.31 5.22 0.99
N LYS C 323 67.57 5.03 0.61
CA LYS C 323 68.37 3.98 1.22
C LYS C 323 68.48 4.05 2.76
N LEU C 324 68.77 5.25 3.24
CA LEU C 324 68.82 5.49 4.71
C LEU C 324 67.47 5.21 5.42
N ALA C 325 66.39 5.70 4.81
CA ALA C 325 65.00 5.51 5.38
C ALA C 325 64.67 4.02 5.53
N LEU C 326 64.85 3.25 4.44
CA LEU C 326 64.43 1.83 4.38
C LEU C 326 65.26 0.99 5.33
N THR C 327 66.56 1.30 5.37
CA THR C 327 67.49 0.68 6.36
C THR C 327 67.03 0.86 7.79
N GLU C 328 66.64 2.08 8.11
CA GLU C 328 66.24 2.37 9.49
C GLU C 328 64.81 1.78 9.76
N TRP C 329 63.92 1.94 8.79
CA TRP C 329 62.54 1.38 8.90
C TRP C 329 62.57 -0.11 9.12
N LEU C 330 63.53 -0.80 8.50
CA LEU C 330 63.69 -2.29 8.65
C LEU C 330 63.74 -2.77 10.09
N GLN C 331 64.34 -1.96 10.95
CA GLN C 331 64.47 -2.26 12.38
C GLN C 331 63.09 -2.30 13.12
N GLU C 332 62.07 -1.59 12.61
CA GLU C 332 60.74 -1.68 13.21
C GLU C 332 59.95 -2.98 12.98
N PHE C 333 60.39 -3.88 12.09
CA PHE C 333 59.55 -5.00 11.59
C PHE C 333 59.67 -6.28 12.43
N SER C 352 61.49 -13.95 7.60
CA SER C 352 61.32 -12.54 8.06
C SER C 352 61.71 -11.41 7.09
N VAL C 353 61.07 -10.26 7.24
CA VAL C 353 61.18 -9.15 6.28
C VAL C 353 62.64 -8.70 6.05
N THR C 354 63.03 -8.64 4.78
CA THR C 354 64.42 -8.22 4.45
C THR C 354 64.38 -6.82 3.88
N LEU C 355 65.56 -6.19 3.83
CA LEU C 355 65.78 -4.96 3.17
C LEU C 355 65.30 -4.99 1.73
N GLU C 356 65.56 -6.11 1.06
CA GLU C 356 65.24 -6.22 -0.36
C GLU C 356 63.70 -6.26 -0.49
N ASP C 357 63.01 -6.85 0.48
CA ASP C 357 61.52 -6.81 0.55
C ASP C 357 61.03 -5.37 0.56
N LEU C 358 61.64 -4.55 1.44
CA LEU C 358 61.30 -3.13 1.54
C LEU C 358 61.64 -2.32 0.32
N GLN C 359 62.74 -2.63 -0.32
CA GLN C 359 63.07 -1.92 -1.59
C GLN C 359 62.05 -2.22 -2.69
N LEU C 360 61.68 -3.48 -2.85
CA LEU C 360 60.68 -3.85 -3.86
C LEU C 360 59.31 -3.19 -3.46
N LEU C 361 58.95 -3.24 -2.18
CA LEU C 361 57.66 -2.62 -1.72
C LEU C 361 57.63 -1.11 -2.04
N ALA C 362 58.69 -0.38 -1.66
CA ALA C 362 58.81 1.02 -2.08
C ALA C 362 58.75 1.23 -3.59
N ASP C 363 59.46 0.43 -4.37
CA ASP C 363 59.39 0.57 -5.83
C ASP C 363 58.01 0.31 -6.45
N LEU C 364 57.25 -0.58 -5.83
CA LEU C 364 55.90 -0.84 -6.24
C LEU C 364 54.91 0.29 -5.84
N PHE C 365 55.20 1.02 -4.76
CA PHE C 365 54.32 2.05 -4.21
C PHE C 365 55.20 3.27 -3.95
N TYR C 366 55.59 3.94 -5.04
CA TYR C 366 56.75 4.87 -5.01
C TYR C 366 56.29 6.33 -4.90
N LEU C 367 56.02 6.96 -6.03
CA LEU C 367 55.65 8.40 -6.04
C LEU C 367 54.49 8.64 -6.96
N PRO C 368 53.77 9.79 -6.79
CA PRO C 368 52.58 10.00 -7.62
C PRO C 368 52.88 9.96 -9.13
N TYR C 369 54.06 10.45 -9.55
CA TYR C 369 54.32 10.46 -10.99
C TYR C 369 55.45 9.53 -11.42
N GLU C 370 55.77 8.53 -10.61
CA GLU C 370 56.94 7.75 -10.90
C GLU C 370 56.94 6.45 -10.15
N HIS C 371 57.15 5.33 -10.87
CA HIS C 371 57.43 4.03 -10.24
C HIS C 371 58.88 3.90 -9.86
N GLY C 372 59.19 3.12 -8.84
CA GLY C 372 60.59 2.94 -8.53
C GLY C 372 61.25 1.95 -9.51
N PRO C 373 62.59 1.81 -9.45
CA PRO C 373 63.39 0.94 -10.39
C PRO C 373 62.84 -0.51 -10.57
N LYS C 374 62.63 -1.25 -9.50
CA LYS C 374 62.17 -2.61 -9.66
C LYS C 374 60.73 -2.67 -10.23
N GLY C 375 59.92 -1.63 -9.98
CA GLY C 375 58.59 -1.57 -10.47
C GLY C 375 58.58 -1.20 -11.93
N ALA C 376 59.29 -0.12 -12.28
CA ALA C 376 59.37 0.25 -13.70
C ALA C 376 59.93 -0.91 -14.56
N GLN C 377 60.89 -1.65 -14.02
CA GLN C 377 61.49 -2.78 -14.75
C GLN C 377 60.49 -3.91 -14.97
N MET C 378 59.67 -4.27 -13.97
CA MET C 378 58.68 -5.34 -14.17
C MET C 378 57.65 -4.96 -15.23
N LEU C 379 57.30 -3.69 -15.27
CA LEU C 379 56.29 -3.22 -16.19
C LEU C 379 56.80 -3.30 -17.62
N ARG C 380 58.04 -2.86 -17.80
CA ARG C 380 58.76 -2.90 -19.09
C ARG C 380 58.84 -4.33 -19.58
N GLU C 381 59.29 -5.26 -18.76
CA GLU C 381 59.31 -6.66 -19.17
C GLU C 381 57.92 -7.17 -19.58
N PHE C 382 56.92 -6.93 -18.74
CA PHE C 382 55.59 -7.42 -19.07
C PHE C 382 55.10 -6.81 -20.39
N GLN C 383 55.33 -5.50 -20.59
CA GLN C 383 55.00 -4.86 -21.85
C GLN C 383 55.73 -5.48 -23.06
N TRP C 384 57.01 -5.78 -22.88
CA TRP C 384 57.79 -6.55 -23.87
C TRP C 384 57.23 -7.97 -24.13
N LEU C 385 57.03 -8.76 -23.05
CA LEU C 385 56.57 -10.13 -23.16
C LEU C 385 55.26 -10.19 -23.94
N ARG C 386 54.42 -9.18 -23.73
CA ARG C 386 53.10 -9.13 -24.26
C ARG C 386 53.12 -8.64 -25.72
N ALA C 387 54.06 -7.75 -26.04
CA ALA C 387 54.20 -7.25 -27.44
C ALA C 387 54.86 -8.25 -28.37
N ASN C 388 55.57 -9.25 -27.82
CA ASN C 388 56.33 -10.21 -28.60
C ASN C 388 55.90 -11.63 -28.39
N SER C 389 54.65 -11.82 -27.92
CA SER C 389 54.23 -13.16 -27.49
C SER C 389 53.95 -14.05 -28.73
N SER C 390 53.68 -13.43 -29.90
CA SER C 390 53.42 -14.17 -31.15
C SER C 390 54.56 -15.10 -31.60
N VAL C 391 55.80 -14.80 -31.19
CA VAL C 391 56.97 -15.62 -31.49
C VAL C 391 56.91 -17.02 -30.84
N VAL C 392 55.96 -17.25 -29.92
CA VAL C 392 55.84 -18.54 -29.23
C VAL C 392 55.33 -19.67 -30.13
N ILE C 404 62.71 -16.24 -29.82
CA ILE C 404 61.95 -17.36 -29.24
C ILE C 404 62.61 -17.89 -27.99
N GLU C 405 63.90 -18.20 -28.06
CA GLU C 405 64.64 -18.48 -26.84
C GLU C 405 64.74 -17.23 -25.96
N GLU C 406 64.75 -16.03 -26.58
CA GLU C 406 64.75 -14.77 -25.87
C GLU C 406 63.45 -14.62 -25.05
N TRP C 407 62.30 -14.78 -25.72
CA TRP C 407 61.00 -14.75 -25.05
C TRP C 407 60.93 -15.75 -23.91
N ARG C 408 61.35 -16.99 -24.11
CA ARG C 408 61.21 -17.99 -23.07
C ARG C 408 62.02 -17.67 -21.84
N SER C 409 63.19 -17.07 -22.04
CA SER C 409 64.09 -16.89 -20.88
C SER C 409 63.70 -15.56 -20.20
N ARG C 410 63.28 -14.57 -20.99
CA ARG C 410 62.72 -13.37 -20.43
C ARG C 410 61.40 -13.70 -19.63
N ALA C 411 60.58 -14.64 -20.13
CA ALA C 411 59.39 -15.10 -19.40
C ALA C 411 59.73 -15.72 -18.02
N ALA C 412 60.71 -16.61 -18.01
CA ALA C 412 61.09 -17.31 -16.81
C ALA C 412 61.68 -16.33 -15.80
N LYS C 413 62.33 -15.29 -16.28
CA LYS C 413 62.84 -14.27 -15.32
C LYS C 413 61.70 -13.42 -14.73
N PHE C 414 60.80 -12.95 -15.59
CA PHE C 414 59.64 -12.21 -15.15
C PHE C 414 58.86 -13.00 -14.08
N GLU C 415 58.65 -14.29 -14.33
CA GLU C 415 57.98 -15.17 -13.35
C GLU C 415 58.68 -15.28 -12.03
N GLU C 416 60.01 -15.20 -12.06
CA GLU C 416 60.80 -15.22 -10.86
C GLU C 416 60.67 -13.87 -10.13
N MET C 417 60.69 -12.75 -10.86
CA MET C 417 60.44 -11.42 -10.29
C MET C 417 59.08 -11.41 -9.58
N CYS C 418 58.02 -11.90 -10.24
CA CYS C 418 56.70 -12.02 -9.61
C CYS C 418 56.81 -12.80 -8.30
N GLY C 419 57.67 -13.83 -8.28
CA GLY C 419 57.81 -14.66 -7.08
C GLY C 419 58.35 -13.89 -5.88
N LEU C 420 59.15 -12.86 -6.16
CA LEU C 420 59.72 -11.97 -5.16
C LEU C 420 58.63 -11.04 -4.60
N VAL C 421 57.62 -10.69 -5.41
CA VAL C 421 56.48 -9.93 -4.89
C VAL C 421 55.70 -10.80 -3.88
N MET C 422 55.40 -12.03 -4.30
CA MET C 422 54.70 -12.99 -3.47
C MET C 422 55.46 -13.26 -2.19
N GLY C 423 56.79 -13.34 -2.26
CA GLY C 423 57.61 -13.61 -1.05
C GLY C 423 57.64 -12.42 -0.12
N MET C 424 57.70 -11.23 -0.68
CA MET C 424 57.54 -9.99 0.07
C MET C 424 56.17 -9.98 0.81
N PHE C 425 55.08 -10.31 0.10
CA PHE C 425 53.79 -10.40 0.78
C PHE C 425 53.80 -11.39 1.98
N THR C 426 54.34 -12.59 1.78
CA THR C 426 54.13 -13.63 2.80
C THR C 426 55.03 -13.37 3.99
N ARG C 427 56.20 -12.79 3.77
CA ARG C 427 57.07 -12.37 4.88
C ARG C 427 56.52 -11.21 5.68
N LEU C 428 55.96 -10.19 5.01
CA LEU C 428 55.22 -9.16 5.71
C LEU C 428 54.04 -9.70 6.54
N SER C 429 53.25 -10.58 5.94
CA SER C 429 52.12 -11.21 6.61
C SER C 429 52.54 -11.91 7.89
N ASN C 430 53.79 -12.42 7.91
CA ASN C 430 54.32 -13.13 9.08
C ASN C 430 55.12 -12.30 10.03
N CYS C 431 55.26 -11.00 9.81
CA CYS C 431 56.13 -10.24 10.72
C CYS C 431 55.47 -9.92 12.05
N ALA C 432 56.30 -9.49 12.99
CA ALA C 432 55.88 -9.30 14.37
C ALA C 432 55.23 -7.94 14.53
N ASN C 433 55.60 -6.97 13.70
CA ASN C 433 55.00 -5.67 13.90
C ASN C 433 53.61 -5.69 13.16
N ARG C 434 52.57 -5.99 13.93
CA ARG C 434 51.26 -6.20 13.44
C ARG C 434 50.67 -4.86 13.03
N THR C 435 51.01 -3.82 13.78
CA THR C 435 50.54 -2.45 13.47
C THR C 435 50.95 -1.97 12.04
N ILE C 436 52.23 -2.22 11.68
CA ILE C 436 52.69 -1.82 10.35
C ILE C 436 51.99 -2.71 9.31
N LEU C 437 51.88 -4.01 9.59
CA LEU C 437 51.23 -4.89 8.64
C LEU C 437 49.76 -4.44 8.33
N TYR C 438 49.01 -4.04 9.37
CA TYR C 438 47.62 -3.79 9.15
C TYR C 438 47.49 -2.53 8.34
N ASP C 439 48.36 -1.53 8.55
CA ASP C 439 48.22 -0.28 7.78
C ASP C 439 48.51 -0.49 6.31
N MET C 440 49.40 -1.45 6.00
CA MET C 440 49.85 -1.67 4.61
C MET C 440 49.02 -2.74 3.93
N TYR C 441 48.27 -3.51 4.71
CA TYR C 441 47.75 -4.81 4.24
C TYR C 441 47.04 -4.76 2.90
N SER C 442 46.15 -3.79 2.73
CA SER C 442 45.34 -3.91 1.53
C SER C 442 46.15 -3.55 0.22
N TYR C 443 47.17 -2.69 0.37
CA TYR C 443 48.07 -2.36 -0.73
C TYR C 443 48.90 -3.61 -1.07
N VAL C 444 49.48 -4.25 -0.07
CA VAL C 444 50.25 -5.43 -0.31
C VAL C 444 49.48 -6.63 -0.83
N TRP C 445 48.26 -6.81 -0.36
CA TRP C 445 47.42 -7.86 -0.85
C TRP C 445 47.09 -7.54 -2.31
N ASP C 446 46.73 -6.29 -2.58
CA ASP C 446 46.32 -5.93 -3.94
C ASP C 446 47.47 -6.17 -4.98
N ILE C 447 48.67 -5.73 -4.65
CA ILE C 447 49.80 -5.90 -5.58
C ILE C 447 50.19 -7.42 -5.76
N LYS C 448 50.13 -8.19 -4.68
CA LYS C 448 50.44 -9.61 -4.73
C LYS C 448 49.36 -10.32 -5.63
N SER C 449 48.08 -9.95 -5.50
CA SER C 449 46.98 -10.60 -6.26
C SER C 449 47.12 -10.25 -7.70
N ILE C 450 47.32 -8.96 -8.00
CA ILE C 450 47.48 -8.62 -9.40
C ILE C 450 48.79 -9.25 -10.06
N MET C 451 49.91 -9.24 -9.35
CA MET C 451 51.14 -9.81 -9.89
C MET C 451 50.99 -11.32 -10.07
N SER C 452 50.15 -11.96 -9.24
CA SER C 452 49.89 -13.36 -9.36
C SER C 452 49.02 -13.63 -10.63
N MET C 453 48.15 -12.71 -10.99
CA MET C 453 47.41 -12.83 -12.20
C MET C 453 48.25 -12.54 -13.48
N VAL C 454 49.16 -11.59 -13.39
CA VAL C 454 50.01 -11.22 -14.46
C VAL C 454 50.97 -12.43 -14.72
N LYS C 455 51.46 -13.04 -13.64
CA LYS C 455 52.40 -14.16 -13.74
C LYS C 455 51.70 -15.31 -14.44
N SER C 456 50.44 -15.59 -14.03
CA SER C 456 49.71 -16.69 -14.60
C SER C 456 49.34 -16.36 -16.08
N PHE C 457 49.16 -15.09 -16.40
CA PHE C 457 49.02 -14.67 -17.83
C PHE C 457 50.28 -14.88 -18.71
N VAL C 458 51.46 -14.58 -18.17
CA VAL C 458 52.70 -14.83 -18.86
C VAL C 458 52.87 -16.34 -19.13
N GLN C 459 52.63 -17.18 -18.12
CA GLN C 459 52.52 -18.63 -18.27
C GLN C 459 51.55 -19.03 -19.37
N TRP C 460 50.34 -18.47 -19.36
CA TRP C 460 49.37 -18.81 -20.35
C TRP C 460 49.89 -18.47 -21.79
N LEU C 461 50.55 -17.34 -21.96
CA LEU C 461 51.08 -16.98 -23.28
C LEU C 461 52.19 -17.99 -23.75
N GLY C 462 53.01 -18.47 -22.81
CA GLY C 462 54.02 -19.45 -23.08
C GLY C 462 53.46 -20.82 -23.41
N CYS C 463 52.25 -21.10 -22.92
CA CYS C 463 51.54 -22.35 -23.12
C CYS C 463 50.75 -22.34 -24.54
N ARG C 464 50.75 -21.23 -25.25
CA ARG C 464 50.02 -21.09 -26.54
C ARG C 464 50.63 -22.01 -27.71
N SER C 465 51.89 -22.43 -27.57
CA SER C 465 52.51 -23.45 -28.42
C SER C 465 51.88 -24.85 -28.22
N HIS C 466 51.12 -25.07 -27.15
CA HIS C 466 50.47 -26.35 -26.99
C HIS C 466 49.03 -26.30 -26.59
N SER C 467 48.43 -25.12 -26.50
CA SER C 467 47.07 -25.04 -26.00
C SER C 467 46.38 -23.92 -26.72
N SER C 468 45.14 -24.18 -27.12
CA SER C 468 44.30 -23.13 -27.69
C SER C 468 43.24 -22.68 -26.68
N ALA C 469 43.24 -23.23 -25.45
CA ALA C 469 42.30 -22.78 -24.39
C ALA C 469 42.44 -21.29 -24.05
N GLN C 470 41.30 -20.68 -23.73
CA GLN C 470 41.20 -19.29 -23.31
C GLN C 470 41.84 -19.12 -21.95
N PHE C 471 42.28 -17.89 -21.65
CA PHE C 471 42.94 -17.58 -20.37
C PHE C 471 42.05 -17.90 -19.17
N LEU C 472 40.79 -17.50 -19.18
CA LEU C 472 39.82 -18.03 -18.16
C LEU C 472 38.83 -19.11 -18.67
N ILE C 473 38.94 -20.32 -18.11
CA ILE C 473 38.09 -21.46 -18.47
C ILE C 473 36.88 -21.53 -17.53
N GLY C 474 35.71 -21.13 -18.04
CA GLY C 474 34.46 -21.39 -17.33
C GLY C 474 34.29 -20.54 -16.08
N ASP C 475 33.50 -21.04 -15.13
CA ASP C 475 32.95 -20.22 -14.04
C ASP C 475 34.08 -19.71 -13.10
N GLN C 476 34.07 -18.42 -12.79
CA GLN C 476 35.19 -17.81 -12.02
C GLN C 476 34.68 -17.31 -10.64
N GLU C 477 35.59 -17.30 -9.64
CA GLU C 477 35.36 -16.56 -8.40
C GLU C 477 35.36 -15.04 -8.74
N PRO C 478 34.77 -14.19 -7.83
CA PRO C 478 34.57 -12.80 -8.26
C PRO C 478 35.88 -12.07 -8.45
N TRP C 479 36.94 -12.50 -7.78
CA TRP C 479 38.21 -11.78 -7.84
C TRP C 479 38.98 -12.01 -9.15
N ALA C 480 38.49 -12.86 -10.05
CA ALA C 480 39.04 -12.94 -11.42
C ALA C 480 38.66 -11.65 -12.16
N PHE C 481 37.56 -10.97 -11.83
CA PHE C 481 37.18 -9.68 -12.49
C PHE C 481 37.15 -8.54 -11.45
N ARG C 482 38.15 -7.67 -11.49
CA ARG C 482 38.39 -6.73 -10.42
C ARG C 482 37.67 -5.41 -10.62
N GLY C 483 37.28 -4.76 -9.52
CA GLY C 483 37.00 -3.32 -9.48
C GLY C 483 35.53 -3.04 -9.21
N GLY C 484 34.65 -4.01 -9.38
CA GLY C 484 33.17 -3.80 -9.25
C GLY C 484 32.68 -2.61 -10.11
N LEU C 485 31.63 -1.89 -9.67
CA LEU C 485 30.87 -0.96 -10.51
C LEU C 485 31.74 0.26 -10.80
N ALA C 486 32.47 0.67 -9.78
CA ALA C 486 33.45 1.69 -9.94
C ALA C 486 34.41 1.44 -11.12
N GLY C 487 34.99 0.23 -11.11
CA GLY C 487 35.97 -0.17 -12.15
C GLY C 487 35.30 -0.23 -13.53
N GLU C 488 34.00 -0.56 -13.58
CA GLU C 488 33.29 -0.54 -14.86
C GLU C 488 33.12 0.89 -15.41
N PHE C 489 32.77 1.87 -14.57
CA PHE C 489 32.75 3.26 -15.00
C PHE C 489 34.15 3.70 -15.44
N GLN C 490 35.16 3.37 -14.64
CA GLN C 490 36.53 3.76 -14.94
C GLN C 490 36.97 3.21 -16.30
N ARG C 491 36.66 1.96 -16.58
CA ARG C 491 37.04 1.38 -17.89
C ARG C 491 36.35 2.01 -19.08
N LEU C 492 35.24 2.72 -18.86
CA LEU C 492 34.60 3.45 -19.97
C LEU C 492 35.16 4.85 -20.19
N LEU C 493 36.16 5.26 -19.41
CA LEU C 493 36.84 6.55 -19.60
C LEU C 493 38.14 6.31 -20.36
N PRO C 494 38.49 7.21 -21.33
CA PRO C 494 39.66 7.04 -22.25
C PRO C 494 41.01 6.91 -21.55
N HIS D 1 -19.77 29.18 7.39
CA HIS D 1 -19.11 28.01 6.71
C HIS D 1 -19.95 27.23 5.67
N PHE D 2 -19.26 26.39 4.89
CA PHE D 2 -19.82 25.53 3.84
C PHE D 2 -20.74 24.47 4.54
N LEU D 3 -22.01 24.53 4.20
CA LEU D 3 -22.96 23.47 4.66
C LEU D 3 -22.77 22.18 3.82
N CYS D 4 -22.37 21.09 4.43
CA CYS D 4 -22.29 19.85 3.66
C CYS D 4 -22.95 18.68 4.44
N GLY D 5 -23.94 18.04 3.81
CA GLY D 5 -24.56 16.81 4.39
C GLY D 5 -25.78 16.36 3.58
N VAL D 6 -26.88 16.11 4.30
CA VAL D 6 -28.04 15.43 3.75
C VAL D 6 -29.27 16.24 4.00
N VAL D 7 -30.07 16.41 2.95
CA VAL D 7 -31.44 16.80 3.10
C VAL D 7 -32.27 15.51 2.98
N GLU D 8 -33.07 15.23 4.02
CA GLU D 8 -34.16 14.24 3.91
C GLU D 8 -35.31 14.99 3.21
N GLY D 9 -35.35 15.02 1.86
CA GLY D 9 -36.30 15.90 1.18
C GLY D 9 -37.21 15.23 0.13
N PHE D 10 -37.39 13.92 0.21
CA PHE D 10 -38.01 13.13 -0.87
C PHE D 10 -39.44 12.88 -0.56
N TYR D 11 -40.16 12.43 -1.59
CA TYR D 11 -41.54 12.01 -1.46
C TYR D 11 -41.60 10.54 -0.97
N GLY D 12 -42.58 10.23 -0.14
CA GLY D 12 -42.87 8.86 0.33
C GLY D 12 -42.62 8.70 1.83
N ARG D 13 -42.35 7.47 2.27
CA ARG D 13 -42.19 7.09 3.65
C ARG D 13 -40.98 7.85 4.19
N PRO D 14 -41.18 8.69 5.23
CA PRO D 14 -40.00 9.35 5.84
C PRO D 14 -39.14 8.34 6.61
N TRP D 15 -37.84 8.66 6.84
CA TRP D 15 -37.06 7.94 7.84
C TRP D 15 -37.66 8.16 9.22
N VAL D 16 -37.40 7.24 10.14
CA VAL D 16 -37.87 7.30 11.48
C VAL D 16 -36.70 7.81 12.34
N MET D 17 -37.01 8.09 13.60
CA MET D 17 -36.10 8.73 14.51
C MET D 17 -34.78 8.03 14.73
N GLU D 18 -34.79 6.71 14.85
CA GLU D 18 -33.58 5.94 15.05
C GLU D 18 -32.69 5.95 13.78
N GLN D 19 -33.32 5.97 12.60
CA GLN D 19 -32.55 6.12 11.37
C GLN D 19 -31.90 7.49 11.30
N ARG D 20 -32.63 8.53 11.64
CA ARG D 20 -32.09 9.87 11.63
C ARG D 20 -30.93 10.04 12.64
N LYS D 21 -31.05 9.46 13.83
CA LYS D 21 -29.92 9.52 14.80
C LYS D 21 -28.69 8.84 14.24
N GLU D 22 -28.88 7.70 13.57
CA GLU D 22 -27.83 6.94 12.96
C GLU D 22 -27.16 7.78 11.85
N LEU D 23 -27.98 8.51 11.12
CA LEU D 23 -27.48 9.36 10.08
C LEU D 23 -26.46 10.42 10.71
N PHE D 24 -26.87 11.12 11.78
CA PHE D 24 -26.01 12.09 12.41
C PHE D 24 -24.67 11.43 12.82
N ARG D 25 -24.71 10.21 13.35
CA ARG D 25 -23.47 9.49 13.68
C ARG D 25 -22.58 9.30 12.45
N ARG D 26 -23.21 8.98 11.30
CA ARG D 26 -22.47 8.75 10.07
C ARG D 26 -21.95 10.03 9.55
N LEU D 27 -22.74 11.09 9.56
CA LEU D 27 -22.31 12.38 9.08
C LEU D 27 -21.02 12.82 9.84
N GLN D 28 -21.02 12.68 11.18
CA GLN D 28 -19.92 13.15 12.00
C GLN D 28 -18.70 12.35 11.66
N LYS D 29 -18.92 11.06 11.57
CA LYS D 29 -17.83 10.17 11.33
C LYS D 29 -17.12 10.46 10.00
N TRP D 30 -17.84 11.07 9.04
CA TRP D 30 -17.32 11.34 7.71
C TRP D 30 -17.01 12.83 7.51
N GLU D 31 -17.07 13.61 8.60
CA GLU D 31 -16.79 15.06 8.59
C GLU D 31 -17.77 15.88 7.79
N LEU D 32 -19.02 15.44 7.76
CA LEU D 32 -20.09 16.27 7.26
C LEU D 32 -20.70 16.99 8.41
N ASN D 33 -21.44 18.03 8.14
CA ASN D 33 -21.84 18.89 9.26
C ASN D 33 -23.31 19.33 9.29
N THR D 34 -24.13 18.93 8.31
CA THR D 34 -25.51 19.51 8.18
C THR D 34 -26.60 18.43 7.86
N TYR D 35 -27.80 18.66 8.39
CA TYR D 35 -29.00 17.89 8.11
C TYR D 35 -30.14 18.87 7.91
N LEU D 36 -30.74 18.81 6.73
CA LEU D 36 -31.95 19.57 6.48
C LEU D 36 -33.20 18.67 6.55
N TYR D 37 -34.12 18.99 7.45
CA TYR D 37 -35.32 18.22 7.67
C TYR D 37 -36.41 18.68 6.76
N ALA D 38 -36.72 17.91 5.70
CA ALA D 38 -37.74 18.34 4.72
C ALA D 38 -38.56 17.15 4.01
N PRO D 39 -39.03 16.10 4.74
CA PRO D 39 -39.71 14.98 4.04
C PRO D 39 -41.08 15.40 3.51
N LYS D 40 -41.24 15.28 2.20
CA LYS D 40 -42.44 15.82 1.55
C LYS D 40 -43.76 15.31 2.17
N ASP D 41 -43.70 14.08 2.69
CA ASP D 41 -44.92 13.41 3.15
C ASP D 41 -44.92 13.17 4.66
N ASP D 42 -44.01 13.82 5.37
CA ASP D 42 -44.25 14.04 6.85
C ASP D 42 -45.37 15.10 6.92
N TYR D 43 -46.55 14.70 7.42
CA TYR D 43 -47.77 15.57 7.12
C TYR D 43 -47.69 17.02 7.73
N LYS D 44 -46.93 17.20 8.79
CA LYS D 44 -46.88 18.53 9.45
C LYS D 44 -45.76 19.36 8.88
N HIS D 45 -44.98 18.75 7.95
CA HIS D 45 -44.00 19.56 7.24
C HIS D 45 -44.59 20.34 6.02
N ARG D 46 -45.62 19.76 5.37
CA ARG D 46 -46.18 20.29 4.12
C ARG D 46 -47.72 20.25 4.02
N MET D 47 -48.28 19.05 3.88
CA MET D 47 -49.72 18.90 3.68
C MET D 47 -50.49 19.68 4.74
N PHE D 48 -50.09 19.57 6.03
CA PHE D 48 -50.81 20.23 7.13
C PHE D 48 -49.82 21.05 7.94
N TRP D 49 -49.10 21.95 7.23
CA TRP D 49 -47.99 22.73 7.79
C TRP D 49 -48.43 23.68 8.92
N ARG D 50 -49.71 24.02 8.96
CA ARG D 50 -50.27 24.86 9.99
C ARG D 50 -50.30 24.16 11.36
N GLU D 51 -50.31 22.82 11.39
CA GLU D 51 -50.55 22.08 12.61
C GLU D 51 -49.35 21.95 13.53
N MET D 52 -49.60 22.15 14.82
CA MET D 52 -48.56 22.16 15.84
C MET D 52 -48.29 20.70 16.11
N TYR D 53 -47.06 20.41 16.55
CA TYR D 53 -46.78 19.08 16.99
C TYR D 53 -47.57 18.74 18.24
N SER D 54 -48.01 17.49 18.35
CA SER D 54 -48.54 16.96 19.58
C SER D 54 -47.41 16.84 20.64
N VAL D 55 -47.83 16.64 21.91
CA VAL D 55 -46.92 16.42 23.04
C VAL D 55 -45.93 15.27 22.70
N GLU D 56 -46.44 14.14 22.17
CA GLU D 56 -45.61 12.98 21.87
C GLU D 56 -44.65 13.31 20.69
N GLU D 57 -45.17 13.96 19.64
CA GLU D 57 -44.35 14.40 18.53
C GLU D 57 -43.29 15.42 19.00
N ALA D 58 -43.71 16.38 19.84
CA ALA D 58 -42.84 17.39 20.38
C ALA D 58 -41.63 16.72 21.14
N GLU D 59 -41.92 15.77 22.01
CA GLU D 59 -40.88 15.02 22.71
C GLU D 59 -39.93 14.28 21.71
N GLN D 60 -40.50 13.66 20.67
CA GLN D 60 -39.69 12.98 19.63
C GLN D 60 -38.76 13.95 18.92
N LEU D 61 -39.26 15.14 18.58
CA LEU D 61 -38.48 16.07 17.81
C LEU D 61 -37.38 16.74 18.63
N MET D 62 -37.69 17.11 19.90
CA MET D 62 -36.70 17.64 20.82
C MET D 62 -35.56 16.65 21.06
N THR D 63 -35.91 15.37 21.19
CA THR D 63 -34.92 14.32 21.34
C THR D 63 -34.02 14.17 20.07
N LEU D 64 -34.64 14.30 18.87
CA LEU D 64 -33.88 14.25 17.63
C LEU D 64 -32.90 15.42 17.56
N ILE D 65 -33.42 16.61 17.87
CA ILE D 65 -32.65 17.86 17.85
C ILE D 65 -31.45 17.82 18.85
N SER D 66 -31.68 17.21 20.01
CA SER D 66 -30.58 17.05 20.99
C SER D 66 -29.60 16.08 20.45
N ALA D 67 -30.05 15.00 19.79
CA ALA D 67 -29.07 14.09 19.16
C ALA D 67 -28.18 14.80 18.13
N ALA D 68 -28.76 15.71 17.33
CA ALA D 68 -27.99 16.46 16.34
C ALA D 68 -26.88 17.26 17.01
N ARG D 69 -27.25 17.90 18.12
CA ARG D 69 -26.31 18.72 18.89
C ARG D 69 -25.24 17.84 19.52
N GLU D 70 -25.64 16.68 20.04
CA GLU D 70 -24.77 15.66 20.56
C GLU D 70 -23.69 15.20 19.55
N TYR D 71 -24.08 15.03 18.27
CA TYR D 71 -23.13 14.72 17.17
C TYR D 71 -22.57 15.94 16.43
N GLU D 72 -22.95 17.15 16.86
CA GLU D 72 -22.44 18.39 16.27
C GLU D 72 -22.82 18.51 14.83
N ILE D 73 -24.06 18.12 14.53
CA ILE D 73 -24.60 18.29 13.21
C ILE D 73 -25.60 19.42 13.26
N GLU D 74 -25.51 20.39 12.36
CA GLU D 74 -26.46 21.48 12.44
C GLU D 74 -27.84 20.98 11.93
N PHE D 75 -28.90 21.22 12.70
CA PHE D 75 -30.21 20.69 12.38
C PHE D 75 -30.96 21.84 11.77
N ILE D 76 -31.31 21.77 10.47
CA ILE D 76 -32.13 22.82 9.85
C ILE D 76 -33.57 22.29 9.62
N TYR D 77 -34.56 22.99 10.20
CA TYR D 77 -35.94 22.61 10.13
C TYR D 77 -36.60 23.32 8.98
N ALA D 78 -37.07 22.56 8.00
CA ALA D 78 -37.80 23.25 6.92
C ALA D 78 -39.27 23.12 7.11
N ILE D 79 -40.02 23.98 6.46
CA ILE D 79 -41.46 23.88 6.37
C ILE D 79 -41.87 24.32 4.94
N SER D 80 -42.99 23.79 4.43
CA SER D 80 -43.42 24.00 3.03
C SER D 80 -44.87 24.45 3.00
N PRO D 81 -45.11 25.78 3.02
CA PRO D 81 -46.47 26.24 3.23
C PRO D 81 -47.19 26.57 1.94
N GLY D 82 -46.46 26.55 0.84
CA GLY D 82 -46.95 27.13 -0.39
C GLY D 82 -48.11 26.46 -1.11
N LEU D 83 -48.64 25.33 -0.65
CA LEU D 83 -49.74 24.74 -1.41
C LEU D 83 -51.05 25.47 -1.19
N ASP D 84 -51.21 26.09 -0.02
CA ASP D 84 -52.50 26.68 0.31
C ASP D 84 -52.44 27.92 1.26
N ILE D 85 -51.24 28.46 1.50
CA ILE D 85 -51.11 29.70 2.24
C ILE D 85 -51.72 30.87 1.41
N THR D 86 -52.47 31.76 2.09
CA THR D 86 -52.79 33.13 1.60
C THR D 86 -51.72 34.05 2.17
N PHE D 87 -50.78 34.44 1.32
CA PHE D 87 -49.56 35.17 1.71
C PHE D 87 -49.73 36.52 2.39
N SER D 88 -50.82 37.20 2.05
CA SER D 88 -51.18 38.55 2.55
C SER D 88 -52.07 38.54 3.77
N ASN D 89 -52.63 37.38 4.10
CA ASN D 89 -53.44 37.25 5.31
C ASN D 89 -52.53 37.18 6.55
N PRO D 90 -52.56 38.21 7.44
CA PRO D 90 -51.59 38.17 8.54
C PRO D 90 -51.86 37.05 9.58
N LYS D 91 -53.08 36.48 9.62
CA LYS D 91 -53.37 35.28 10.44
C LYS D 91 -52.52 34.06 9.99
N GLU D 92 -52.33 33.99 8.67
CA GLU D 92 -51.56 32.95 8.02
C GLU D 92 -50.12 33.15 8.40
N VAL D 93 -49.67 34.41 8.29
CA VAL D 93 -48.33 34.81 8.72
C VAL D 93 -48.05 34.49 10.20
N SER D 94 -49.07 34.57 11.06
CA SER D 94 -48.83 34.31 12.48
C SER D 94 -48.85 32.82 12.77
N THR D 95 -49.75 32.09 12.11
CA THR D 95 -49.73 30.63 12.14
C THR D 95 -48.31 30.09 11.82
N LEU D 96 -47.72 30.64 10.79
CA LEU D 96 -46.38 30.21 10.43
C LEU D 96 -45.35 30.46 11.55
N LYS D 97 -45.23 31.73 11.93
CA LYS D 97 -44.47 32.15 13.13
C LYS D 97 -44.72 31.25 14.35
N ARG D 98 -45.96 30.97 14.64
CA ARG D 98 -46.26 30.09 15.77
C ARG D 98 -45.61 28.66 15.57
N LYS D 99 -45.72 28.16 14.32
CA LYS D 99 -45.31 26.83 14.08
C LYS D 99 -43.82 26.82 14.22
N LEU D 100 -43.13 27.81 13.69
CA LEU D 100 -41.67 27.85 13.81
C LEU D 100 -41.14 28.15 15.23
N ASP D 101 -41.82 29.01 16.01
CA ASP D 101 -41.57 29.21 17.47
C ASP D 101 -41.60 27.88 18.24
N GLN D 102 -42.63 27.05 17.98
CA GLN D 102 -42.73 25.74 18.64
C GLN D 102 -41.44 24.95 18.43
N VAL D 103 -40.88 25.07 17.23
CA VAL D 103 -39.78 24.26 16.83
C VAL D 103 -38.50 24.84 17.45
N SER D 104 -38.38 26.15 17.51
CA SER D 104 -37.14 26.71 18.17
C SER D 104 -37.19 26.46 19.67
N GLN D 105 -38.40 26.40 20.22
CA GLN D 105 -38.56 25.91 21.57
C GLN D 105 -38.08 24.48 21.77
N PHE D 106 -38.05 23.66 20.72
CA PHE D 106 -37.43 22.30 20.82
C PHE D 106 -35.90 22.40 20.84
N GLY D 107 -35.34 23.56 20.54
CA GLY D 107 -33.88 23.71 20.55
C GLY D 107 -33.31 23.95 19.16
N CYS D 108 -34.18 24.18 18.19
CA CYS D 108 -33.74 24.32 16.79
C CYS D 108 -33.34 25.77 16.53
N ARG D 109 -32.22 25.97 15.86
CA ARG D 109 -31.69 27.32 15.59
C ARG D 109 -31.55 27.72 14.11
N SER D 110 -31.77 26.78 13.20
CA SER D 110 -31.72 27.00 11.78
C SER D 110 -33.05 26.51 11.14
N PHE D 111 -33.52 27.25 10.13
CA PHE D 111 -34.85 27.05 9.58
C PHE D 111 -34.78 27.22 8.06
N ALA D 112 -35.86 26.82 7.37
CA ALA D 112 -36.01 26.96 5.90
C ALA D 112 -37.48 27.08 5.55
N LEU D 113 -37.80 27.95 4.58
CA LEU D 113 -39.14 27.96 3.92
C LEU D 113 -38.92 27.47 2.48
N LEU D 114 -39.72 26.48 2.05
CA LEU D 114 -39.50 25.83 0.75
C LEU D 114 -40.68 26.18 -0.12
N PHE D 115 -40.45 26.66 -1.34
CA PHE D 115 -41.61 26.91 -2.23
C PHE D 115 -41.57 26.09 -3.56
N ASP D 116 -40.77 25.01 -3.57
CA ASP D 116 -40.66 24.10 -4.69
C ASP D 116 -41.97 23.34 -4.94
N ASN D 117 -42.29 23.05 -6.23
CA ASN D 117 -43.38 22.13 -6.59
C ASN D 117 -44.78 22.53 -6.10
N ILE D 118 -45.12 23.80 -6.31
CA ILE D 118 -46.48 24.28 -6.02
C ILE D 118 -46.98 25.01 -7.31
N ASP D 119 -48.29 25.23 -7.43
CA ASP D 119 -48.87 26.13 -8.48
C ASP D 119 -48.26 27.51 -8.43
N HIS D 120 -47.72 27.91 -9.59
CA HIS D 120 -46.99 29.18 -9.81
C HIS D 120 -48.03 30.27 -10.13
N ASN D 121 -48.79 30.68 -9.13
CA ASN D 121 -50.10 31.29 -9.29
C ASN D 121 -50.46 31.95 -7.94
N MET D 122 -51.65 32.59 -7.83
CA MET D 122 -52.10 33.28 -6.60
C MET D 122 -53.61 33.45 -6.52
N CYS D 123 -54.17 33.30 -5.31
CA CYS D 123 -55.61 33.55 -5.04
C CYS D 123 -55.94 35.07 -5.24
N ALA D 124 -57.21 35.40 -5.41
CA ALA D 124 -57.62 36.80 -5.70
C ALA D 124 -57.05 37.76 -4.67
N ALA D 125 -57.17 37.37 -3.39
CA ALA D 125 -56.78 38.20 -2.25
C ALA D 125 -55.31 38.63 -2.30
N ASP D 126 -54.41 37.68 -2.61
CA ASP D 126 -52.96 38.00 -2.69
C ASP D 126 -52.58 38.82 -3.93
N LYS D 127 -53.38 38.74 -4.99
CA LYS D 127 -53.10 39.52 -6.24
C LYS D 127 -53.39 41.01 -6.02
N GLU D 128 -54.43 41.30 -5.23
CA GLU D 128 -54.77 42.64 -4.75
C GLU D 128 -53.67 43.28 -3.83
N VAL D 129 -52.70 42.50 -3.35
CA VAL D 129 -51.66 42.97 -2.41
C VAL D 129 -50.24 42.90 -2.96
N PHE D 130 -49.93 41.86 -3.73
CA PHE D 130 -48.56 41.66 -4.21
C PHE D 130 -48.59 41.75 -5.70
N SER D 131 -47.51 42.31 -6.27
CA SER D 131 -47.46 42.49 -7.74
C SER D 131 -47.19 41.15 -8.45
N SER D 132 -46.51 40.22 -7.73
CA SER D 132 -46.11 38.90 -8.24
C SER D 132 -46.00 37.82 -7.13
N PHE D 133 -46.01 36.57 -7.58
CA PHE D 133 -45.79 35.40 -6.73
C PHE D 133 -44.45 35.48 -5.97
N ALA D 134 -43.37 35.89 -6.66
CA ALA D 134 -42.06 36.12 -6.01
C ALA D 134 -42.08 37.16 -4.91
N HIS D 135 -42.90 38.21 -5.09
CA HIS D 135 -42.98 39.29 -4.12
C HIS D 135 -43.69 38.73 -2.90
N ALA D 136 -44.82 38.05 -3.12
CA ALA D 136 -45.53 37.34 -2.07
C ALA D 136 -44.64 36.38 -1.23
N GLN D 137 -43.77 35.60 -1.88
CA GLN D 137 -42.90 34.66 -1.15
C GLN D 137 -41.76 35.35 -0.40
N VAL D 138 -41.04 36.27 -1.06
CA VAL D 138 -39.92 37.02 -0.43
C VAL D 138 -40.44 37.88 0.76
N SER D 139 -41.66 38.42 0.64
CA SER D 139 -42.17 39.26 1.70
C SER D 139 -42.27 38.41 2.99
N ILE D 140 -43.14 37.38 2.95
CA ILE D 140 -43.27 36.41 4.04
C ILE D 140 -41.93 35.79 4.47
N THR D 141 -41.00 35.60 3.57
CA THR D 141 -39.75 34.97 3.95
C THR D 141 -38.85 35.90 4.76
N ASN D 142 -38.71 37.12 4.22
CA ASN D 142 -37.92 38.19 4.84
C ASN D 142 -38.46 38.45 6.27
N GLU D 143 -39.78 38.60 6.37
CA GLU D 143 -40.47 38.79 7.66
C GLU D 143 -40.25 37.68 8.65
N ILE D 144 -40.32 36.41 8.23
CA ILE D 144 -40.05 35.29 9.13
C ILE D 144 -38.59 35.28 9.61
N TYR D 145 -37.67 35.63 8.72
CA TYR D 145 -36.24 35.61 9.04
C TYR D 145 -35.96 36.62 10.18
N GLN D 146 -36.72 37.71 10.18
CA GLN D 146 -36.43 38.78 11.13
C GLN D 146 -37.13 38.49 12.43
N TYR D 147 -38.41 38.12 12.30
CA TYR D 147 -39.17 37.65 13.42
C TYR D 147 -38.45 36.63 14.30
N LEU D 148 -37.49 35.87 13.74
CA LEU D 148 -36.75 34.81 14.47
C LEU D 148 -35.36 35.30 14.86
N GLY D 149 -35.10 36.59 14.77
CA GLY D 149 -33.80 37.13 15.19
C GLY D 149 -32.62 36.89 14.27
N GLU D 150 -32.90 36.82 12.97
CA GLU D 150 -31.90 36.56 11.93
C GLU D 150 -30.95 35.41 12.19
N PRO D 151 -31.49 34.16 12.26
CA PRO D 151 -30.64 33.02 12.64
C PRO D 151 -29.42 32.82 11.71
N GLU D 152 -28.37 32.23 12.26
CA GLU D 152 -27.12 32.03 11.52
C GLU D 152 -27.44 31.32 10.17
N THR D 153 -28.27 30.25 10.21
CA THR D 153 -28.73 29.57 8.96
C THR D 153 -30.23 29.67 8.70
N PHE D 154 -30.58 30.30 7.59
CA PHE D 154 -31.96 30.35 7.08
C PHE D 154 -31.98 30.13 5.53
N LEU D 155 -32.70 29.09 5.06
CA LEU D 155 -32.65 28.69 3.64
C LEU D 155 -33.97 29.02 2.94
N PHE D 156 -33.90 29.35 1.67
CA PHE D 156 -35.09 29.63 0.89
C PHE D 156 -35.03 28.65 -0.31
N CYS D 157 -36.11 27.88 -0.56
CA CYS D 157 -36.12 27.12 -1.83
C CYS D 157 -37.09 27.78 -2.78
N PRO D 158 -36.58 28.34 -3.88
CA PRO D 158 -37.45 29.03 -4.86
C PRO D 158 -38.42 28.06 -5.56
N THR D 159 -39.55 28.59 -6.06
CA THR D 159 -40.42 27.85 -6.97
C THR D 159 -39.70 27.46 -8.25
N GLU D 160 -38.73 28.29 -8.65
CA GLU D 160 -37.91 28.07 -9.84
C GLU D 160 -36.54 27.68 -9.32
N TYR D 161 -36.46 26.37 -9.04
CA TYR D 161 -35.34 25.83 -8.30
C TYR D 161 -34.27 25.09 -9.09
N CYS D 162 -34.48 25.00 -10.43
CA CYS D 162 -33.45 24.51 -11.38
C CYS D 162 -33.73 25.19 -12.74
N GLY D 163 -32.79 25.11 -13.70
CA GLY D 163 -33.04 25.56 -15.12
C GLY D 163 -34.46 25.31 -15.61
N THR D 164 -34.83 24.04 -15.69
CA THR D 164 -36.07 23.61 -16.36
C THR D 164 -37.32 24.30 -15.80
N PHE D 165 -37.25 24.73 -14.53
CA PHE D 165 -38.44 25.31 -13.91
C PHE D 165 -38.40 26.84 -14.04
N CYS D 166 -37.28 27.38 -14.53
CA CYS D 166 -37.20 28.82 -14.71
C CYS D 166 -38.11 29.27 -15.87
N TYR D 167 -38.95 30.27 -15.65
CA TYR D 167 -39.81 30.85 -16.70
C TYR D 167 -39.39 32.31 -17.07
N PRO D 168 -39.08 32.55 -18.34
CA PRO D 168 -39.09 31.56 -19.41
C PRO D 168 -37.71 30.92 -19.54
N ASN D 169 -36.73 31.44 -18.79
CA ASN D 169 -35.40 30.82 -18.65
C ASN D 169 -34.73 31.38 -17.42
N VAL D 170 -33.46 31.04 -17.19
CA VAL D 170 -32.76 31.42 -15.95
C VAL D 170 -32.49 32.95 -15.85
N SER D 171 -31.73 33.50 -16.81
CA SER D 171 -31.25 34.90 -16.75
C SER D 171 -32.33 35.96 -17.04
N GLN D 172 -33.49 35.57 -17.50
CA GLN D 172 -34.52 36.52 -17.69
C GLN D 172 -35.70 36.21 -16.82
N SER D 173 -35.57 35.30 -15.87
CA SER D 173 -36.70 35.01 -14.99
C SER D 173 -37.16 36.28 -14.22
N PRO D 174 -38.43 36.75 -14.44
CA PRO D 174 -38.89 37.80 -13.51
C PRO D 174 -39.07 37.26 -12.07
N TYR D 175 -39.29 35.95 -11.91
CA TYR D 175 -39.33 35.37 -10.55
C TYR D 175 -37.95 35.45 -9.86
N LEU D 176 -36.93 34.91 -10.50
CA LEU D 176 -35.59 34.90 -9.90
C LEU D 176 -34.97 36.30 -9.70
N ARG D 177 -35.33 37.27 -10.56
CA ARG D 177 -34.91 38.66 -10.38
C ARG D 177 -35.50 39.21 -9.08
N THR D 178 -36.82 39.17 -8.96
CA THR D 178 -37.44 39.61 -7.72
C THR D 178 -36.81 38.94 -6.48
N VAL D 179 -36.53 37.65 -6.57
CA VAL D 179 -35.84 36.91 -5.50
C VAL D 179 -34.48 37.52 -5.17
N GLY D 180 -33.57 37.57 -6.15
CA GLY D 180 -32.21 38.12 -5.97
C GLY D 180 -32.16 39.55 -5.41
N GLU D 181 -33.03 40.42 -5.92
CA GLU D 181 -33.17 41.83 -5.46
C GLU D 181 -33.74 41.93 -4.04
N LYS D 182 -34.94 41.41 -3.80
CA LYS D 182 -35.66 41.69 -2.56
C LYS D 182 -35.42 40.69 -1.40
N LEU D 183 -34.71 39.58 -1.63
CA LEU D 183 -34.53 38.61 -0.56
C LEU D 183 -33.35 39.04 0.30
N LEU D 184 -33.55 39.13 1.62
CA LEU D 184 -32.46 39.60 2.52
C LEU D 184 -31.14 38.84 2.32
N PRO D 185 -30.02 39.57 2.30
CA PRO D 185 -28.71 38.97 2.04
C PRO D 185 -28.28 37.88 3.00
N GLY D 186 -28.87 37.84 4.19
CA GLY D 186 -28.58 36.80 5.14
C GLY D 186 -29.19 35.44 4.74
N ILE D 187 -30.26 35.43 3.97
CA ILE D 187 -31.01 34.21 3.61
C ILE D 187 -30.36 33.46 2.45
N GLU D 188 -30.15 32.13 2.61
CA GLU D 188 -29.58 31.31 1.53
C GLU D 188 -30.62 30.81 0.50
N VAL D 189 -30.15 30.52 -0.73
CA VAL D 189 -31.03 30.03 -1.82
C VAL D 189 -30.62 28.66 -2.29
N LEU D 190 -31.60 27.76 -2.24
CA LEU D 190 -31.39 26.35 -2.65
C LEU D 190 -31.56 26.17 -4.16
N TRP D 191 -30.78 25.26 -4.76
CA TRP D 191 -30.76 25.15 -6.24
C TRP D 191 -30.36 23.74 -6.55
N THR D 192 -31.07 23.10 -7.52
CA THR D 192 -30.83 21.68 -7.87
C THR D 192 -29.98 21.56 -9.12
N GLY D 193 -29.62 22.70 -9.73
CA GLY D 193 -28.70 22.66 -10.88
C GLY D 193 -29.52 22.92 -12.17
N PRO D 194 -28.98 22.56 -13.35
CA PRO D 194 -29.75 22.73 -14.61
C PRO D 194 -31.11 21.98 -14.69
N LYS D 195 -31.18 20.80 -14.09
CA LYS D 195 -32.43 20.05 -14.09
C LYS D 195 -32.81 19.67 -12.64
N VAL D 196 -33.99 19.10 -12.47
CA VAL D 196 -34.38 18.50 -11.20
C VAL D 196 -33.31 17.49 -10.80
N VAL D 197 -33.01 16.53 -11.68
CA VAL D 197 -31.96 15.56 -11.42
C VAL D 197 -30.85 15.87 -12.40
N SER D 198 -29.80 16.51 -11.92
CA SER D 198 -28.76 17.07 -12.80
C SER D 198 -27.70 16.05 -13.04
N LYS D 199 -27.50 15.72 -14.33
CA LYS D 199 -26.40 14.83 -14.73
C LYS D 199 -25.06 15.47 -14.37
N GLU D 200 -24.99 16.77 -14.65
CA GLU D 200 -23.84 17.60 -14.32
C GLU D 200 -24.32 18.91 -13.81
N ILE D 201 -23.52 19.53 -12.95
CA ILE D 201 -23.83 20.90 -12.50
C ILE D 201 -22.57 21.76 -12.89
N PRO D 202 -22.52 22.25 -14.17
CA PRO D 202 -21.35 23.03 -14.69
C PRO D 202 -21.15 24.35 -13.93
N VAL D 203 -19.90 24.65 -13.62
CA VAL D 203 -19.53 25.92 -12.94
C VAL D 203 -20.19 27.16 -13.57
N GLU D 204 -20.30 27.19 -14.89
CA GLU D 204 -20.83 28.37 -15.58
C GLU D 204 -22.32 28.40 -15.42
N SER D 205 -22.93 27.23 -15.22
CA SER D 205 -24.38 27.25 -14.89
C SER D 205 -24.58 27.92 -13.53
N ILE D 206 -23.61 27.76 -12.63
CA ILE D 206 -23.62 28.28 -11.25
C ILE D 206 -23.32 29.79 -11.22
N GLU D 207 -22.34 30.20 -12.01
CA GLU D 207 -22.04 31.62 -12.23
C GLU D 207 -23.25 32.30 -12.82
N GLU D 208 -23.86 31.71 -13.85
CA GLU D 208 -25.07 32.30 -14.40
C GLU D 208 -26.10 32.52 -13.29
N VAL D 209 -26.46 31.45 -12.55
CA VAL D 209 -27.53 31.56 -11.52
C VAL D 209 -27.12 32.46 -10.34
N SER D 210 -25.87 32.33 -9.84
CA SER D 210 -25.36 33.25 -8.80
C SER D 210 -25.60 34.75 -9.10
N LYS D 211 -25.25 35.22 -10.31
CA LYS D 211 -25.45 36.66 -10.64
C LYS D 211 -26.89 37.11 -10.48
N ILE D 212 -27.85 36.27 -10.88
CA ILE D 212 -29.27 36.65 -10.81
C ILE D 212 -29.86 36.60 -9.40
N ILE D 213 -29.44 35.62 -8.59
CA ILE D 213 -29.95 35.51 -7.20
C ILE D 213 -29.10 36.39 -6.25
N LYS D 214 -27.97 36.90 -6.75
CA LYS D 214 -27.08 37.90 -6.07
C LYS D 214 -26.32 37.29 -4.88
N ARG D 215 -26.00 35.99 -4.98
CA ARG D 215 -25.26 35.22 -3.96
C ARG D 215 -24.97 33.81 -4.50
N ALA D 216 -23.96 33.16 -3.92
CA ALA D 216 -23.66 31.74 -4.11
C ALA D 216 -24.84 30.85 -3.54
N PRO D 217 -25.31 29.82 -4.30
CA PRO D 217 -26.44 29.00 -3.83
C PRO D 217 -26.05 27.83 -2.94
N VAL D 218 -27.03 27.30 -2.21
CA VAL D 218 -26.79 25.99 -1.59
C VAL D 218 -27.38 24.94 -2.56
N ILE D 219 -26.59 23.97 -2.97
CA ILE D 219 -27.11 22.94 -3.88
C ILE D 219 -28.00 21.91 -3.11
N TRP D 220 -29.25 21.79 -3.52
CA TRP D 220 -30.06 20.63 -3.12
C TRP D 220 -29.83 19.64 -4.24
N ASP D 221 -28.99 18.64 -3.96
CA ASP D 221 -28.57 17.73 -4.99
C ASP D 221 -29.48 16.46 -5.04
N ASN D 222 -30.07 16.22 -6.20
CA ASN D 222 -30.93 15.02 -6.45
C ASN D 222 -30.31 13.87 -7.22
N ILE D 223 -28.98 13.90 -7.33
CA ILE D 223 -28.23 12.89 -8.06
C ILE D 223 -28.62 11.44 -7.61
N HIS D 224 -28.77 11.22 -6.32
CA HIS D 224 -29.02 9.88 -5.81
C HIS D 224 -30.48 9.75 -5.37
N ALA D 225 -31.33 10.73 -5.64
CA ALA D 225 -32.75 10.57 -5.23
C ALA D 225 -33.42 9.43 -6.01
N ASN D 226 -34.31 8.65 -5.40
CA ASN D 226 -34.95 7.62 -6.21
C ASN D 226 -36.49 7.55 -5.98
N ASP D 227 -37.13 8.61 -5.53
CA ASP D 227 -38.53 8.55 -5.20
C ASP D 227 -39.36 8.62 -6.51
N TYR D 228 -38.76 9.00 -7.65
CA TYR D 228 -39.54 9.28 -8.81
C TYR D 228 -39.70 8.04 -9.70
N ASP D 229 -39.04 6.92 -9.37
CA ASP D 229 -39.09 5.73 -10.20
C ASP D 229 -38.93 4.53 -9.31
N GLN D 230 -40.02 3.81 -9.17
CA GLN D 230 -40.14 2.65 -8.29
C GLN D 230 -38.99 1.61 -8.45
N LYS D 231 -38.58 1.37 -9.70
CA LYS D 231 -37.62 0.31 -9.98
C LYS D 231 -36.13 0.72 -9.75
N ARG D 232 -35.86 1.99 -9.44
CA ARG D 232 -34.50 2.48 -9.53
C ARG D 232 -33.90 2.76 -8.14
N LEU D 233 -32.58 2.49 -8.02
CA LEU D 233 -31.81 2.71 -6.78
C LEU D 233 -30.45 3.18 -7.22
N PHE D 234 -29.81 4.10 -6.48
CA PHE D 234 -28.49 4.63 -6.93
C PHE D 234 -27.39 4.43 -5.91
N LEU D 235 -26.49 3.49 -6.20
CA LEU D 235 -25.35 3.16 -5.34
C LEU D 235 -23.96 3.60 -5.94
N GLY D 236 -24.00 4.38 -7.01
CA GLY D 236 -22.81 4.82 -7.68
C GLY D 236 -22.23 6.06 -6.95
N PRO D 237 -21.04 6.52 -7.39
CA PRO D 237 -20.36 7.59 -6.63
C PRO D 237 -20.94 8.95 -6.97
N TYR D 238 -20.82 9.90 -6.05
CA TYR D 238 -21.11 11.25 -6.34
C TYR D 238 -20.28 11.60 -7.56
N LYS D 239 -20.84 12.31 -8.55
CA LYS D 239 -20.18 12.44 -9.86
C LYS D 239 -20.86 13.50 -10.69
N GLY D 240 -20.09 14.23 -11.48
CA GLY D 240 -20.62 15.27 -12.38
C GLY D 240 -20.60 16.63 -11.77
N ARG D 241 -19.87 16.76 -10.68
CA ARG D 241 -19.82 18.06 -9.94
C ARG D 241 -18.33 18.27 -9.68
N SER D 242 -17.77 19.22 -10.43
CA SER D 242 -16.36 19.61 -10.20
C SER D 242 -16.15 20.10 -8.77
N THR D 243 -15.06 19.66 -8.16
CA THR D 243 -14.50 20.28 -6.92
C THR D 243 -14.35 21.84 -6.92
N GLU D 244 -14.20 22.42 -8.11
CA GLU D 244 -14.07 23.85 -8.33
C GLU D 244 -15.36 24.52 -8.01
N LEU D 245 -16.44 23.74 -7.85
CA LEU D 245 -17.69 24.35 -7.44
C LEU D 245 -17.65 24.73 -5.97
N ILE D 246 -16.87 24.02 -5.15
CA ILE D 246 -16.85 24.23 -3.68
C ILE D 246 -16.59 25.71 -3.28
N PRO D 247 -15.50 26.35 -3.81
CA PRO D 247 -15.37 27.83 -3.61
C PRO D 247 -16.54 28.67 -4.13
N ARG D 248 -17.37 28.12 -5.02
CA ARG D 248 -18.44 28.94 -5.59
C ARG D 248 -19.85 28.67 -5.02
N LEU D 249 -19.89 27.85 -3.96
CA LEU D 249 -21.20 27.46 -3.38
C LEU D 249 -21.21 27.72 -1.91
N LYS D 250 -22.39 27.99 -1.35
CA LYS D 250 -22.60 27.98 0.11
C LYS D 250 -22.61 26.55 0.74
N GLY D 251 -23.10 25.57 -0.01
CA GLY D 251 -22.98 24.18 0.41
C GLY D 251 -23.65 23.22 -0.55
N VAL D 252 -23.55 21.94 -0.25
CA VAL D 252 -24.24 20.91 -1.01
C VAL D 252 -24.91 20.01 0.01
N LEU D 253 -26.22 19.83 -0.17
CA LEU D 253 -27.05 18.92 0.61
C LEU D 253 -27.62 17.87 -0.34
N THR D 254 -27.22 16.59 -0.22
CA THR D 254 -27.78 15.54 -1.11
C THR D 254 -29.11 14.97 -0.56
N ASN D 255 -30.10 14.84 -1.45
CA ASN D 255 -31.43 14.24 -1.18
C ASN D 255 -31.29 12.82 -1.74
N PRO D 256 -31.02 11.86 -0.86
CA PRO D 256 -30.58 10.60 -1.40
C PRO D 256 -31.79 9.57 -1.53
N ASN D 257 -31.47 8.29 -1.63
CA ASN D 257 -32.50 7.22 -1.91
C ASN D 257 -33.44 7.17 -0.71
N CYS D 258 -34.71 6.90 -0.97
CA CYS D 258 -35.70 6.70 0.11
C CYS D 258 -35.26 5.64 1.13
N GLU D 259 -34.62 4.56 0.66
CA GLU D 259 -34.28 3.40 1.49
C GLU D 259 -33.02 3.78 2.27
N PHE D 260 -33.18 3.89 3.59
CA PHE D 260 -32.09 4.46 4.40
C PHE D 260 -30.71 3.79 4.21
N GLU D 261 -30.63 2.49 4.33
CA GLU D 261 -29.36 1.78 4.34
C GLU D 261 -28.70 1.77 2.94
N ALA D 262 -29.45 2.15 1.90
CA ALA D 262 -28.91 2.20 0.53
C ALA D 262 -28.03 3.44 0.32
N ASN D 263 -27.96 4.39 1.28
CA ASN D 263 -27.24 5.67 1.09
C ASN D 263 -25.78 5.74 1.62
N TYR D 264 -25.21 4.58 1.86
CA TYR D 264 -23.90 4.48 2.39
C TYR D 264 -22.96 5.13 1.34
N VAL D 265 -23.00 4.69 0.08
CA VAL D 265 -22.11 5.21 -0.95
C VAL D 265 -22.46 6.66 -1.23
N ALA D 266 -23.78 6.96 -1.31
CA ALA D 266 -24.14 8.32 -1.68
C ALA D 266 -23.47 9.33 -0.74
N ILE D 267 -23.46 9.03 0.55
CA ILE D 267 -23.11 10.09 1.52
C ILE D 267 -21.57 10.01 1.74
N HIS D 268 -21.01 8.79 1.80
CA HIS D 268 -19.58 8.56 1.92
C HIS D 268 -18.79 9.25 0.77
N THR D 269 -19.23 9.06 -0.47
CA THR D 269 -18.57 9.72 -1.63
C THR D 269 -18.81 11.21 -1.67
N LEU D 270 -19.98 11.68 -1.26
CA LEU D 270 -20.13 13.11 -1.08
C LEU D 270 -19.08 13.67 -0.07
N ALA D 271 -18.86 12.94 1.02
CA ALA D 271 -17.87 13.31 2.05
C ALA D 271 -16.45 13.35 1.43
N THR D 272 -16.11 12.33 0.62
CA THR D 272 -14.81 12.22 -0.04
C THR D 272 -14.62 13.40 -0.97
N TRP D 273 -15.63 13.71 -1.77
CA TRP D 273 -15.60 14.85 -2.68
C TRP D 273 -15.37 16.15 -1.95
N TYR D 274 -16.19 16.42 -0.94
CA TYR D 274 -16.08 17.65 -0.15
C TYR D 274 -14.70 17.85 0.51
N LYS D 275 -14.24 16.82 1.22
CA LYS D 275 -12.96 16.78 1.89
C LYS D 275 -11.75 17.00 0.95
N SER D 276 -11.87 16.63 -0.33
CA SER D 276 -10.75 16.71 -1.26
C SER D 276 -10.42 18.17 -1.55
N ASN D 277 -11.38 19.07 -1.33
CA ASN D 277 -11.21 20.50 -1.61
C ASN D 277 -11.89 21.51 -0.62
N MET D 278 -12.06 21.16 0.66
CA MET D 278 -12.89 21.98 1.62
C MET D 278 -12.40 23.42 1.98
N LEU D 315 -8.23 16.33 -8.09
CA LEU D 315 -8.60 16.24 -6.66
C LEU D 315 -9.57 15.12 -6.28
N TYR D 316 -10.51 14.77 -7.17
CA TYR D 316 -11.55 13.80 -6.83
C TYR D 316 -11.79 12.82 -8.00
N SER D 317 -11.63 11.52 -7.75
CA SER D 317 -11.97 10.53 -8.73
C SER D 317 -13.25 9.74 -8.30
N PRO D 318 -14.31 9.77 -9.12
CA PRO D 318 -15.52 8.99 -8.71
C PRO D 318 -15.21 7.56 -8.42
N GLN D 319 -14.37 6.90 -9.23
CA GLN D 319 -14.07 5.47 -9.07
C GLN D 319 -13.22 5.11 -7.90
N MET D 320 -12.27 5.97 -7.55
CA MET D 320 -11.51 5.78 -6.28
C MET D 320 -12.40 6.04 -5.08
N ALA D 321 -13.18 7.10 -5.12
CA ALA D 321 -14.20 7.36 -4.04
C ALA D 321 -15.17 6.15 -3.85
N LEU D 322 -15.67 5.60 -4.98
CA LEU D 322 -16.51 4.41 -5.00
C LEU D 322 -15.82 3.23 -4.35
N LYS D 323 -14.55 2.99 -4.68
CA LYS D 323 -13.87 1.85 -4.08
C LYS D 323 -13.77 1.99 -2.53
N LEU D 324 -13.42 3.19 -2.06
CA LEU D 324 -13.37 3.48 -0.61
C LEU D 324 -14.74 3.23 0.11
N ALA D 325 -15.80 3.76 -0.48
CA ALA D 325 -17.19 3.60 0.05
C ALA D 325 -17.52 2.15 0.13
N LEU D 326 -17.29 1.38 -0.96
CA LEU D 326 -17.71 -0.02 -0.99
C LEU D 326 -16.94 -0.84 0.02
N THR D 327 -15.63 -0.58 0.10
CA THR D 327 -14.73 -1.32 1.03
C THR D 327 -15.17 -1.17 2.48
N GLU D 328 -15.55 0.05 2.81
CA GLU D 328 -16.02 0.37 4.15
C GLU D 328 -17.42 -0.20 4.36
N TRP D 329 -18.28 -0.05 3.36
CA TRP D 329 -19.67 -0.53 3.48
C TRP D 329 -19.65 -1.99 3.73
N LEU D 330 -18.72 -2.71 3.09
CA LEU D 330 -18.63 -4.18 3.24
C LEU D 330 -18.60 -4.70 4.69
N GLN D 331 -17.98 -3.93 5.58
CA GLN D 331 -17.85 -4.31 6.99
C GLN D 331 -19.22 -4.32 7.70
N GLU D 332 -20.20 -3.60 7.16
CA GLU D 332 -21.54 -3.62 7.80
C GLU D 332 -22.37 -4.90 7.57
N PHE D 333 -22.00 -5.76 6.62
CA PHE D 333 -22.85 -6.89 6.21
C PHE D 333 -22.92 -8.19 7.07
N SER D 352 -20.84 -15.78 2.35
CA SER D 352 -21.06 -14.37 2.78
C SER D 352 -20.74 -13.28 1.75
N VAL D 353 -21.25 -12.08 1.98
CA VAL D 353 -21.18 -11.02 1.00
C VAL D 353 -19.72 -10.61 0.71
N THR D 354 -19.35 -10.54 -0.56
CA THR D 354 -17.96 -10.13 -0.92
C THR D 354 -17.92 -8.72 -1.49
N LEU D 355 -16.71 -8.13 -1.52
CA LEU D 355 -16.47 -6.87 -2.16
C LEU D 355 -16.97 -6.95 -3.60
N GLU D 356 -16.75 -8.11 -4.24
CA GLU D 356 -17.10 -8.25 -5.68
C GLU D 356 -18.63 -8.26 -5.85
N ASP D 357 -19.34 -8.82 -4.86
CA ASP D 357 -20.79 -8.77 -4.78
C ASP D 357 -21.27 -7.30 -4.79
N LEU D 358 -20.66 -6.49 -3.93
CA LEU D 358 -21.04 -5.07 -3.79
C LEU D 358 -20.70 -4.26 -5.04
N GLN D 359 -19.54 -4.55 -5.65
CA GLN D 359 -19.17 -3.92 -6.92
C GLN D 359 -20.18 -4.15 -8.03
N LEU D 360 -20.66 -5.38 -8.15
CA LEU D 360 -21.62 -5.72 -9.18
C LEU D 360 -23.01 -5.08 -8.79
N LEU D 361 -23.41 -5.17 -7.52
CA LEU D 361 -24.65 -4.51 -7.03
C LEU D 361 -24.63 -3.04 -7.42
N ALA D 362 -23.55 -2.33 -7.09
CA ALA D 362 -23.50 -0.91 -7.41
C ALA D 362 -23.54 -0.63 -8.90
N ASP D 363 -22.87 -1.47 -9.69
CA ASP D 363 -22.90 -1.27 -11.14
C ASP D 363 -24.27 -1.52 -11.78
N LEU D 364 -25.07 -2.39 -11.16
CA LEU D 364 -26.40 -2.68 -11.63
C LEU D 364 -27.35 -1.54 -11.26
N PHE D 365 -27.04 -0.81 -10.18
CA PHE D 365 -27.90 0.27 -9.66
C PHE D 365 -27.03 1.46 -9.40
N TYR D 366 -26.66 2.15 -10.48
CA TYR D 366 -25.51 3.04 -10.47
C TYR D 366 -25.93 4.50 -10.29
N LEU D 367 -26.20 5.18 -11.37
CA LEU D 367 -26.46 6.58 -11.41
C LEU D 367 -27.63 6.84 -12.31
N PRO D 368 -28.27 7.99 -12.15
CA PRO D 368 -29.49 8.21 -12.93
C PRO D 368 -29.26 8.22 -14.48
N TYR D 369 -28.06 8.65 -14.92
CA TYR D 369 -27.78 8.66 -16.36
C TYR D 369 -26.64 7.71 -16.78
N GLU D 370 -26.34 6.69 -15.98
CA GLU D 370 -25.21 5.87 -16.29
C GLU D 370 -25.25 4.60 -15.49
N HIS D 371 -25.04 3.47 -16.18
CA HIS D 371 -24.80 2.18 -15.53
C HIS D 371 -23.33 2.08 -15.24
N GLY D 372 -22.96 1.31 -14.24
CA GLY D 372 -21.58 1.16 -13.95
C GLY D 372 -20.95 0.11 -14.87
N PRO D 373 -19.61 -0.02 -14.81
CA PRO D 373 -18.87 -0.87 -15.76
C PRO D 373 -19.44 -2.29 -15.96
N LYS D 374 -19.66 -3.06 -14.90
CA LYS D 374 -20.15 -4.42 -15.06
C LYS D 374 -21.59 -4.50 -15.62
N GLY D 375 -22.42 -3.50 -15.36
CA GLY D 375 -23.78 -3.47 -15.84
C GLY D 375 -23.81 -3.03 -17.30
N ALA D 376 -23.08 -1.94 -17.62
CA ALA D 376 -22.91 -1.51 -19.01
C ALA D 376 -22.38 -2.68 -19.90
N GLN D 377 -21.42 -3.45 -19.39
CA GLN D 377 -20.84 -4.57 -20.10
C GLN D 377 -21.86 -5.69 -20.36
N MET D 378 -22.61 -6.11 -19.34
CA MET D 378 -23.69 -7.13 -19.53
C MET D 378 -24.73 -6.66 -20.55
N LEU D 379 -25.00 -5.38 -20.60
CA LEU D 379 -26.01 -4.84 -21.51
C LEU D 379 -25.55 -4.93 -22.98
N ARG D 380 -24.31 -4.46 -23.24
CA ARG D 380 -23.63 -4.53 -24.54
C ARG D 380 -23.55 -5.98 -25.02
N GLU D 381 -23.09 -6.89 -24.16
CA GLU D 381 -23.02 -8.28 -24.51
C GLU D 381 -24.39 -8.87 -24.90
N PHE D 382 -25.42 -8.59 -24.10
CA PHE D 382 -26.75 -9.03 -24.43
C PHE D 382 -27.26 -8.47 -25.79
N GLN D 383 -27.15 -7.16 -26.01
CA GLN D 383 -27.48 -6.53 -27.28
C GLN D 383 -26.69 -7.18 -28.44
N TRP D 384 -25.41 -7.46 -28.23
CA TRP D 384 -24.65 -8.20 -29.23
C TRP D 384 -25.18 -9.65 -29.49
N LEU D 385 -25.51 -10.39 -28.43
CA LEU D 385 -25.93 -11.78 -28.57
C LEU D 385 -27.25 -11.83 -29.35
N ARG D 386 -28.06 -10.80 -29.13
CA ARG D 386 -29.41 -10.73 -29.65
C ARG D 386 -29.39 -10.21 -31.10
N ALA D 387 -28.52 -9.24 -31.40
CA ALA D 387 -28.30 -8.75 -32.77
C ALA D 387 -27.73 -9.81 -33.72
N ASN D 388 -27.06 -10.84 -33.18
CA ASN D 388 -26.29 -11.78 -33.97
C ASN D 388 -26.70 -13.24 -33.78
N SER D 389 -27.92 -13.46 -33.31
CA SER D 389 -28.32 -14.83 -32.90
C SER D 389 -28.63 -15.74 -34.10
N SER D 390 -28.90 -15.16 -35.26
CA SER D 390 -29.10 -15.95 -36.49
C SER D 390 -27.88 -16.79 -36.92
N VAL D 391 -26.67 -16.45 -36.48
CA VAL D 391 -25.50 -17.26 -36.80
C VAL D 391 -25.63 -18.69 -36.20
N VAL D 392 -26.48 -18.85 -35.18
CA VAL D 392 -26.61 -20.13 -34.47
C VAL D 392 -27.07 -21.30 -35.36
N ILE D 404 -19.81 -17.80 -35.24
CA ILE D 404 -20.50 -18.91 -34.59
C ILE D 404 -19.80 -19.43 -33.34
N GLU D 405 -18.50 -19.75 -33.46
CA GLU D 405 -17.70 -20.12 -32.30
C GLU D 405 -17.66 -18.91 -31.36
N GLU D 406 -17.64 -17.71 -31.94
CA GLU D 406 -17.67 -16.47 -31.20
C GLU D 406 -19.02 -16.23 -30.49
N TRP D 407 -20.16 -16.53 -31.14
CA TRP D 407 -21.46 -16.46 -30.48
C TRP D 407 -21.53 -17.41 -29.31
N ARG D 408 -21.08 -18.67 -29.45
CA ARG D 408 -21.25 -19.65 -28.38
C ARG D 408 -20.37 -19.36 -27.16
N SER D 409 -19.19 -18.82 -27.46
CA SER D 409 -18.23 -18.44 -26.44
C SER D 409 -18.78 -17.22 -25.68
N ARG D 410 -19.23 -16.21 -26.41
CA ARG D 410 -19.84 -15.07 -25.82
C ARG D 410 -21.15 -15.40 -25.01
N ALA D 411 -21.99 -16.31 -25.52
CA ALA D 411 -23.18 -16.76 -24.80
C ALA D 411 -22.81 -17.40 -23.46
N ALA D 412 -21.85 -18.35 -23.48
CA ALA D 412 -21.44 -19.06 -22.27
C ALA D 412 -20.84 -18.11 -21.23
N LYS D 413 -20.13 -17.10 -21.69
CA LYS D 413 -19.53 -16.13 -20.78
C LYS D 413 -20.63 -15.23 -20.16
N PHE D 414 -21.57 -14.78 -20.98
CA PHE D 414 -22.72 -14.01 -20.51
C PHE D 414 -23.54 -14.75 -19.46
N GLU D 415 -23.78 -16.03 -19.70
CA GLU D 415 -24.54 -16.85 -18.75
C GLU D 415 -23.85 -16.96 -17.41
N GLU D 416 -22.53 -16.88 -17.42
CA GLU D 416 -21.70 -16.93 -16.22
C GLU D 416 -21.78 -15.60 -15.46
N MET D 417 -21.79 -14.49 -16.20
CA MET D 417 -22.02 -13.18 -15.66
C MET D 417 -23.38 -13.16 -14.95
N CYS D 418 -24.45 -13.64 -15.61
CA CYS D 418 -25.79 -13.80 -14.98
C CYS D 418 -25.69 -14.58 -13.68
N GLY D 419 -24.86 -15.64 -13.69
CA GLY D 419 -24.66 -16.51 -12.51
C GLY D 419 -24.09 -15.72 -11.33
N LEU D 420 -23.35 -14.65 -11.64
CA LEU D 420 -22.75 -13.78 -10.63
C LEU D 420 -23.86 -12.91 -9.99
N VAL D 421 -24.83 -12.49 -10.82
CA VAL D 421 -26.01 -11.75 -10.28
C VAL D 421 -26.78 -12.62 -9.27
N MET D 422 -27.11 -13.84 -9.67
CA MET D 422 -27.78 -14.81 -8.86
C MET D 422 -27.00 -15.09 -7.57
N GLY D 423 -25.65 -15.18 -7.63
CA GLY D 423 -24.86 -15.45 -6.40
C GLY D 423 -24.79 -14.23 -5.45
N MET D 424 -24.65 -13.05 -6.01
CA MET D 424 -24.78 -11.79 -5.27
C MET D 424 -26.16 -11.76 -4.52
N PHE D 425 -27.25 -12.13 -5.23
CA PHE D 425 -28.57 -12.18 -4.59
C PHE D 425 -28.60 -13.18 -3.42
N THR D 426 -28.11 -14.41 -3.63
CA THR D 426 -28.27 -15.47 -2.61
C THR D 426 -27.37 -15.18 -1.43
N ARG D 427 -26.22 -14.55 -1.66
CA ARG D 427 -25.31 -14.20 -0.52
C ARG D 427 -25.90 -12.99 0.26
N LEU D 428 -26.46 -11.99 -0.44
CA LEU D 428 -27.17 -10.92 0.29
C LEU D 428 -28.29 -11.45 1.12
N SER D 429 -29.02 -12.38 0.55
CA SER D 429 -30.21 -12.89 1.22
C SER D 429 -29.83 -13.73 2.46
N ASN D 430 -28.54 -14.16 2.53
CA ASN D 430 -28.08 -14.96 3.66
C ASN D 430 -27.32 -14.17 4.69
N CYS D 431 -27.14 -12.86 4.47
CA CYS D 431 -26.26 -12.10 5.32
C CYS D 431 -26.88 -11.77 6.66
N ALA D 432 -26.00 -11.45 7.62
CA ALA D 432 -26.44 -11.24 8.98
C ALA D 432 -27.06 -9.84 9.18
N ASN D 433 -26.70 -8.85 8.35
CA ASN D 433 -27.28 -7.53 8.52
C ASN D 433 -28.68 -7.50 7.82
N ARG D 434 -29.72 -7.76 8.61
CA ARG D 434 -31.04 -7.98 8.07
C ARG D 434 -31.61 -6.64 7.67
N THR D 435 -31.22 -5.60 8.39
CA THR D 435 -31.68 -4.25 8.15
C THR D 435 -31.29 -3.75 6.75
N ILE D 436 -30.05 -4.04 6.34
CA ILE D 436 -29.57 -3.62 5.04
C ILE D 436 -30.29 -4.47 4.00
N LEU D 437 -30.38 -5.79 4.25
CA LEU D 437 -31.05 -6.68 3.33
C LEU D 437 -32.53 -6.18 2.98
N TYR D 438 -33.29 -5.85 4.02
CA TYR D 438 -34.72 -5.52 3.82
C TYR D 438 -34.83 -4.23 3.05
N ASP D 439 -33.94 -3.23 3.27
CA ASP D 439 -33.98 -2.00 2.50
C ASP D 439 -33.67 -2.23 1.04
N MET D 440 -32.80 -3.22 0.71
CA MET D 440 -32.40 -3.41 -0.67
C MET D 440 -33.23 -4.45 -1.41
N TYR D 441 -34.00 -5.21 -0.65
CA TYR D 441 -34.51 -6.52 -1.09
C TYR D 441 -35.22 -6.46 -2.44
N SER D 442 -36.13 -5.50 -2.57
CA SER D 442 -36.95 -5.54 -3.72
C SER D 442 -36.15 -5.21 -5.03
N TYR D 443 -35.11 -4.38 -4.90
CA TYR D 443 -34.17 -4.08 -6.00
C TYR D 443 -33.34 -5.33 -6.38
N VAL D 444 -32.77 -5.99 -5.40
CA VAL D 444 -32.01 -7.21 -5.67
C VAL D 444 -32.84 -8.35 -6.19
N TRP D 445 -34.06 -8.52 -5.66
CA TRP D 445 -34.95 -9.51 -6.19
C TRP D 445 -35.28 -9.16 -7.63
N ASP D 446 -35.65 -7.90 -7.88
CA ASP D 446 -36.00 -7.53 -9.25
C ASP D 446 -34.86 -7.84 -10.29
N ILE D 447 -33.63 -7.43 -10.00
CA ILE D 447 -32.55 -7.59 -10.98
C ILE D 447 -32.20 -9.10 -11.17
N LYS D 448 -32.25 -9.88 -10.09
CA LYS D 448 -32.01 -11.32 -10.11
C LYS D 448 -33.11 -12.01 -11.01
N SER D 449 -34.37 -11.62 -10.87
CA SER D 449 -35.50 -12.22 -11.63
C SER D 449 -35.28 -11.89 -13.06
N ILE D 450 -35.05 -10.61 -13.37
CA ILE D 450 -34.82 -10.22 -14.76
C ILE D 450 -33.58 -10.90 -15.37
N MET D 451 -32.46 -10.92 -14.67
CA MET D 451 -31.28 -11.52 -15.24
C MET D 451 -31.49 -13.04 -15.40
N SER D 452 -32.32 -13.62 -14.57
CA SER D 452 -32.60 -15.02 -14.69
C SER D 452 -33.39 -15.26 -16.01
N MET D 453 -34.29 -14.34 -16.32
CA MET D 453 -35.07 -14.46 -17.55
C MET D 453 -34.22 -14.18 -18.83
N VAL D 454 -33.31 -13.24 -18.73
CA VAL D 454 -32.40 -12.89 -19.80
C VAL D 454 -31.49 -14.12 -20.11
N LYS D 455 -30.94 -14.72 -19.07
CA LYS D 455 -30.07 -15.87 -19.20
C LYS D 455 -30.82 -17.03 -19.91
N SER D 456 -32.06 -17.28 -19.49
CA SER D 456 -32.89 -18.27 -20.03
C SER D 456 -33.22 -17.94 -21.52
N PHE D 457 -33.35 -16.66 -21.84
CA PHE D 457 -33.49 -16.24 -23.24
C PHE D 457 -32.22 -16.46 -24.14
N VAL D 458 -31.05 -16.17 -23.62
CA VAL D 458 -29.81 -16.43 -24.32
C VAL D 458 -29.73 -17.94 -24.61
N GLN D 459 -30.03 -18.77 -23.61
CA GLN D 459 -29.97 -20.19 -23.76
C GLN D 459 -30.93 -20.66 -24.84
N TRP D 460 -32.14 -20.12 -24.81
CA TRP D 460 -33.13 -20.47 -25.79
C TRP D 460 -32.63 -20.12 -27.20
N LEU D 461 -31.95 -18.98 -27.32
CA LEU D 461 -31.39 -18.56 -28.60
C LEU D 461 -30.33 -19.58 -29.07
N GLY D 462 -29.50 -20.04 -28.14
CA GLY D 462 -28.50 -21.08 -28.37
C GLY D 462 -29.09 -22.39 -28.81
N CYS D 463 -30.33 -22.65 -28.36
CA CYS D 463 -31.03 -23.88 -28.68
C CYS D 463 -31.78 -23.86 -30.07
N ARG D 464 -31.71 -22.75 -30.78
CA ARG D 464 -32.49 -22.61 -32.00
C ARG D 464 -31.96 -23.56 -33.15
N SER D 465 -30.70 -23.97 -33.06
CA SER D 465 -30.10 -24.99 -33.91
C SER D 465 -30.67 -26.41 -33.62
N HIS D 466 -31.44 -26.64 -32.56
CA HIS D 466 -32.04 -27.93 -32.39
C HIS D 466 -33.50 -27.90 -31.97
N SER D 467 -34.07 -26.70 -31.91
CA SER D 467 -35.41 -26.66 -31.41
C SER D 467 -36.12 -25.54 -32.08
N SER D 468 -37.36 -25.81 -32.45
CA SER D 468 -38.20 -24.77 -32.99
C SER D 468 -39.26 -24.33 -32.00
N ALA D 469 -39.24 -24.88 -30.77
CA ALA D 469 -40.20 -24.47 -29.70
C ALA D 469 -40.11 -22.95 -29.40
N GLN D 470 -41.24 -22.35 -29.03
CA GLN D 470 -41.27 -20.92 -28.68
C GLN D 470 -40.64 -20.70 -27.29
N PHE D 471 -40.27 -19.45 -26.97
CA PHE D 471 -39.66 -19.11 -25.68
C PHE D 471 -40.54 -19.49 -24.52
N LEU D 472 -41.81 -19.04 -24.51
CA LEU D 472 -42.78 -19.51 -23.46
C LEU D 472 -43.75 -20.63 -23.96
N ILE D 473 -43.64 -21.80 -23.32
CA ILE D 473 -44.45 -22.95 -23.67
C ILE D 473 -45.69 -22.95 -22.79
N GLY D 474 -46.80 -22.50 -23.36
CA GLY D 474 -48.12 -22.68 -22.74
C GLY D 474 -48.31 -21.82 -21.51
N ASP D 475 -49.10 -22.33 -20.57
CA ASP D 475 -49.59 -21.53 -19.42
C ASP D 475 -48.48 -21.06 -18.47
N GLN D 476 -48.48 -19.78 -18.16
CA GLN D 476 -47.39 -19.23 -17.35
C GLN D 476 -47.87 -18.74 -15.96
N GLU D 477 -46.97 -18.80 -14.96
CA GLU D 477 -47.17 -18.03 -13.74
C GLU D 477 -47.20 -16.51 -14.07
N PRO D 478 -47.87 -15.68 -13.23
CA PRO D 478 -48.00 -14.27 -13.61
C PRO D 478 -46.67 -13.59 -13.81
N TRP D 479 -45.64 -14.01 -13.08
CA TRP D 479 -44.34 -13.34 -13.18
C TRP D 479 -43.56 -13.56 -14.48
N ALA D 480 -44.04 -14.40 -15.38
CA ALA D 480 -43.51 -14.43 -16.75
C ALA D 480 -43.81 -13.14 -17.51
N PHE D 481 -44.84 -12.39 -17.12
CA PHE D 481 -45.24 -11.13 -17.80
C PHE D 481 -45.25 -10.01 -16.79
N ARG D 482 -44.23 -9.14 -16.84
CA ARG D 482 -43.99 -8.19 -15.81
C ARG D 482 -44.67 -6.85 -15.99
N GLY D 483 -45.03 -6.19 -14.85
CA GLY D 483 -45.39 -4.80 -14.87
C GLY D 483 -46.84 -4.53 -14.58
N GLY D 484 -47.70 -5.52 -14.70
CA GLY D 484 -49.15 -5.25 -14.51
C GLY D 484 -49.64 -4.06 -15.40
N LEU D 485 -50.69 -3.37 -14.97
CA LEU D 485 -51.41 -2.39 -15.78
C LEU D 485 -50.50 -1.23 -16.13
N ALA D 486 -49.79 -0.73 -15.13
CA ALA D 486 -48.81 0.29 -15.34
C ALA D 486 -47.84 -0.02 -16.45
N GLY D 487 -47.32 -1.25 -16.46
CA GLY D 487 -46.31 -1.72 -17.50
C GLY D 487 -46.99 -1.76 -18.89
N GLU D 488 -48.30 -2.07 -18.94
CA GLU D 488 -49.04 -2.01 -20.20
C GLU D 488 -49.18 -0.60 -20.75
N PHE D 489 -49.37 0.39 -19.87
CA PHE D 489 -49.46 1.77 -20.32
C PHE D 489 -48.07 2.22 -20.77
N GLN D 490 -47.05 1.88 -19.99
CA GLN D 490 -45.69 2.26 -20.29
C GLN D 490 -45.23 1.68 -21.64
N ARG D 491 -45.54 0.41 -21.90
CA ARG D 491 -45.21 -0.19 -23.20
C ARG D 491 -45.93 0.42 -24.39
N LEU D 492 -47.07 1.08 -24.20
CA LEU D 492 -47.70 1.87 -25.29
C LEU D 492 -47.12 3.28 -25.48
N LEU D 493 -46.11 3.67 -24.70
CA LEU D 493 -45.40 4.89 -24.95
C LEU D 493 -44.11 4.58 -25.70
N PRO D 494 -43.65 5.53 -26.57
CA PRO D 494 -42.39 5.40 -27.37
C PRO D 494 -41.09 5.13 -26.58
N TRP E 3 49.50 -21.22 0.46
CA TRP E 3 48.23 -20.50 0.06
C TRP E 3 48.22 -19.12 0.65
N VAL E 4 47.96 -18.16 -0.22
CA VAL E 4 47.92 -16.76 0.18
C VAL E 4 46.49 -16.18 0.16
N ASP E 5 45.52 -16.97 -0.29
CA ASP E 5 44.10 -16.55 -0.33
C ASP E 5 43.32 -17.83 -0.56
N SER E 6 42.03 -17.72 -0.79
CA SER E 6 41.21 -18.91 -1.04
C SER E 6 41.23 -19.40 -2.49
N THR E 7 42.43 -19.62 -3.02
CA THR E 7 42.68 -20.12 -4.43
C THR E 7 43.82 -21.10 -4.31
N PRO E 8 43.67 -22.31 -4.91
CA PRO E 8 44.81 -23.26 -4.88
C PRO E 8 45.97 -22.59 -5.62
N PRO E 9 47.18 -22.61 -5.02
CA PRO E 9 48.41 -22.30 -5.76
C PRO E 9 48.62 -23.27 -6.96
N TRP F 3 -33.00 -22.89 -5.00
CA TRP F 3 -34.35 -22.20 -5.36
C TRP F 3 -34.36 -20.83 -4.73
N VAL F 4 -34.67 -19.85 -5.55
CA VAL F 4 -34.68 -18.47 -5.06
C VAL F 4 -36.09 -17.86 -5.19
N ASP F 5 -37.08 -18.69 -5.54
CA ASP F 5 -38.49 -18.23 -5.69
C ASP F 5 -39.33 -19.47 -5.93
N SER F 6 -40.59 -19.29 -6.26
CA SER F 6 -41.46 -20.45 -6.49
C SER F 6 -41.47 -20.94 -7.94
N THR F 7 -40.28 -21.17 -8.46
CA THR F 7 -39.96 -21.64 -9.87
C THR F 7 -38.79 -22.63 -9.76
N PRO F 8 -38.93 -23.86 -10.32
CA PRO F 8 -37.78 -24.78 -10.25
C PRO F 8 -36.59 -24.15 -10.99
N PRO F 9 -35.38 -24.18 -10.39
CA PRO F 9 -34.13 -23.77 -11.07
C PRO F 9 -33.92 -24.58 -12.42
N PRO F 10 -33.33 -23.97 -13.48
CA PRO F 10 -33.23 -24.64 -14.81
C PRO F 10 -32.37 -25.92 -14.84
N TRP G 3 35.30 21.93 -7.92
CA TRP G 3 36.65 22.52 -7.54
C TRP G 3 36.84 22.49 -5.99
N VAL G 4 36.49 21.37 -5.40
CA VAL G 4 36.56 21.13 -3.96
C VAL G 4 37.12 19.72 -3.88
N ASP G 5 37.30 19.26 -2.66
CA ASP G 5 37.81 17.89 -2.39
C ASP G 5 39.19 17.73 -3.04
N SER G 6 40.00 18.78 -3.06
CA SER G 6 41.32 18.72 -3.76
C SER G 6 41.26 18.16 -5.22
N THR G 7 40.13 18.33 -5.91
CA THR G 7 39.93 17.71 -7.25
C THR G 7 39.45 18.81 -8.21
N PRO G 8 40.40 19.41 -9.00
CA PRO G 8 39.95 20.33 -10.09
C PRO G 8 39.41 19.46 -11.24
N PRO G 9 38.55 20.01 -12.15
CA PRO G 9 38.23 19.34 -13.44
C PRO G 9 39.52 18.91 -14.21
N PRO G 10 39.42 17.95 -15.15
CA PRO G 10 40.63 17.64 -15.99
C PRO G 10 41.16 18.88 -16.78
N GLY G 11 42.47 18.97 -16.97
CA GLY G 11 43.13 20.08 -17.66
C GLY G 11 43.10 19.93 -19.19
N TRP H 3 -46.68 20.46 -13.21
CA TRP H 3 -45.32 21.01 -12.76
C TRP H 3 -45.18 20.99 -11.21
N VAL H 4 -45.54 19.85 -10.64
CA VAL H 4 -45.43 19.58 -9.20
C VAL H 4 -44.87 18.17 -9.15
N ASP H 5 -44.65 17.70 -7.93
CA ASP H 5 -44.11 16.36 -7.67
C ASP H 5 -42.79 16.17 -8.35
N SER H 6 -42.00 17.24 -8.45
CA SER H 6 -40.64 17.15 -9.00
C SER H 6 -40.68 16.62 -10.49
N THR H 7 -41.82 16.82 -11.17
CA THR H 7 -42.03 16.24 -12.51
C THR H 7 -42.46 17.35 -13.50
N PRO H 8 -41.53 17.83 -14.35
CA PRO H 8 -41.96 18.77 -15.41
C PRO H 8 -42.55 17.94 -16.57
N PRO H 9 -43.37 18.56 -17.45
CA PRO H 9 -43.79 17.83 -18.66
C PRO H 9 -42.58 17.37 -19.44
N PRO H 10 -42.77 16.40 -20.33
CA PRO H 10 -41.68 16.15 -21.31
C PRO H 10 -41.42 17.42 -22.24
C1 NAG I . 38.66 -18.01 1.47
C2 NAG I . 38.92 -18.02 3.15
C3 NAG I . 38.24 -16.76 3.81
C4 NAG I . 38.30 -15.50 2.94
C5 NAG I . 37.34 -15.88 1.75
C6 NAG I . 36.97 -14.62 0.86
C7 NAG I . 37.19 -19.73 3.69
C8 NAG I . 36.70 -21.07 4.41
N2 NAG I . 38.46 -19.24 3.79
O3 NAG I . 39.08 -16.57 5.00
O4 NAG I . 37.66 -14.39 3.66
O5 NAG I . 38.17 -16.75 0.90
O6 NAG I . 38.20 -14.10 0.23
O7 NAG I . 36.36 -19.09 3.03
C1 NAG J . -43.95 -19.60 -3.88
C2 NAG J . -43.64 -19.65 -2.31
C3 NAG J . -44.33 -18.28 -1.53
C4 NAG J . -44.21 -17.03 -2.35
C5 NAG J . -45.15 -17.37 -3.59
C6 NAG J . -45.44 -16.15 -4.51
C7 NAG J . -45.46 -21.31 -1.69
C8 NAG J . -45.91 -22.60 -0.92
N2 NAG J . -44.13 -20.87 -1.69
O3 NAG J . -43.45 -18.07 -0.39
O4 NAG J . -44.79 -15.90 -1.62
O5 NAG J . -44.36 -18.31 -4.42
O6 NAG J . -44.19 -15.55 -5.08
O7 NAG J . -46.33 -20.69 -2.35
C1 NAG K . 43.62 19.03 -1.37
C2 NAG K . 43.44 19.49 0.16
C3 NAG K . 44.14 18.34 1.15
C4 NAG K . 44.12 16.97 0.48
C5 NAG K . 45.20 17.16 -0.67
C6 NAG K . 45.47 15.81 -1.46
C7 NAG K . 45.37 21.13 0.38
C8 NAG K . 45.86 22.53 0.88
N2 NAG K . 44.02 20.74 0.47
O3 NAG K . 43.12 18.33 2.16
O4 NAG K . 44.71 16.03 1.40
O5 NAG K . 44.71 18.22 -1.63
O6 NAG K . 44.15 15.19 -1.83
O7 NAG K . 46.19 20.38 -0.13
C1 NAG L . -38.01 17.49 -6.73
C2 NAG L . -38.33 17.94 -5.18
C3 NAG L . -37.69 16.74 -4.21
C4 NAG L . -37.77 15.32 -4.91
C5 NAG L . -36.65 15.47 -5.94
C6 NAG L . -36.43 14.10 -6.77
C7 NAG L . -36.43 19.62 -5.00
C8 NAG L . -35.98 20.99 -4.51
N2 NAG L . -37.76 19.24 -4.86
O3 NAG L . -38.66 16.70 -3.15
O4 NAG L . -37.28 14.31 -3.97
O5 NAG L . -37.14 16.39 -6.97
O6 NAG L . -37.77 13.62 -7.18
O7 NAG L . -35.55 18.85 -5.48
#